data_7TDL
#
_entry.id   7TDL
#
_cell.length_a   61.250
_cell.length_b   82.870
_cell.length_c   94.330
_cell.angle_alpha   113.160
_cell.angle_beta   96.540
_cell.angle_gamma   102.210
#
_symmetry.space_group_name_H-M   'P 1'
#
loop_
_entity.id
_entity.type
_entity.pdbx_description
1 polymer 'Tyrosine phenol-lyase'
2 non-polymer 'POTASSIUM ION'
3 non-polymer (4Z)-4-({[(1E)-2-(3-bromophenyl)-1-carboxyethylidene]azaniumyl}methylidene)-2-methyl-5-[(phosphonooxy)methyl]-1,4-dihydropyridin-3-olate
4 non-polymer 'DIMETHYL SULFOXIDE'
5 non-polymer 'CHLORIDE ION'
6 non-polymer "PYRIDOXAL-5'-PHOSPHATE"
7 water water
#
_entity_poly.entity_id   1
_entity_poly.type   'polypeptide(L)'
_entity_poly.pdbx_seq_one_letter_code
;MNYPAEPFRIKSVETVSMIPRDERLKKMQEAGYNTFLLNSKDIYIDLLTDSGTNAMSDKQWAGMMMGDEAYAGSENFYHL
ERTVQELFGFKHIVPTHQGRGAENLLSQLAIKPGQYVAGNMYFTTTRYHQEKNGAVFVDIVRDEAHDAGLNIAFKGDIDL
KKLQKLIDEKGAENIAYICLAVTVNLAGGQPVSMANMRAVRELTAAHGIKVFYDATRCVENAYFIKEQEQGFENKSIAEI
VHEMFSYADGCTMSGKKDCLVNIGGFLCMNDDEMFSSAKELVVVYEGMPSYGGLAGRDMEAMAIGLREAMQYEYIEHRVK
QVRYLGDKLKAAGVPIVEPVGGHAVFLDARRFCEHLTQDEFPAQSLAASIYVETGVRSAERGIISAGRNNVTGEHHRPKL
ETVRLTIPRRVYTYAHMDVVADGIIKLYQHKEDIRGLKFIYEPKQLRFFTARFDYI
;
_entity_poly.pdbx_strand_id   A,B,C,D
#
loop_
_chem_comp.id
_chem_comp.type
_chem_comp.name
_chem_comp.formula
CL non-polymer 'CHLORIDE ION' 'Cl -1'
DMS non-polymer 'DIMETHYL SULFOXIDE' 'C2 H6 O S'
K non-polymer 'POTASSIUM ION' 'K 1'
OY3 non-polymer (4Z)-4-({[(1E)-2-(3-bromophenyl)-1-carboxyethylidene]azaniumyl}methylidene)-2-methyl-5-[(phosphonooxy)methyl]-1,4-dihydropyridin-3-olate 'C17 H18 Br N2 O7 P'
PLP non-polymer PYRIDOXAL-5'-PHOSPHATE 'C8 H10 N O6 P'
#
# COMPACT_ATOMS: atom_id res chain seq x y z
N MET A 1 -9.71 11.50 36.81
CA MET A 1 -8.36 11.93 36.32
C MET A 1 -7.69 10.72 35.67
N ASN A 2 -8.47 10.01 34.88
CA ASN A 2 -7.96 8.90 34.09
C ASN A 2 -7.68 9.41 32.69
N TYR A 3 -6.42 9.28 32.26
CA TYR A 3 -6.06 9.51 30.86
C TYR A 3 -5.32 8.22 30.44
N PRO A 4 -6.04 7.29 29.84
CA PRO A 4 -5.40 6.04 29.38
C PRO A 4 -4.38 6.28 28.28
N ALA A 5 -3.37 5.41 28.28
CA ALA A 5 -2.45 5.36 27.13
C ALA A 5 -3.18 4.97 25.87
N GLU A 6 -2.57 5.33 24.74
CA GLU A 6 -3.19 4.98 23.47
C GLU A 6 -3.33 3.49 23.40
N PRO A 7 -4.48 2.99 23.01
CA PRO A 7 -4.68 1.52 22.87
C PRO A 7 -4.29 0.99 21.50
N PHE A 8 -3.25 1.63 20.99
CA PHE A 8 -2.66 1.31 19.70
C PHE A 8 -1.26 1.88 19.71
N ARG A 9 -0.43 1.42 18.80
CA ARG A 9 0.83 2.06 18.53
C ARG A 9 0.86 2.41 17.04
N ILE A 10 1.86 3.22 16.72
CA ILE A 10 1.98 3.89 15.46
C ILE A 10 2.52 2.86 14.46
N LYS A 11 1.75 2.61 13.41
CA LYS A 11 2.22 1.72 12.31
C LYS A 11 2.97 2.52 11.26
N SER A 12 2.45 3.70 10.93
CA SER A 12 3.16 4.58 10.01
C SER A 12 2.88 6.03 10.38
N VAL A 13 3.80 6.92 9.99
CA VAL A 13 3.67 8.33 10.35
C VAL A 13 3.37 9.14 9.10
N GLU A 14 2.80 10.31 9.34
CA GLU A 14 2.61 11.32 8.33
C GLU A 14 3.61 12.45 8.52
N THR A 15 4.27 12.77 7.43
CA THR A 15 5.30 13.81 7.43
C THR A 15 4.63 15.15 7.61
N VAL A 16 5.23 16.01 8.40
CA VAL A 16 4.70 17.33 8.69
CA VAL A 16 4.69 17.32 8.73
C VAL A 16 5.83 18.33 8.67
N SER A 17 5.50 19.56 8.29
CA SER A 17 6.42 20.69 8.44
C SER A 17 6.02 21.44 9.70
N MET A 18 7.03 21.91 10.41
CA MET A 18 6.85 22.69 11.63
C MET A 18 7.53 24.01 11.35
N ILE A 19 6.84 24.88 10.62
CA ILE A 19 7.43 26.17 10.25
C ILE A 19 7.43 27.06 11.49
N PRO A 20 8.46 27.90 11.67
CA PRO A 20 8.55 28.71 12.90
C PRO A 20 7.56 29.86 12.88
N ARG A 21 7.48 30.54 14.03
CA ARG A 21 6.47 31.58 14.23
C ARG A 21 6.49 32.63 13.15
N ASP A 22 7.69 33.10 12.78
CA ASP A 22 7.76 34.22 11.83
C ASP A 22 7.16 33.83 10.48
N GLU A 23 7.36 32.57 10.07
CA GLU A 23 6.77 32.11 8.82
C GLU A 23 5.28 31.86 8.98
N ARG A 24 4.84 31.39 10.14
CA ARG A 24 3.40 31.27 10.38
C ARG A 24 2.70 32.62 10.31
N LEU A 25 3.34 33.68 10.81
CA LEU A 25 2.70 34.99 10.69
C LEU A 25 2.54 35.35 9.21
N LYS A 26 3.62 35.20 8.44
CA LYS A 26 3.56 35.40 6.99
C LYS A 26 2.42 34.60 6.38
N LYS A 27 2.34 33.31 6.69
CA LYS A 27 1.29 32.48 6.13
C LYS A 27 -0.08 32.96 6.60
N MET A 28 -0.22 33.31 7.89
CA MET A 28 -1.51 33.74 8.38
C MET A 28 -1.96 34.99 7.68
N GLN A 29 -1.02 35.93 7.44
CA GLN A 29 -1.34 37.13 6.68
C GLN A 29 -1.81 36.77 5.27
N GLU A 30 -0.99 36.01 4.53
CA GLU A 30 -1.40 35.60 3.19
C GLU A 30 -2.78 34.94 3.18
N ALA A 31 -3.18 34.35 4.30
CA ALA A 31 -4.47 33.68 4.42
C ALA A 31 -5.60 34.62 4.85
N GLY A 32 -5.31 35.92 4.95
CA GLY A 32 -6.30 36.88 5.37
C GLY A 32 -6.79 36.66 6.79
N TYR A 33 -5.93 36.12 7.67
CA TYR A 33 -6.29 35.81 9.04
C TYR A 33 -7.49 34.87 9.12
N ASN A 34 -7.77 34.11 8.06
CA ASN A 34 -8.77 33.05 8.08
C ASN A 34 -8.05 31.71 8.04
N THR A 35 -8.21 30.92 9.10
CA THR A 35 -7.53 29.62 9.13
C THR A 35 -8.03 28.67 8.05
N PHE A 36 -9.23 28.89 7.52
CA PHE A 36 -9.72 28.01 6.46
C PHE A 36 -8.95 28.19 5.17
N LEU A 37 -8.18 29.27 5.04
CA LEU A 37 -7.37 29.56 3.86
C LEU A 37 -5.92 29.13 4.02
N LEU A 38 -5.53 28.64 5.18
CA LEU A 38 -4.18 28.11 5.36
C LEU A 38 -4.01 26.83 4.54
N ASN A 39 -2.78 26.61 4.05
CA ASN A 39 -2.41 25.37 3.37
C ASN A 39 -2.05 24.29 4.38
N SER A 40 -2.44 23.06 4.07
CA SER A 40 -2.13 21.94 4.96
C SER A 40 -0.61 21.83 5.21
N LYS A 41 0.17 22.00 4.16
CA LYS A 41 1.62 21.84 4.32
C LYS A 41 2.25 22.79 5.33
N ASP A 42 1.58 23.89 5.69
CA ASP A 42 2.11 24.87 6.64
C ASP A 42 1.62 24.65 8.07
N ILE A 43 0.91 23.56 8.34
CA ILE A 43 0.28 23.34 9.64
C ILE A 43 0.90 22.12 10.30
N TYR A 44 1.28 22.29 11.58
CA TYR A 44 1.78 21.15 12.37
C TYR A 44 0.65 20.27 12.89
N ILE A 45 -0.27 20.87 13.67
CA ILE A 45 -1.38 20.17 14.30
C ILE A 45 -2.65 20.80 13.73
N ASP A 46 -3.41 20.01 12.94
CA ASP A 46 -4.54 20.52 12.16
C ASP A 46 -5.80 20.05 12.87
N LEU A 47 -6.36 20.98 13.68
CA LEU A 47 -7.60 20.74 14.42
C LEU A 47 -8.80 21.48 13.80
N LEU A 48 -8.78 21.65 12.48
CA LEU A 48 -9.87 22.33 11.81
C LEU A 48 -11.13 21.49 11.91
N THR A 49 -11.00 20.19 11.79
CA THR A 49 -12.14 19.29 11.84
C THR A 49 -11.67 17.89 12.15
N ASP A 50 -12.57 17.13 12.75
CA ASP A 50 -12.46 15.70 12.88
C ASP A 50 -13.08 14.97 11.67
N SER A 51 -13.42 15.69 10.62
CA SER A 51 -14.15 15.13 9.49
C SER A 51 -13.19 14.65 8.40
N GLY A 52 -13.06 13.37 8.26
CA GLY A 52 -12.25 12.80 7.16
C GLY A 52 -10.77 12.88 7.36
N THR A 53 -10.32 13.14 8.59
CA THR A 53 -8.95 13.40 8.93
C THR A 53 -8.37 12.28 9.79
N ASN A 54 -9.14 11.23 10.04
CA ASN A 54 -8.79 10.14 10.94
C ASN A 54 -7.62 9.33 10.41
N ALA A 55 -6.93 8.69 11.31
CA ALA A 55 -5.90 7.71 10.88
C ALA A 55 -6.54 6.34 10.83
N MET A 56 -6.28 5.59 9.73
CA MET A 56 -6.86 4.29 9.64
C MET A 56 -5.90 3.24 10.23
N SER A 57 -6.39 2.05 10.47
CA SER A 57 -5.61 0.96 11.03
C SER A 57 -4.89 0.18 9.90
N ASP A 58 -3.96 -0.69 10.33
CA ASP A 58 -3.40 -1.67 9.36
C ASP A 58 -4.49 -2.52 8.73
N LYS A 59 -5.47 -2.92 9.49
CA LYS A 59 -6.57 -3.72 8.94
C LYS A 59 -7.36 -2.95 7.88
N GLN A 60 -7.59 -1.65 8.11
CA GLN A 60 -8.28 -0.85 7.10
C GLN A 60 -7.41 -0.73 5.84
N TRP A 61 -6.09 -0.50 6.04
CA TRP A 61 -5.23 -0.38 4.87
C TRP A 61 -5.12 -1.69 4.12
N ALA A 62 -5.18 -2.82 4.79
CA ALA A 62 -5.30 -4.10 4.07
C ALA A 62 -6.60 -4.17 3.26
N GLY A 63 -7.70 -3.71 3.83
CA GLY A 63 -8.93 -3.51 3.06
C GLY A 63 -8.79 -2.62 1.85
N MET A 64 -7.92 -1.60 1.93
CA MET A 64 -7.72 -0.71 0.81
C MET A 64 -7.08 -1.39 -0.37
N MET A 65 -6.27 -2.42 -0.15
CA MET A 65 -5.67 -3.24 -1.21
C MET A 65 -6.66 -4.27 -1.75
N MET A 66 -7.81 -4.41 -1.17
CA MET A 66 -8.82 -5.39 -1.58
C MET A 66 -10.05 -4.70 -2.18
N GLY A 67 -9.85 -3.57 -2.85
CA GLY A 67 -10.96 -2.89 -3.50
C GLY A 67 -11.45 -3.74 -4.68
N ASP A 68 -12.71 -4.20 -4.61
CA ASP A 68 -13.47 -4.78 -5.72
C ASP A 68 -14.24 -3.59 -6.33
N GLU A 69 -13.75 -3.10 -7.46
CA GLU A 69 -14.17 -1.83 -8.05
C GLU A 69 -15.32 -2.00 -9.03
N ALA A 70 -15.97 -3.16 -9.01
CA ALA A 70 -17.14 -3.46 -9.84
C ALA A 70 -18.25 -2.45 -9.64
N TYR A 71 -18.93 -2.10 -10.73
CA TYR A 71 -19.99 -1.09 -10.71
C TYR A 71 -21.22 -1.56 -9.93
N ALA A 72 -21.47 -2.86 -9.93
CA ALA A 72 -22.57 -3.49 -9.22
C ALA A 72 -22.09 -4.78 -8.58
N GLY A 73 -22.58 -5.06 -7.36
CA GLY A 73 -22.29 -6.36 -6.75
C GLY A 73 -20.88 -6.54 -6.22
N SER A 74 -20.19 -5.43 -5.91
CA SER A 74 -18.89 -5.47 -5.26
C SER A 74 -18.93 -6.14 -3.89
N GLU A 75 -17.94 -7.03 -3.65
CA GLU A 75 -17.79 -7.59 -2.32
C GLU A 75 -17.72 -6.53 -1.25
N ASN A 76 -17.15 -5.35 -1.56
CA ASN A 76 -16.99 -4.35 -0.54
C ASN A 76 -18.35 -3.74 -0.21
N PHE A 77 -19.25 -3.65 -1.19
CA PHE A 77 -20.60 -3.19 -0.88
C PHE A 77 -21.30 -4.19 0.05
N TYR A 78 -21.20 -5.50 -0.26
CA TYR A 78 -21.87 -6.47 0.57
C TYR A 78 -21.28 -6.44 1.98
N HIS A 79 -19.99 -6.15 2.11
CA HIS A 79 -19.39 -6.17 3.45
C HIS A 79 -19.90 -4.96 4.23
N LEU A 80 -19.93 -3.80 3.61
CA LEU A 80 -20.53 -2.61 4.26
C LEU A 80 -22.00 -2.85 4.59
N GLU A 81 -22.75 -3.39 3.66
CA GLU A 81 -24.18 -3.60 3.89
C GLU A 81 -24.44 -4.46 5.11
N ARG A 82 -23.78 -5.62 5.18
CA ARG A 82 -24.06 -6.53 6.28
C ARG A 82 -23.56 -5.96 7.58
N THR A 83 -22.42 -5.23 7.53
CA THR A 83 -21.88 -4.63 8.74
C THR A 83 -22.85 -3.60 9.29
N VAL A 84 -23.35 -2.71 8.44
CA VAL A 84 -24.27 -1.69 8.96
C VAL A 84 -25.59 -2.33 9.40
N GLN A 85 -26.11 -3.29 8.64
CA GLN A 85 -27.32 -4.00 9.04
C GLN A 85 -27.14 -4.61 10.43
N GLU A 86 -25.99 -5.23 10.64
CA GLU A 86 -25.64 -5.88 11.91
C GLU A 86 -25.56 -4.88 13.05
N LEU A 87 -24.72 -3.84 12.86
CA LEU A 87 -24.35 -3.00 13.99
C LEU A 87 -25.40 -1.92 14.23
N PHE A 88 -26.02 -1.39 13.19
CA PHE A 88 -27.07 -0.39 13.43
C PHE A 88 -28.49 -0.98 13.45
N GLY A 89 -28.70 -2.13 12.82
CA GLY A 89 -30.00 -2.79 12.84
C GLY A 89 -31.03 -2.23 11.90
N PHE A 90 -30.66 -1.39 10.95
CA PHE A 90 -31.60 -0.98 9.91
C PHE A 90 -31.67 -2.02 8.79
N LYS A 91 -32.84 -2.09 8.19
CA LYS A 91 -33.12 -3.05 7.14
C LYS A 91 -32.31 -2.75 5.88
N HIS A 92 -32.22 -1.49 5.49
CA HIS A 92 -31.73 -1.10 4.17
C HIS A 92 -30.64 -0.03 4.31
N ILE A 93 -29.61 -0.11 3.45
CA ILE A 93 -28.53 0.85 3.46
CA ILE A 93 -28.52 0.84 3.46
C ILE A 93 -28.23 1.28 2.04
N VAL A 94 -28.06 2.58 1.85
CA VAL A 94 -27.71 3.15 0.55
C VAL A 94 -26.38 3.89 0.78
N PRO A 95 -25.27 3.49 0.17
CA PRO A 95 -24.00 4.21 0.40
C PRO A 95 -24.06 5.56 -0.26
N THR A 96 -23.33 6.53 0.33
CA THR A 96 -23.22 7.85 -0.26
C THR A 96 -21.79 8.30 -0.07
N HIS A 97 -21.35 9.28 -0.84
CA HIS A 97 -19.89 9.56 -0.74
C HIS A 97 -19.52 10.20 0.58
N GLN A 98 -20.43 10.96 1.20
CA GLN A 98 -20.26 11.39 2.59
C GLN A 98 -21.64 11.80 3.13
N GLY A 99 -21.64 12.39 4.34
CA GLY A 99 -22.90 12.62 5.05
C GLY A 99 -23.91 13.44 4.27
N ARG A 100 -23.48 14.55 3.70
CA ARG A 100 -24.45 15.43 3.07
C ARG A 100 -25.04 14.84 1.81
N GLY A 101 -24.40 13.83 1.21
CA GLY A 101 -25.10 13.14 0.16
C GLY A 101 -26.29 12.38 0.68
N ALA A 102 -26.15 11.78 1.84
CA ALA A 102 -27.26 11.04 2.40
C ALA A 102 -28.35 12.00 2.85
N GLU A 103 -27.96 13.16 3.34
CA GLU A 103 -28.93 14.18 3.76
C GLU A 103 -29.73 14.69 2.58
N ASN A 104 -29.06 14.95 1.45
CA ASN A 104 -29.77 15.27 0.20
C ASN A 104 -30.86 14.25 -0.09
N LEU A 105 -30.54 12.97 0.00
CA LEU A 105 -31.49 11.93 -0.32
C LEU A 105 -32.65 11.94 0.67
N LEU A 106 -32.34 11.94 1.95
CA LEU A 106 -33.39 11.83 2.96
C LEU A 106 -34.36 13.00 2.85
N SER A 107 -33.84 14.19 2.65
CA SER A 107 -34.72 15.35 2.65
C SER A 107 -35.62 15.41 1.42
N GLN A 108 -35.08 15.02 0.26
CA GLN A 108 -35.91 14.90 -0.94
C GLN A 108 -36.99 13.83 -0.77
N LEU A 109 -36.68 12.77 -0.02
CA LEU A 109 -37.59 11.64 0.11
C LEU A 109 -38.72 11.88 1.11
N ALA A 110 -38.45 12.59 2.21
CA ALA A 110 -39.29 12.51 3.39
C ALA A 110 -39.98 13.81 3.75
N ILE A 111 -39.75 14.87 3.00
CA ILE A 111 -40.29 16.20 3.32
C ILE A 111 -41.30 16.57 2.24
N LYS A 112 -42.45 17.06 2.67
CA LYS A 112 -43.44 17.65 1.79
C LYS A 112 -43.43 19.16 1.99
N PRO A 113 -43.58 19.93 0.92
CA PRO A 113 -43.66 21.38 1.04
C PRO A 113 -44.48 21.88 2.25
N GLY A 114 -43.84 22.64 3.13
CA GLY A 114 -44.53 23.25 4.24
C GLY A 114 -44.50 22.47 5.54
N GLN A 115 -43.95 21.26 5.52
CA GLN A 115 -43.89 20.48 6.75
C GLN A 115 -42.74 21.00 7.62
N TYR A 116 -42.79 20.60 8.89
CA TYR A 116 -41.75 20.95 9.84
C TYR A 116 -40.82 19.76 10.03
N VAL A 117 -39.56 20.07 10.25
CA VAL A 117 -38.55 19.10 10.70
C VAL A 117 -37.98 19.68 11.97
N ALA A 118 -38.21 18.99 13.08
CA ALA A 118 -37.75 19.45 14.38
C ALA A 118 -36.57 18.62 14.83
N GLY A 119 -35.58 19.29 15.43
CA GLY A 119 -34.40 18.58 15.90
C GLY A 119 -33.75 19.25 17.09
N ASN A 120 -32.80 18.52 17.66
CA ASN A 120 -32.02 18.99 18.80
C ASN A 120 -30.88 19.84 18.25
N MET A 121 -31.20 21.12 18.01
CA MET A 121 -30.34 22.02 17.28
C MET A 121 -30.20 21.49 15.85
N TYR A 122 -29.12 21.83 15.18
CA TYR A 122 -29.02 21.51 13.77
C TYR A 122 -27.56 21.51 13.36
N PHE A 123 -27.30 20.89 12.21
CA PHE A 123 -26.04 21.10 11.52
C PHE A 123 -26.27 21.75 10.16
N THR A 124 -25.27 22.54 9.74
CA THR A 124 -25.38 23.38 8.56
C THR A 124 -25.96 22.66 7.35
N THR A 125 -25.34 21.55 6.95
CA THR A 125 -25.73 20.90 5.74
C THR A 125 -27.08 20.20 5.91
N THR A 126 -27.29 19.58 7.08
CA THR A 126 -28.53 18.85 7.35
C THR A 126 -29.74 19.79 7.28
N ARG A 127 -29.64 20.92 7.94
CA ARG A 127 -30.77 21.86 7.94
C ARG A 127 -30.95 22.51 6.58
N TYR A 128 -29.84 22.80 5.89
CA TYR A 128 -29.92 23.32 4.53
C TYR A 128 -30.70 22.39 3.61
N HIS A 129 -30.38 21.09 3.62
CA HIS A 129 -31.15 20.16 2.80
C HIS A 129 -32.60 20.04 3.27
N GLN A 130 -32.86 20.16 4.56
CA GLN A 130 -34.24 20.16 5.03
C GLN A 130 -35.01 21.36 4.44
N GLU A 131 -34.45 22.57 4.56
CA GLU A 131 -35.16 23.76 4.12
C GLU A 131 -35.28 23.81 2.60
N LYS A 132 -34.19 23.44 1.90
CA LYS A 132 -34.20 23.43 0.45
C LYS A 132 -35.32 22.57 -0.11
N ASN A 133 -35.76 21.56 0.64
CA ASN A 133 -36.90 20.74 0.20
C ASN A 133 -38.22 21.16 0.83
N GLY A 134 -38.28 22.35 1.41
CA GLY A 134 -39.54 22.95 1.82
C GLY A 134 -39.89 22.81 3.28
N ALA A 135 -38.97 22.29 4.10
CA ALA A 135 -39.20 22.15 5.52
C ALA A 135 -38.99 23.48 6.21
N VAL A 136 -39.73 23.66 7.29
CA VAL A 136 -39.47 24.71 8.27
C VAL A 136 -38.77 24.08 9.46
N PHE A 137 -37.61 24.59 9.83
CA PHE A 137 -36.85 24.02 10.96
C PHE A 137 -37.39 24.54 12.30
N VAL A 138 -37.36 23.68 13.30
CA VAL A 138 -37.77 23.99 14.67
C VAL A 138 -36.78 23.33 15.62
N ASP A 139 -36.12 24.13 16.46
CA ASP A 139 -35.19 23.60 17.46
C ASP A 139 -35.97 23.18 18.70
N ILE A 140 -35.86 21.90 19.07
CA ILE A 140 -36.50 21.37 20.25
C ILE A 140 -35.49 20.83 21.25
N VAL A 141 -34.24 21.29 21.18
CA VAL A 141 -33.29 20.88 22.20
C VAL A 141 -33.68 21.52 23.54
N ARG A 142 -33.29 20.88 24.63
CA ARG A 142 -33.47 21.48 25.95
C ARG A 142 -32.76 22.83 26.03
N ASP A 143 -33.39 23.80 26.70
CA ASP A 143 -32.84 25.15 26.79
C ASP A 143 -31.41 25.17 27.32
N GLU A 144 -31.06 24.19 28.16
CA GLU A 144 -29.73 24.11 28.75
C GLU A 144 -28.63 24.04 27.70
N ALA A 145 -28.89 23.34 26.57
CA ALA A 145 -27.86 23.13 25.55
C ALA A 145 -27.17 24.44 25.14
N HIS A 146 -27.88 25.56 25.23
CA HIS A 146 -27.38 26.85 24.74
C HIS A 146 -26.56 27.62 25.78
N ASP A 147 -26.29 27.02 26.95
CA ASP A 147 -25.56 27.69 28.02
C ASP A 147 -24.20 27.04 28.11
N ALA A 148 -23.17 27.77 27.65
CA ALA A 148 -21.85 27.19 27.41
C ALA A 148 -21.23 26.61 28.68
N GLY A 149 -21.32 27.35 29.78
CA GLY A 149 -20.68 26.98 31.02
C GLY A 149 -21.50 26.05 31.86
N LEU A 150 -22.64 25.57 31.35
CA LEU A 150 -23.51 24.71 32.16
C LEU A 150 -23.06 23.28 31.98
N ASN A 151 -22.37 22.75 33.00
CA ASN A 151 -21.70 21.45 32.95
C ASN A 151 -22.68 20.39 33.43
N ILE A 152 -23.59 19.99 32.53
CA ILE A 152 -24.54 18.94 32.86
C ILE A 152 -24.46 17.84 31.83
N ALA A 153 -24.87 16.66 32.27
CA ALA A 153 -24.82 15.46 31.43
C ALA A 153 -25.92 15.47 30.38
N PHE A 154 -25.65 14.80 29.25
CA PHE A 154 -26.63 14.57 28.20
C PHE A 154 -27.33 15.88 27.84
N LYS A 155 -26.48 16.88 27.56
CA LYS A 155 -26.91 18.20 27.17
C LYS A 155 -27.60 18.23 25.82
N GLY A 156 -27.43 17.20 24.98
CA GLY A 156 -28.06 17.19 23.67
C GLY A 156 -29.47 16.68 23.66
N ASP A 157 -30.02 16.33 24.83
CA ASP A 157 -31.35 15.73 24.89
C ASP A 157 -32.40 16.69 24.32
N ILE A 158 -33.37 16.13 23.62
CA ILE A 158 -34.54 16.89 23.19
C ILE A 158 -35.44 17.16 24.40
N ASP A 159 -36.06 18.34 24.43
CA ASP A 159 -37.05 18.70 25.44
C ASP A 159 -38.40 18.18 24.99
N LEU A 160 -38.90 17.14 25.66
CA LEU A 160 -40.16 16.53 25.23
C LEU A 160 -41.31 17.53 25.24
N LYS A 161 -41.24 18.55 26.09
CA LYS A 161 -42.32 19.53 26.13
C LYS A 161 -42.40 20.33 24.85
N LYS A 162 -41.25 20.74 24.32
CA LYS A 162 -41.24 21.45 23.05
C LYS A 162 -41.77 20.57 21.90
N LEU A 163 -41.39 19.30 21.90
CA LEU A 163 -41.93 18.38 20.88
C LEU A 163 -43.45 18.25 21.00
N GLN A 164 -43.94 17.93 22.20
CA GLN A 164 -45.38 17.92 22.44
C GLN A 164 -46.02 19.24 22.05
N LYS A 165 -45.31 20.35 22.26
CA LYS A 165 -45.89 21.64 21.90
C LYS A 165 -46.01 21.78 20.39
N LEU A 166 -44.91 21.53 19.67
CA LEU A 166 -44.96 21.54 18.21
C LEU A 166 -46.11 20.70 17.68
N ILE A 167 -46.27 19.49 18.23
CA ILE A 167 -47.35 18.61 17.83
C ILE A 167 -48.71 19.26 18.05
N ASP A 168 -48.91 19.83 19.24
CA ASP A 168 -50.19 20.45 19.57
C ASP A 168 -50.49 21.64 18.64
N GLU A 169 -49.51 22.50 18.42
CA GLU A 169 -49.76 23.69 17.62
C GLU A 169 -49.91 23.36 16.15
N LYS A 170 -49.02 22.50 15.61
CA LYS A 170 -48.90 22.34 14.18
C LYS A 170 -49.67 21.14 13.63
N GLY A 171 -49.91 20.12 14.45
CA GLY A 171 -50.49 18.87 13.98
C GLY A 171 -49.43 17.89 13.49
N ALA A 172 -49.48 16.66 13.99
CA ALA A 172 -48.46 15.66 13.65
C ALA A 172 -48.41 15.32 12.16
N GLU A 173 -49.49 15.53 11.41
CA GLU A 173 -49.46 15.25 9.97
C GLU A 173 -48.64 16.29 9.22
N ASN A 174 -48.35 17.43 9.85
CA ASN A 174 -47.54 18.48 9.25
C ASN A 174 -46.08 18.45 9.71
N ILE A 175 -45.70 17.45 10.49
CA ILE A 175 -44.30 17.25 10.88
C ILE A 175 -43.72 16.16 9.99
N ALA A 176 -42.72 16.51 9.20
CA ALA A 176 -42.08 15.56 8.29
C ALA A 176 -41.34 14.49 9.09
N TYR A 177 -40.47 14.90 10.02
CA TYR A 177 -39.80 13.99 10.91
C TYR A 177 -39.05 14.76 11.99
N ILE A 178 -38.66 14.03 13.03
CA ILE A 178 -37.76 14.54 14.05
C ILE A 178 -36.35 14.17 13.62
N CYS A 179 -35.48 15.16 13.51
CA CYS A 179 -34.09 14.96 13.19
C CYS A 179 -33.27 14.95 14.48
N LEU A 180 -32.90 13.76 14.96
CA LEU A 180 -32.24 13.65 16.26
C LEU A 180 -30.78 13.36 15.98
N ALA A 181 -29.90 14.26 16.40
CA ALA A 181 -28.47 14.08 16.16
C ALA A 181 -27.78 13.53 17.39
N VAL A 182 -26.81 12.64 17.12
CA VAL A 182 -25.93 12.06 18.15
C VAL A 182 -24.49 12.12 17.67
N THR A 183 -23.57 12.75 18.41
CA THR A 183 -23.78 13.81 19.38
C THR A 183 -24.34 15.07 18.73
N VAL A 184 -24.60 16.09 19.53
CA VAL A 184 -24.99 17.38 19.00
C VAL A 184 -23.74 18.27 18.87
N ASN A 185 -23.36 18.54 17.63
CA ASN A 185 -22.09 19.20 17.29
C ASN A 185 -22.10 20.64 17.74
N LEU A 186 -23.13 21.39 17.35
CA LEU A 186 -23.24 22.81 17.63
C LEU A 186 -23.31 23.13 19.12
N ALA A 187 -23.80 22.20 19.94
CA ALA A 187 -23.78 22.39 21.39
C ALA A 187 -22.41 22.09 21.99
N GLY A 188 -21.45 21.67 21.17
CA GLY A 188 -20.15 21.28 21.66
C GLY A 188 -19.82 19.81 21.65
N GLY A 189 -20.53 18.99 20.90
CA GLY A 189 -20.30 17.56 20.91
C GLY A 189 -21.02 16.87 22.02
N GLN A 190 -22.26 17.38 22.30
CA GLN A 190 -22.94 16.96 23.51
C GLN A 190 -23.79 15.73 23.25
N PRO A 191 -23.73 14.73 24.13
CA PRO A 191 -24.48 13.50 23.92
C PRO A 191 -25.95 13.59 24.28
N VAL A 192 -26.68 12.59 23.78
CA VAL A 192 -28.10 12.34 24.01
C VAL A 192 -28.22 11.03 24.78
N SER A 193 -29.07 11.01 25.78
CA SER A 193 -29.28 9.82 26.56
C SER A 193 -30.16 8.81 25.83
N MET A 194 -29.90 7.53 26.12
CA MET A 194 -30.85 6.50 25.73
C MET A 194 -32.25 6.81 26.27
N ALA A 195 -32.36 7.34 27.49
CA ALA A 195 -33.68 7.68 28.00
C ALA A 195 -34.39 8.65 27.08
N ASN A 196 -33.66 9.63 26.54
CA ASN A 196 -34.29 10.62 25.69
C ASN A 196 -34.65 10.02 24.32
N MET A 197 -33.76 9.26 23.71
CA MET A 197 -34.10 8.57 22.47
C MET A 197 -35.35 7.71 22.61
N ARG A 198 -35.45 6.97 23.72
CA ARG A 198 -36.62 6.14 23.99
C ARG A 198 -37.90 6.98 24.13
N ALA A 199 -37.84 8.05 24.93
CA ALA A 199 -38.98 8.92 25.12
C ALA A 199 -39.39 9.63 23.84
N VAL A 200 -38.42 10.05 23.04
CA VAL A 200 -38.73 10.66 21.74
C VAL A 200 -39.42 9.67 20.82
N ARG A 201 -38.95 8.43 20.80
CA ARG A 201 -39.59 7.41 19.95
CA ARG A 201 -39.59 7.42 19.96
C ARG A 201 -41.03 7.18 20.40
N GLU A 202 -41.26 7.17 21.72
CA GLU A 202 -42.58 6.89 22.26
C GLU A 202 -43.57 7.99 21.87
N LEU A 203 -43.17 9.23 22.05
CA LEU A 203 -44.08 10.34 21.76
C LEU A 203 -44.38 10.43 20.28
N THR A 204 -43.34 10.40 19.44
CA THR A 204 -43.54 10.42 18.00
C THR A 204 -44.39 9.25 17.54
N ALA A 205 -44.10 8.05 18.05
CA ALA A 205 -44.86 6.89 17.61
C ALA A 205 -46.36 7.07 17.91
N ALA A 206 -46.69 7.66 19.07
CA ALA A 206 -48.07 7.97 19.44
C ALA A 206 -48.78 8.80 18.38
N HIS A 207 -48.04 9.60 17.62
CA HIS A 207 -48.62 10.48 16.63
C HIS A 207 -48.23 10.14 15.20
N GLY A 208 -47.66 8.95 14.97
CA GLY A 208 -47.32 8.46 13.65
C GLY A 208 -46.20 9.20 12.96
N ILE A 209 -45.34 9.86 13.73
CA ILE A 209 -44.28 10.74 13.23
C ILE A 209 -42.97 9.96 13.11
N LYS A 210 -42.24 10.22 12.01
CA LYS A 210 -40.96 9.56 11.74
C LYS A 210 -39.85 10.20 12.53
N VAL A 211 -38.83 9.39 12.87
CA VAL A 211 -37.63 9.89 13.52
C VAL A 211 -36.44 9.36 12.72
N PHE A 212 -35.59 10.28 12.26
CA PHE A 212 -34.34 9.97 11.55
C PHE A 212 -33.15 10.56 12.31
N TYR A 213 -32.17 9.71 12.58
CA TYR A 213 -30.98 10.19 13.28
C TYR A 213 -29.95 10.75 12.33
N ASP A 214 -29.23 11.76 12.82
CA ASP A 214 -27.93 12.12 12.29
C ASP A 214 -26.92 11.36 13.13
N ALA A 215 -26.41 10.30 12.58
CA ALA A 215 -25.60 9.31 13.29
C ALA A 215 -24.11 9.61 13.29
N THR A 216 -23.68 10.79 12.80
CA THR A 216 -22.27 11.03 12.46
CA THR A 216 -22.26 11.03 12.47
C THR A 216 -21.32 10.70 13.62
N ARG A 217 -21.68 11.06 14.87
CA ARG A 217 -20.84 10.77 16.02
C ARG A 217 -21.57 9.92 17.02
N CYS A 218 -22.27 8.89 16.50
CA CYS A 218 -23.04 8.00 17.34
C CYS A 218 -22.17 7.15 18.25
N VAL A 219 -20.92 6.88 17.87
CA VAL A 219 -20.08 6.04 18.73
C VAL A 219 -19.59 6.82 19.93
N GLU A 220 -19.11 8.06 19.70
CA GLU A 220 -18.81 8.96 20.81
C GLU A 220 -20.02 9.05 21.72
N ASN A 221 -21.20 9.24 21.14
CA ASN A 221 -22.44 9.30 21.97
C ASN A 221 -22.64 8.03 22.82
N ALA A 222 -22.47 6.88 22.19
CA ALA A 222 -22.56 5.60 22.90
C ALA A 222 -21.61 5.55 24.08
N TYR A 223 -20.40 6.12 23.93
CA TYR A 223 -19.43 6.10 25.02
C TYR A 223 -19.97 6.88 26.22
N PHE A 224 -20.47 8.09 25.99
CA PHE A 224 -21.08 8.90 27.07
C PHE A 224 -22.19 8.13 27.76
N ILE A 225 -23.01 7.44 27.01
CA ILE A 225 -24.05 6.59 27.59
C ILE A 225 -23.42 5.53 28.48
N LYS A 226 -22.40 4.84 27.96
CA LYS A 226 -21.75 3.79 28.76
C LYS A 226 -21.14 4.37 30.02
N GLU A 227 -20.46 5.53 29.89
CA GLU A 227 -19.76 6.10 31.01
C GLU A 227 -20.72 6.63 32.08
N GLN A 228 -21.83 7.26 31.67
CA GLN A 228 -22.61 8.12 32.59
C GLN A 228 -24.09 7.78 32.78
N GLU A 229 -24.74 7.04 31.89
CA GLU A 229 -26.18 6.78 32.04
C GLU A 229 -26.41 5.51 32.85
N GLN A 230 -27.19 5.62 33.93
CA GLN A 230 -27.43 4.45 34.74
C GLN A 230 -28.21 3.42 33.92
N GLY A 231 -27.84 2.16 34.06
CA GLY A 231 -28.41 1.09 33.27
C GLY A 231 -27.52 0.60 32.16
N PHE A 232 -26.37 1.26 31.94
CA PHE A 232 -25.53 0.90 30.79
C PHE A 232 -24.08 0.67 31.17
N GLU A 233 -23.81 0.61 32.49
CA GLU A 233 -22.46 0.41 32.99
C GLU A 233 -21.84 -0.86 32.39
N ASN A 234 -22.64 -1.90 32.24
CA ASN A 234 -22.13 -3.19 31.82
C ASN A 234 -22.48 -3.55 30.38
N LYS A 235 -23.01 -2.61 29.61
CA LYS A 235 -23.38 -2.88 28.23
C LYS A 235 -22.20 -2.51 27.34
N SER A 236 -22.00 -3.27 26.24
CA SER A 236 -20.90 -2.94 25.38
C SER A 236 -21.26 -1.72 24.53
N ILE A 237 -20.21 -1.09 23.97
CA ILE A 237 -20.44 -0.03 22.99
C ILE A 237 -21.38 -0.51 21.88
N ALA A 238 -21.12 -1.72 21.34
CA ALA A 238 -21.94 -2.18 20.24
C ALA A 238 -23.41 -2.35 20.65
N GLU A 239 -23.67 -2.86 21.85
CA GLU A 239 -25.04 -3.04 22.32
C GLU A 239 -25.74 -1.70 22.46
N ILE A 240 -25.01 -0.69 22.93
CA ILE A 240 -25.57 0.65 23.07
C ILE A 240 -25.91 1.22 21.71
N VAL A 241 -24.96 1.11 20.77
CA VAL A 241 -25.23 1.65 19.45
C VAL A 241 -26.47 1.00 18.83
N HIS A 242 -26.56 -0.31 18.96
CA HIS A 242 -27.68 -1.02 18.35
C HIS A 242 -28.99 -0.62 19.01
N GLU A 243 -28.99 -0.46 20.33
CA GLU A 243 -30.25 -0.03 20.97
C GLU A 243 -30.64 1.38 20.53
N MET A 244 -29.63 2.29 20.44
CA MET A 244 -29.87 3.66 20.02
C MET A 244 -30.67 3.73 18.76
N PHE A 245 -30.20 3.02 17.73
CA PHE A 245 -30.87 3.11 16.45
C PHE A 245 -32.16 2.32 16.42
N SER A 246 -32.43 1.48 17.42
CA SER A 246 -33.74 0.81 17.47
C SER A 246 -34.87 1.83 17.74
N TYR A 247 -34.56 3.03 18.22
CA TYR A 247 -35.54 4.09 18.40
C TYR A 247 -35.65 5.01 17.20
N ALA A 248 -35.19 4.59 16.03
CA ALA A 248 -35.22 5.42 14.83
C ALA A 248 -35.78 4.67 13.63
N ASP A 249 -36.26 5.44 12.67
CA ASP A 249 -36.76 4.92 11.41
C ASP A 249 -35.66 4.87 10.34
N GLY A 250 -34.51 5.50 10.60
CA GLY A 250 -33.45 5.55 9.64
C GLY A 250 -32.39 6.49 10.14
N CYS A 251 -31.34 6.67 9.34
CA CYS A 251 -30.31 7.63 9.71
C CYS A 251 -29.52 8.08 8.48
N THR A 252 -28.92 9.24 8.63
CA THR A 252 -27.86 9.72 7.77
C THR A 252 -26.56 9.63 8.55
N MET A 253 -25.49 9.13 7.89
CA MET A 253 -24.18 8.96 8.54
CA MET A 253 -24.20 9.07 8.57
C MET A 253 -23.10 9.57 7.67
N SER A 254 -22.24 10.40 8.28
CA SER A 254 -20.93 10.79 7.75
C SER A 254 -19.93 9.80 8.32
N GLY A 255 -19.45 8.89 7.49
CA GLY A 255 -18.47 7.94 7.93
C GLY A 255 -17.16 8.61 8.23
N LYS A 256 -16.96 9.78 7.65
CA LYS A 256 -15.77 10.58 7.85
C LYS A 256 -15.60 10.97 9.34
N LYS A 257 -16.60 10.74 10.18
CA LYS A 257 -16.42 10.91 11.63
C LYS A 257 -16.19 9.55 12.29
N ASP A 258 -17.29 8.94 12.84
CA ASP A 258 -17.07 7.83 13.74
C ASP A 258 -16.79 6.50 13.06
N CYS A 259 -16.88 6.40 11.69
CA CYS A 259 -16.39 5.19 11.03
C CYS A 259 -14.88 5.21 10.73
N LEU A 260 -14.13 6.21 11.16
CA LEU A 260 -12.68 6.12 11.15
C LEU A 260 -12.14 6.06 9.72
N VAL A 261 -12.71 6.90 8.85
CA VAL A 261 -12.31 6.90 7.43
C VAL A 261 -12.11 8.35 6.98
N ASN A 262 -11.51 8.47 5.79
CA ASN A 262 -11.18 9.74 5.19
C ASN A 262 -12.26 10.22 4.23
N ILE A 263 -13.22 9.36 3.94
CA ILE A 263 -14.27 9.58 2.95
C ILE A 263 -15.32 8.49 3.15
N GLY A 264 -16.58 8.84 2.87
CA GLY A 264 -17.68 7.89 3.04
C GLY A 264 -18.87 8.28 3.89
N GLY A 265 -20.03 7.73 3.54
CA GLY A 265 -21.26 7.89 4.29
C GLY A 265 -22.30 6.89 3.85
N PHE A 266 -23.46 6.99 4.47
CA PHE A 266 -24.59 6.19 4.01
C PHE A 266 -25.90 6.71 4.58
N LEU A 267 -26.99 6.18 3.99
CA LEU A 267 -28.36 6.41 4.34
C LEU A 267 -28.93 5.06 4.73
N CYS A 268 -29.57 5.00 5.90
CA CYS A 268 -30.24 3.80 6.33
C CYS A 268 -31.73 4.05 6.52
N MET A 269 -32.52 3.00 6.35
CA MET A 269 -33.96 3.14 6.56
C MET A 269 -34.53 1.75 6.66
N ASN A 270 -35.70 1.69 7.32
CA ASN A 270 -36.42 0.43 7.47
C ASN A 270 -37.53 0.26 6.46
N ASP A 271 -38.06 1.34 5.92
CA ASP A 271 -39.22 1.30 5.04
C ASP A 271 -38.82 0.82 3.65
N ASP A 272 -39.46 -0.25 3.19
CA ASP A 272 -39.19 -0.80 1.85
C ASP A 272 -39.45 0.22 0.75
N GLU A 273 -40.56 0.98 0.86
CA GLU A 273 -40.92 1.93 -0.18
C GLU A 273 -39.92 3.07 -0.27
N MET A 274 -39.50 3.60 0.88
CA MET A 274 -38.56 4.71 0.83
C MET A 274 -37.20 4.24 0.30
N PHE A 275 -36.78 3.03 0.68
CA PHE A 275 -35.60 2.42 0.08
C PHE A 275 -35.66 2.41 -1.45
N SER A 276 -36.76 1.95 -2.03
CA SER A 276 -36.85 1.93 -3.50
C SER A 276 -36.72 3.34 -4.07
N SER A 277 -37.34 4.33 -3.43
CA SER A 277 -37.24 5.69 -3.90
C SER A 277 -35.83 6.22 -3.71
N ALA A 278 -35.16 5.82 -2.64
CA ALA A 278 -33.81 6.30 -2.40
C ALA A 278 -32.84 5.76 -3.46
N LYS A 279 -33.08 4.53 -3.90
CA LYS A 279 -32.25 3.94 -4.94
C LYS A 279 -32.44 4.64 -6.27
N GLU A 280 -33.67 5.07 -6.58
CA GLU A 280 -33.89 5.90 -7.76
C GLU A 280 -33.11 7.21 -7.67
N LEU A 281 -33.13 7.87 -6.53
CA LEU A 281 -32.44 9.14 -6.42
C LEU A 281 -30.92 9.02 -6.29
N VAL A 282 -30.43 7.97 -5.65
CA VAL A 282 -28.98 7.92 -5.42
C VAL A 282 -28.27 7.92 -6.77
N VAL A 283 -28.88 7.34 -7.78
CA VAL A 283 -28.28 7.28 -9.11
C VAL A 283 -28.06 8.68 -9.69
N VAL A 284 -28.92 9.63 -9.30
CA VAL A 284 -28.88 10.97 -9.91
C VAL A 284 -27.65 11.71 -9.40
N TYR A 285 -27.41 11.64 -8.08
CA TYR A 285 -26.47 12.47 -7.39
C TYR A 285 -25.16 11.75 -7.05
N GLU A 286 -25.20 10.49 -6.65
CA GLU A 286 -24.05 9.81 -6.07
C GLU A 286 -23.47 8.73 -6.98
N GLY A 287 -24.30 7.75 -7.34
CA GLY A 287 -23.85 6.58 -8.08
C GLY A 287 -24.91 5.50 -7.93
N MET A 288 -24.60 4.33 -8.46
CA MET A 288 -25.46 3.19 -8.25
C MET A 288 -25.68 2.90 -6.77
N PRO A 289 -26.79 2.25 -6.44
CA PRO A 289 -27.01 1.83 -5.04
C PRO A 289 -25.93 0.91 -4.52
N SER A 290 -25.15 0.30 -5.44
N SER A 290 -25.14 0.30 -5.42
CA SER A 290 -24.10 -0.65 -5.12
CA SER A 290 -24.10 -0.64 -5.04
C SER A 290 -22.74 0.02 -4.91
C SER A 290 -22.75 0.03 -4.80
N TYR A 291 -22.65 1.35 -4.99
CA TYR A 291 -21.41 2.04 -4.59
C TYR A 291 -21.60 3.46 -4.08
N GLY A 292 -22.60 4.17 -4.55
CA GLY A 292 -23.01 5.42 -3.89
C GLY A 292 -21.95 6.52 -3.93
N GLY A 293 -21.19 6.61 -5.05
CA GLY A 293 -20.14 7.61 -5.12
C GLY A 293 -18.90 7.27 -4.35
N LEU A 294 -18.73 5.99 -3.96
CA LEU A 294 -17.53 5.50 -3.30
C LEU A 294 -16.83 4.43 -4.14
N ALA A 295 -15.50 4.50 -4.16
CA ALA A 295 -14.70 3.36 -4.64
C ALA A 295 -14.94 2.17 -3.75
N GLY A 296 -14.76 0.98 -4.31
CA GLY A 296 -14.97 -0.23 -3.53
C GLY A 296 -14.08 -0.25 -2.30
N ARG A 297 -12.79 0.14 -2.46
CA ARG A 297 -11.88 0.13 -1.34
C ARG A 297 -12.39 0.93 -0.14
N ASP A 298 -13.05 2.08 -0.39
CA ASP A 298 -13.61 2.93 0.65
C ASP A 298 -14.86 2.34 1.31
N MET A 299 -15.75 1.72 0.56
CA MET A 299 -16.78 0.92 1.20
C MET A 299 -16.16 -0.08 2.14
N GLU A 300 -15.03 -0.68 1.71
CA GLU A 300 -14.32 -1.64 2.57
C GLU A 300 -13.78 -0.99 3.83
N ALA A 301 -13.00 0.11 3.64
CA ALA A 301 -12.39 0.74 4.78
C ALA A 301 -13.46 1.21 5.76
N MET A 302 -14.56 1.73 5.25
CA MET A 302 -15.62 2.19 6.15
C MET A 302 -16.29 1.03 6.89
N ALA A 303 -16.48 -0.09 6.22
CA ALA A 303 -17.03 -1.27 6.90
C ALA A 303 -16.13 -1.72 8.02
N ILE A 304 -14.81 -1.76 7.77
CA ILE A 304 -13.86 -2.18 8.77
C ILE A 304 -13.85 -1.21 9.92
N GLY A 305 -13.83 0.10 9.61
CA GLY A 305 -13.67 1.11 10.63
C GLY A 305 -14.87 1.23 11.54
N LEU A 306 -16.08 1.03 11.02
CA LEU A 306 -17.25 1.10 11.91
C LEU A 306 -17.13 0.03 12.96
N ARG A 307 -16.73 -1.16 12.56
CA ARG A 307 -16.58 -2.23 13.55
C ARG A 307 -15.45 -1.91 14.53
N GLU A 308 -14.33 -1.35 14.04
CA GLU A 308 -13.25 -0.97 14.93
C GLU A 308 -13.71 0.02 15.96
N ALA A 309 -14.55 0.96 15.54
CA ALA A 309 -15.05 2.01 16.42
C ALA A 309 -15.71 1.45 17.65
N MET A 310 -16.34 0.25 17.55
CA MET A 310 -17.06 -0.34 18.68
CA MET A 310 -17.06 -0.34 18.68
C MET A 310 -16.16 -0.79 19.81
N GLN A 311 -14.83 -0.73 19.64
CA GLN A 311 -13.92 -1.25 20.66
C GLN A 311 -13.88 -0.26 21.82
N TYR A 312 -14.22 -0.75 22.99
CA TYR A 312 -14.34 0.15 24.14
C TYR A 312 -13.05 0.95 24.37
N GLU A 313 -11.88 0.28 24.39
CA GLU A 313 -10.66 1.01 24.71
C GLU A 313 -10.36 2.11 23.70
N TYR A 314 -10.65 1.88 22.42
CA TYR A 314 -10.44 2.89 21.40
C TYR A 314 -11.31 4.12 21.69
N ILE A 315 -12.60 3.93 21.93
CA ILE A 315 -13.49 5.08 22.01
C ILE A 315 -13.33 5.74 23.38
N GLU A 316 -13.03 4.94 24.43
CA GLU A 316 -12.66 5.51 25.73
C GLU A 316 -11.46 6.45 25.59
N HIS A 317 -10.39 5.99 24.95
CA HIS A 317 -9.23 6.85 24.73
C HIS A 317 -9.59 8.04 23.83
N ARG A 318 -10.34 7.80 22.74
CA ARG A 318 -10.68 8.91 21.87
C ARG A 318 -11.29 10.08 22.68
N VAL A 319 -12.32 9.74 23.45
CA VAL A 319 -13.04 10.77 24.18
C VAL A 319 -12.18 11.35 25.28
N LYS A 320 -11.39 10.51 25.98
CA LYS A 320 -10.61 11.04 27.10
C LYS A 320 -9.41 11.84 26.64
N GLN A 321 -8.95 11.63 25.42
CA GLN A 321 -7.92 12.51 24.89
C GLN A 321 -8.48 13.91 24.66
N VAL A 322 -9.65 14.02 24.08
CA VAL A 322 -10.31 15.33 23.98
C VAL A 322 -10.51 15.94 25.37
N ARG A 323 -10.96 15.12 26.31
CA ARG A 323 -11.18 15.57 27.70
C ARG A 323 -9.90 16.09 28.33
N TYR A 324 -8.75 15.44 28.04
CA TYR A 324 -7.45 15.85 28.57
C TYR A 324 -7.12 17.30 28.19
N LEU A 325 -7.35 17.64 26.93
CA LEU A 325 -7.09 18.99 26.45
C LEU A 325 -8.04 19.98 27.14
N GLY A 326 -9.31 19.59 27.28
CA GLY A 326 -10.31 20.45 27.90
C GLY A 326 -10.03 20.64 29.37
N ASP A 327 -9.63 19.56 30.04
CA ASP A 327 -9.33 19.66 31.48
C ASP A 327 -8.11 20.55 31.73
N LYS A 328 -7.10 20.44 30.88
CA LYS A 328 -5.89 21.25 31.02
C LYS A 328 -6.19 22.72 30.76
N LEU A 329 -7.05 22.99 29.80
CA LEU A 329 -7.46 24.36 29.54
C LEU A 329 -8.27 24.92 30.71
N LYS A 330 -9.22 24.14 31.22
CA LYS A 330 -10.09 24.62 32.33
C LYS A 330 -9.33 24.81 33.62
N ALA A 331 -8.32 23.99 33.87
CA ALA A 331 -7.51 24.18 35.08
C ALA A 331 -6.71 25.47 35.04
N ALA A 332 -6.38 25.97 33.85
CA ALA A 332 -5.65 27.21 33.66
C ALA A 332 -6.58 28.43 33.63
N GLY A 333 -7.89 28.20 33.77
CA GLY A 333 -8.90 29.25 33.75
C GLY A 333 -9.40 29.67 32.40
N VAL A 334 -9.00 28.98 31.34
CA VAL A 334 -9.45 29.27 29.97
C VAL A 334 -10.93 28.90 29.87
N PRO A 335 -11.80 29.82 29.43
CA PRO A 335 -13.23 29.51 29.35
C PRO A 335 -13.52 28.62 28.14
N ILE A 336 -14.26 27.53 28.38
CA ILE A 336 -14.61 26.55 27.37
C ILE A 336 -16.08 26.25 27.50
N VAL A 337 -16.65 25.73 26.42
CA VAL A 337 -17.91 25.02 26.52
C VAL A 337 -17.74 23.80 27.39
N GLU A 338 -18.74 23.57 28.24
CA GLU A 338 -18.76 22.47 29.21
C GLU A 338 -20.06 21.69 29.09
N PRO A 339 -20.04 20.39 29.42
CA PRO A 339 -18.85 19.56 29.54
C PRO A 339 -18.16 19.42 28.17
N VAL A 340 -16.94 18.92 28.19
CA VAL A 340 -16.18 18.75 26.96
C VAL A 340 -16.92 17.75 26.09
N GLY A 341 -17.02 18.04 24.79
CA GLY A 341 -17.72 17.13 23.89
C GLY A 341 -16.91 15.87 23.51
N GLY A 342 -17.53 15.07 22.63
CA GLY A 342 -16.86 13.84 22.19
C GLY A 342 -15.71 14.01 21.23
N HIS A 343 -15.69 15.11 20.44
CA HIS A 343 -14.79 15.25 19.32
C HIS A 343 -13.96 16.50 19.31
N ALA A 344 -14.21 17.43 20.25
CA ALA A 344 -13.57 18.72 20.16
C ALA A 344 -13.68 19.40 21.53
N VAL A 345 -12.78 20.35 21.75
CA VAL A 345 -12.94 21.38 22.79
C VAL A 345 -13.29 22.69 22.12
N PHE A 346 -14.27 23.41 22.67
CA PHE A 346 -14.72 24.70 22.15
C PHE A 346 -14.28 25.78 23.13
N LEU A 347 -13.35 26.64 22.71
CA LEU A 347 -13.04 27.83 23.49
C LEU A 347 -14.15 28.85 23.41
N ASP A 348 -14.47 29.45 24.52
CA ASP A 348 -15.46 30.52 24.53
C ASP A 348 -14.73 31.82 24.21
N ALA A 349 -14.73 32.19 22.94
CA ALA A 349 -13.98 33.37 22.49
C ALA A 349 -14.65 34.66 22.95
N ARG A 350 -15.94 34.59 23.31
CA ARG A 350 -16.61 35.77 23.86
C ARG A 350 -15.91 36.18 25.16
N ARG A 351 -15.68 35.19 26.03
CA ARG A 351 -15.04 35.48 27.31
CA ARG A 351 -15.04 35.47 27.31
C ARG A 351 -13.52 35.56 27.18
N PHE A 352 -12.94 34.73 26.31
CA PHE A 352 -11.50 34.82 26.07
C PHE A 352 -11.12 36.23 25.65
N CYS A 353 -11.95 36.87 24.81
CA CYS A 353 -11.69 38.22 24.32
C CYS A 353 -12.88 39.09 24.68
N GLU A 354 -13.12 39.23 25.99
CA GLU A 354 -14.21 40.08 26.47
C GLU A 354 -13.95 41.55 26.19
N HIS A 355 -12.74 41.92 25.79
CA HIS A 355 -12.45 43.29 25.37
C HIS A 355 -12.91 43.58 23.94
N LEU A 356 -13.44 42.57 23.23
CA LEU A 356 -13.99 42.70 21.90
C LEU A 356 -15.47 42.36 21.93
N THR A 357 -16.22 43.04 21.08
N THR A 357 -16.24 43.05 21.10
CA THR A 357 -17.62 42.69 20.83
CA THR A 357 -17.64 42.68 20.89
C THR A 357 -17.68 41.65 19.72
C THR A 357 -17.72 41.71 19.71
N GLN A 358 -18.81 40.93 19.68
CA GLN A 358 -18.97 39.90 18.67
C GLN A 358 -18.71 40.42 17.25
N ASP A 359 -19.13 41.66 16.97
CA ASP A 359 -19.00 42.26 15.63
C ASP A 359 -17.55 42.51 15.23
N GLU A 360 -16.61 42.41 16.17
CA GLU A 360 -15.18 42.45 15.86
C GLU A 360 -14.57 41.06 15.66
N PHE A 361 -15.37 40.00 15.75
CA PHE A 361 -14.94 38.65 15.33
C PHE A 361 -13.85 38.10 16.25
N PRO A 362 -14.15 37.97 17.54
CA PRO A 362 -13.10 37.55 18.47
C PRO A 362 -12.70 36.11 18.24
N ALA A 363 -13.66 35.23 17.92
CA ALA A 363 -13.31 33.85 17.64
C ALA A 363 -12.40 33.75 16.42
N GLN A 364 -12.69 34.52 15.37
CA GLN A 364 -11.87 34.44 14.17
C GLN A 364 -10.44 34.88 14.46
N SER A 365 -10.29 35.97 15.22
CA SER A 365 -8.97 36.48 15.56
C SER A 365 -8.23 35.51 16.48
N LEU A 366 -8.93 34.97 17.46
CA LEU A 366 -8.30 33.99 18.35
C LEU A 366 -7.75 32.81 17.55
N ALA A 367 -8.55 32.27 16.65
CA ALA A 367 -8.08 31.17 15.79
C ALA A 367 -6.79 31.58 15.09
N ALA A 368 -6.79 32.77 14.51
CA ALA A 368 -5.58 33.30 13.88
C ALA A 368 -4.41 33.29 14.86
N SER A 369 -4.61 33.90 16.05
CA SER A 369 -3.52 33.97 17.00
C SER A 369 -3.05 32.59 17.43
N ILE A 370 -3.98 31.64 17.60
CA ILE A 370 -3.58 30.30 18.01
C ILE A 370 -2.60 29.72 16.99
N TYR A 371 -2.87 29.91 15.71
CA TYR A 371 -2.00 29.33 14.70
C TYR A 371 -0.63 30.03 14.69
N VAL A 372 -0.64 31.36 14.69
CA VAL A 372 0.62 32.11 14.70
C VAL A 372 1.51 31.65 15.86
N GLU A 373 0.92 31.41 17.03
CA GLU A 373 1.70 31.12 18.22
C GLU A 373 2.05 29.65 18.42
N THR A 374 1.35 28.71 17.76
CA THR A 374 1.64 27.28 17.99
C THR A 374 1.71 26.43 16.72
N GLY A 375 1.25 26.91 15.59
CA GLY A 375 1.17 26.03 14.43
C GLY A 375 0.01 25.07 14.53
N VAL A 376 -0.94 25.38 15.43
CA VAL A 376 -2.21 24.66 15.51
C VAL A 376 -3.26 25.43 14.70
N ARG A 377 -3.96 24.71 13.83
CA ARG A 377 -5.12 25.26 13.14
C ARG A 377 -6.37 24.82 13.85
N SER A 378 -7.30 25.77 14.03
CA SER A 378 -8.58 25.56 14.68
C SER A 378 -9.63 26.29 13.86
N ALA A 379 -10.91 25.94 14.11
CA ALA A 379 -12.04 26.44 13.34
C ALA A 379 -12.80 27.54 14.10
N GLU A 380 -12.96 28.69 13.48
CA GLU A 380 -13.99 29.63 13.92
C GLU A 380 -15.35 28.95 13.92
N ARG A 381 -16.04 28.98 15.07
CA ARG A 381 -17.42 28.46 15.19
C ARG A 381 -18.23 29.50 16.00
N GLY A 382 -18.43 30.66 15.38
CA GLY A 382 -19.19 31.74 16.00
C GLY A 382 -19.87 32.59 14.96
N ILE A 383 -19.84 33.93 15.16
CA ILE A 383 -20.61 34.83 14.31
C ILE A 383 -20.25 34.64 12.83
N ILE A 384 -18.97 34.43 12.51
CA ILE A 384 -18.55 34.37 11.11
C ILE A 384 -19.16 33.15 10.43
N SER A 385 -19.17 32.00 11.10
CA SER A 385 -19.74 30.80 10.50
C SER A 385 -21.26 30.78 10.60
N ALA A 386 -21.82 31.45 11.61
CA ALA A 386 -23.27 31.64 11.66
C ALA A 386 -23.79 32.29 10.38
N GLY A 387 -22.98 33.17 9.77
CA GLY A 387 -23.32 33.81 8.50
C GLY A 387 -24.15 35.06 8.71
N ARG A 388 -24.41 35.75 7.60
CA ARG A 388 -25.37 36.85 7.62
C ARG A 388 -26.80 36.33 7.47
N ASN A 389 -27.74 37.07 8.06
CA ASN A 389 -29.17 36.90 7.77
C ASN A 389 -29.50 37.89 6.65
N ASN A 390 -29.35 37.42 5.40
CA ASN A 390 -29.38 38.29 4.23
C ASN A 390 -30.79 38.79 3.89
N VAL A 391 -31.83 38.36 4.61
CA VAL A 391 -33.11 39.08 4.56
C VAL A 391 -32.92 40.50 5.06
N THR A 392 -32.14 40.66 6.14
CA THR A 392 -31.87 41.96 6.75
C THR A 392 -30.48 42.50 6.43
N GLY A 393 -29.56 41.65 5.93
CA GLY A 393 -28.23 42.13 5.59
C GLY A 393 -27.27 42.28 6.76
N GLU A 394 -27.71 41.98 7.99
CA GLU A 394 -26.88 42.10 9.18
C GLU A 394 -26.24 40.75 9.51
N HIS A 395 -25.34 40.76 10.50
CA HIS A 395 -24.76 39.53 10.99
C HIS A 395 -25.83 38.72 11.70
N HIS A 396 -25.70 37.40 11.60
CA HIS A 396 -26.37 36.53 12.56
C HIS A 396 -25.56 36.53 13.85
N ARG A 397 -26.25 36.40 14.99
CA ARG A 397 -25.62 36.62 16.31
C ARG A 397 -25.78 35.39 17.18
N PRO A 398 -24.94 34.37 17.00
CA PRO A 398 -25.08 33.17 17.82
C PRO A 398 -24.72 33.44 19.28
N LYS A 399 -25.41 32.71 20.16
CA LYS A 399 -25.06 32.77 21.57
C LYS A 399 -23.68 32.18 21.82
N LEU A 400 -23.25 31.24 20.97
CA LEU A 400 -21.95 30.57 21.13
C LEU A 400 -20.99 31.20 20.13
N GLU A 401 -20.04 31.97 20.67
CA GLU A 401 -18.96 32.59 19.93
C GLU A 401 -17.70 31.78 20.29
N THR A 402 -17.34 30.81 19.45
CA THR A 402 -16.39 29.80 19.88
C THR A 402 -15.30 29.53 18.83
N VAL A 403 -14.17 29.04 19.34
CA VAL A 403 -13.12 28.45 18.52
C VAL A 403 -13.08 26.96 18.82
N ARG A 404 -13.17 26.16 17.76
CA ARG A 404 -13.27 24.71 17.88
C ARG A 404 -11.91 24.03 17.63
N LEU A 405 -11.41 23.38 18.67
CA LEU A 405 -10.22 22.52 18.64
C LEU A 405 -10.73 21.13 18.34
N THR A 406 -10.77 20.75 17.06
CA THR A 406 -11.46 19.57 16.62
C THR A 406 -10.44 18.45 16.42
N ILE A 407 -10.68 17.31 17.07
CA ILE A 407 -9.62 16.33 17.26
C ILE A 407 -9.87 15.16 16.30
N PRO A 408 -9.04 15.00 15.27
CA PRO A 408 -9.14 13.80 14.38
C PRO A 408 -8.83 12.52 15.16
N ARG A 409 -9.45 11.43 14.76
CA ARG A 409 -9.31 10.22 15.55
C ARG A 409 -8.03 9.49 15.22
N ARG A 410 -7.31 9.10 16.29
CA ARG A 410 -6.08 8.29 16.23
C ARG A 410 -4.88 8.97 15.55
N VAL A 411 -4.90 10.29 15.39
CA VAL A 411 -3.87 11.03 14.71
C VAL A 411 -2.84 11.64 15.64
N TYR A 412 -3.24 12.04 16.86
CA TYR A 412 -2.36 12.87 17.67
C TYR A 412 -2.15 12.22 19.02
N THR A 413 -1.17 12.72 19.73
CA THR A 413 -0.91 12.21 21.05
C THR A 413 -1.28 13.22 22.14
N TYR A 414 -1.04 12.81 23.38
CA TYR A 414 -1.23 13.77 24.49
C TYR A 414 -0.14 14.84 24.46
N ALA A 415 1.04 14.51 23.93
CA ALA A 415 2.08 15.52 23.77
C ALA A 415 1.64 16.59 22.77
N HIS A 416 0.99 16.18 21.66
CA HIS A 416 0.36 17.18 20.78
C HIS A 416 -0.69 18.00 21.53
N MET A 417 -1.51 17.36 22.36
CA MET A 417 -2.52 18.11 23.10
C MET A 417 -1.82 19.16 23.96
N ASP A 418 -0.68 18.82 24.55
CA ASP A 418 0.04 19.77 25.42
C ASP A 418 0.52 20.96 24.60
N VAL A 419 0.98 20.71 23.36
CA VAL A 419 1.33 21.81 22.47
C VAL A 419 0.14 22.76 22.34
N VAL A 420 -1.02 22.21 22.05
CA VAL A 420 -2.23 23.03 21.86
C VAL A 420 -2.57 23.80 23.13
N ALA A 421 -2.66 23.08 24.25
CA ALA A 421 -3.03 23.71 25.52
C ALA A 421 -2.03 24.77 25.94
N ASP A 422 -0.73 24.43 25.94
CA ASP A 422 0.32 25.36 26.38
C ASP A 422 0.25 26.66 25.63
N GLY A 423 0.06 26.59 24.32
CA GLY A 423 0.05 27.80 23.53
C GLY A 423 -1.18 28.64 23.80
N ILE A 424 -2.33 27.99 23.96
CA ILE A 424 -3.57 28.72 24.23
C ILE A 424 -3.53 29.35 25.59
N ILE A 425 -2.93 28.67 26.55
CA ILE A 425 -2.81 29.24 27.91
C ILE A 425 -1.89 30.45 27.91
N LYS A 426 -0.72 30.32 27.29
CA LYS A 426 0.17 31.46 27.16
C LYS A 426 -0.56 32.64 26.54
N LEU A 427 -1.28 32.38 25.45
CA LEU A 427 -2.08 33.43 24.82
C LEU A 427 -3.11 34.01 25.79
N TYR A 428 -3.76 33.15 26.57
CA TYR A 428 -4.79 33.58 27.51
C TYR A 428 -4.23 34.53 28.54
N GLN A 429 -3.01 34.27 28.99
CA GLN A 429 -2.35 35.11 29.99
C GLN A 429 -2.01 36.50 29.47
N HIS A 430 -2.04 36.75 28.17
CA HIS A 430 -1.99 38.13 27.66
C HIS A 430 -3.10 38.34 26.61
N LYS A 431 -4.30 37.85 26.96
CA LYS A 431 -5.44 37.83 26.06
C LYS A 431 -5.90 39.22 25.63
N GLU A 432 -5.48 40.27 26.36
CA GLU A 432 -5.85 41.63 26.00
C GLU A 432 -5.14 42.09 24.72
N ASP A 433 -4.00 41.49 24.40
CA ASP A 433 -3.25 41.89 23.21
C ASP A 433 -3.85 41.35 21.91
N ILE A 434 -4.91 40.54 21.99
CA ILE A 434 -5.58 40.03 20.80
C ILE A 434 -6.37 41.15 20.16
N ARG A 435 -6.16 41.35 18.87
CA ARG A 435 -6.76 42.48 18.16
C ARG A 435 -8.03 42.04 17.45
N GLY A 436 -9.02 42.92 17.42
CA GLY A 436 -10.22 42.66 16.68
C GLY A 436 -9.98 42.65 15.18
N LEU A 437 -10.94 42.04 14.46
CA LEU A 437 -10.86 41.86 13.02
C LEU A 437 -12.06 42.52 12.34
N LYS A 438 -11.93 42.70 11.03
CA LYS A 438 -12.99 43.25 10.19
C LYS A 438 -12.85 42.66 8.80
N PHE A 439 -14.00 42.51 8.13
CA PHE A 439 -14.02 42.00 6.76
C PHE A 439 -13.25 42.92 5.82
N ILE A 440 -12.39 42.31 5.00
CA ILE A 440 -11.91 42.95 3.78
C ILE A 440 -12.47 42.26 2.54
N TYR A 441 -12.84 40.97 2.64
CA TYR A 441 -13.54 40.25 1.58
C TYR A 441 -14.59 39.38 2.24
N GLU A 442 -15.86 39.59 1.91
CA GLU A 442 -16.92 38.71 2.38
C GLU A 442 -17.71 38.17 1.19
N PRO A 443 -17.92 36.86 1.10
CA PRO A 443 -18.83 36.33 0.10
C PRO A 443 -20.27 36.48 0.60
N LYS A 444 -21.19 36.27 -0.34
CA LYS A 444 -22.61 36.33 0.00
C LYS A 444 -23.03 35.15 0.86
N GLN A 445 -22.50 33.96 0.58
CA GLN A 445 -22.85 32.74 1.31
C GLN A 445 -21.57 32.02 1.73
N LEU A 446 -21.71 31.18 2.74
CA LEU A 446 -20.62 30.37 3.27
C LEU A 446 -19.32 31.18 3.37
N ARG A 447 -19.43 32.30 4.10
CA ARG A 447 -18.28 33.19 4.26
C ARG A 447 -17.19 32.57 5.13
N PHE A 448 -17.52 31.56 5.96
CA PHE A 448 -16.53 30.96 6.84
C PHE A 448 -15.30 30.47 6.08
N PHE A 449 -15.49 29.98 4.85
CA PHE A 449 -14.45 29.27 4.10
C PHE A 449 -13.51 30.19 3.34
N THR A 450 -14.00 31.34 2.89
CA THR A 450 -13.25 32.17 1.98
C THR A 450 -13.14 33.62 2.43
N ALA A 451 -13.93 34.04 3.42
CA ALA A 451 -13.83 35.43 3.90
C ALA A 451 -12.40 35.77 4.25
N ARG A 452 -12.06 37.04 4.16
CA ARG A 452 -10.73 37.52 4.51
C ARG A 452 -10.85 38.77 5.37
N PHE A 453 -9.87 38.98 6.25
CA PHE A 453 -10.01 39.95 7.31
C PHE A 453 -8.74 40.78 7.46
N ASP A 454 -8.87 41.91 8.16
CA ASP A 454 -7.70 42.64 8.64
C ASP A 454 -7.93 43.13 10.06
N TYR A 455 -6.82 43.33 10.77
CA TYR A 455 -6.86 43.85 12.14
C TYR A 455 -7.38 45.29 12.15
N ILE A 456 -8.31 45.58 13.07
CA ILE A 456 -8.96 46.88 13.16
C ILE A 456 -8.02 47.97 13.70
N MET B 1 1.19 -0.47 -35.84
CA MET B 1 0.73 -1.87 -35.65
C MET B 1 -0.79 -1.89 -35.48
N ASN B 2 -1.45 -2.89 -36.08
CA ASN B 2 -2.88 -3.07 -35.87
CA ASN B 2 -2.87 -3.06 -35.87
C ASN B 2 -3.20 -3.19 -34.38
N TYR B 3 -2.47 -4.08 -33.68
CA TYR B 3 -2.77 -4.41 -32.30
C TYR B 3 -1.47 -4.43 -31.52
N PRO B 4 -1.06 -3.31 -30.94
CA PRO B 4 0.22 -3.25 -30.23
C PRO B 4 0.19 -4.04 -28.95
N ALA B 5 1.41 -4.44 -28.51
CA ALA B 5 1.50 -5.07 -27.21
C ALA B 5 1.22 -4.01 -26.14
N GLU B 6 0.79 -4.49 -25.00
CA GLU B 6 0.50 -3.59 -23.88
C GLU B 6 1.74 -2.77 -23.54
N PRO B 7 1.61 -1.44 -23.41
CA PRO B 7 2.77 -0.57 -23.12
C PRO B 7 3.01 -0.45 -21.61
N PHE B 8 2.76 -1.55 -20.92
CA PHE B 8 3.03 -1.69 -19.49
C PHE B 8 3.18 -3.16 -19.18
N ARG B 9 3.75 -3.44 -18.01
CA ARG B 9 3.74 -4.77 -17.42
CA ARG B 9 3.72 -4.77 -17.44
C ARG B 9 2.78 -4.81 -16.25
N ILE B 10 2.45 -6.02 -15.85
CA ILE B 10 1.55 -6.19 -14.73
C ILE B 10 2.39 -6.05 -13.47
N LYS B 11 2.00 -5.10 -12.60
CA LYS B 11 2.63 -4.87 -11.28
C LYS B 11 1.97 -5.74 -10.22
N SER B 12 0.64 -5.81 -10.23
CA SER B 12 -0.13 -6.70 -9.37
C SER B 12 -1.40 -7.16 -10.06
N VAL B 13 -1.94 -8.24 -9.55
CA VAL B 13 -3.09 -8.90 -10.14
C VAL B 13 -4.27 -8.87 -9.18
N GLU B 14 -5.46 -8.92 -9.75
CA GLU B 14 -6.71 -9.10 -9.03
C GLU B 14 -7.15 -10.54 -9.17
N THR B 15 -7.32 -11.16 -8.04
CA THR B 15 -7.86 -12.52 -7.97
C THR B 15 -9.26 -12.59 -8.53
N VAL B 16 -9.50 -13.62 -9.34
CA VAL B 16 -10.83 -13.95 -9.86
C VAL B 16 -11.13 -15.41 -9.56
N SER B 17 -12.43 -15.71 -9.55
CA SER B 17 -12.89 -17.10 -9.53
C SER B 17 -13.05 -17.58 -10.97
N MET B 18 -12.48 -18.74 -11.26
CA MET B 18 -12.62 -19.38 -12.56
C MET B 18 -13.79 -20.37 -12.52
N ILE B 19 -14.94 -19.82 -12.14
CA ILE B 19 -16.18 -20.59 -11.97
C ILE B 19 -16.54 -21.29 -13.27
N PRO B 20 -16.79 -22.62 -13.27
CA PRO B 20 -17.14 -23.31 -14.53
C PRO B 20 -18.55 -23.02 -15.01
N ARG B 21 -18.82 -23.50 -16.23
CA ARG B 21 -20.08 -23.18 -16.92
C ARG B 21 -21.29 -23.67 -16.13
N ASP B 22 -21.24 -24.88 -15.58
CA ASP B 22 -22.38 -25.38 -14.82
C ASP B 22 -22.70 -24.47 -13.64
N GLU B 23 -21.67 -23.94 -12.99
CA GLU B 23 -21.94 -23.06 -11.85
C GLU B 23 -22.40 -21.68 -12.30
N ARG B 24 -21.77 -21.11 -13.34
CA ARG B 24 -22.26 -19.85 -13.88
C ARG B 24 -23.74 -19.94 -14.22
N LEU B 25 -24.17 -21.10 -14.73
CA LEU B 25 -25.58 -21.28 -15.06
C LEU B 25 -26.43 -21.13 -13.81
N LYS B 26 -26.02 -21.78 -12.71
CA LYS B 26 -26.72 -21.62 -11.44
C LYS B 26 -26.73 -20.17 -10.99
N LYS B 27 -25.58 -19.48 -11.08
CA LYS B 27 -25.51 -18.10 -10.64
C LYS B 27 -26.38 -17.18 -11.52
N MET B 28 -26.41 -17.43 -12.84
CA MET B 28 -27.23 -16.59 -13.71
C MET B 28 -28.71 -16.72 -13.37
N GLN B 29 -29.17 -17.94 -13.11
CA GLN B 29 -30.58 -18.14 -12.78
C GLN B 29 -30.92 -17.53 -11.42
N GLU B 30 -30.01 -17.63 -10.45
CA GLU B 30 -30.24 -17.01 -9.15
C GLU B 30 -30.24 -15.49 -9.24
N ALA B 31 -29.64 -14.92 -10.30
CA ALA B 31 -29.69 -13.48 -10.57
C ALA B 31 -30.95 -13.06 -11.33
N GLY B 32 -31.94 -13.94 -11.44
CA GLY B 32 -33.09 -13.64 -12.26
C GLY B 32 -32.74 -13.44 -13.72
N TYR B 33 -31.66 -14.06 -14.19
CA TYR B 33 -31.17 -13.89 -15.55
C TYR B 33 -30.85 -12.44 -15.87
N ASN B 34 -30.53 -11.66 -14.84
CA ASN B 34 -30.20 -10.24 -14.98
C ASN B 34 -28.75 -10.00 -14.54
N THR B 35 -27.86 -9.71 -15.51
CA THR B 35 -26.44 -9.56 -15.19
C THR B 35 -26.16 -8.50 -14.12
N PHE B 36 -27.04 -7.48 -13.99
CA PHE B 36 -26.83 -6.47 -12.94
C PHE B 36 -26.92 -7.06 -11.53
N LEU B 37 -27.56 -8.19 -11.37
CA LEU B 37 -27.71 -8.82 -10.07
C LEU B 37 -26.61 -9.85 -9.81
N LEU B 38 -25.73 -10.08 -10.78
CA LEU B 38 -24.59 -10.96 -10.54
C LEU B 38 -23.71 -10.35 -9.46
N ASN B 39 -23.05 -11.22 -8.68
CA ASN B 39 -22.02 -10.79 -7.75
C ASN B 39 -20.70 -10.67 -8.49
N SER B 40 -19.98 -9.57 -8.23
CA SER B 40 -18.66 -9.40 -8.79
C SER B 40 -17.80 -10.64 -8.59
N LYS B 41 -17.84 -11.22 -7.39
CA LYS B 41 -16.96 -12.35 -7.08
C LYS B 41 -17.19 -13.53 -8.03
N ASP B 42 -18.36 -13.59 -8.66
CA ASP B 42 -18.70 -14.69 -9.55
C ASP B 42 -18.39 -14.39 -11.03
N ILE B 43 -17.72 -13.27 -11.32
CA ILE B 43 -17.53 -12.82 -12.68
C ILE B 43 -16.06 -12.91 -13.00
N TYR B 44 -15.75 -13.52 -14.16
CA TYR B 44 -14.36 -13.59 -14.58
C TYR B 44 -13.93 -12.28 -15.23
N ILE B 45 -14.71 -11.80 -16.21
CA ILE B 45 -14.39 -10.62 -17.03
C ILE B 45 -15.59 -9.69 -16.98
N ASP B 46 -15.46 -8.56 -16.29
CA ASP B 46 -16.61 -7.68 -16.01
C ASP B 46 -16.61 -6.49 -16.96
N LEU B 47 -17.44 -6.55 -18.00
CA LEU B 47 -17.52 -5.51 -18.99
C LEU B 47 -18.77 -4.66 -18.83
N LEU B 48 -19.30 -4.59 -17.59
CA LEU B 48 -20.52 -3.82 -17.38
C LEU B 48 -20.29 -2.35 -17.69
N THR B 49 -19.14 -1.82 -17.29
CA THR B 49 -18.80 -0.44 -17.59
C THR B 49 -17.29 -0.24 -17.59
N ASP B 50 -16.84 0.78 -18.27
CA ASP B 50 -15.49 1.26 -18.12
C ASP B 50 -15.39 2.35 -17.07
N SER B 51 -16.44 2.54 -16.29
CA SER B 51 -16.44 3.60 -15.32
C SER B 51 -15.92 3.12 -13.97
N GLY B 52 -14.80 3.68 -13.59
CA GLY B 52 -14.31 3.49 -12.23
C GLY B 52 -13.69 2.11 -12.02
N THR B 53 -13.56 1.36 -13.09
CA THR B 53 -13.05 0.00 -13.09
C THR B 53 -11.59 -0.09 -13.55
N ASN B 54 -10.95 1.04 -13.82
CA ASN B 54 -9.59 1.04 -14.38
C ASN B 54 -8.54 0.48 -13.42
N ALA B 55 -7.43 -0.03 -13.97
CA ALA B 55 -6.29 -0.39 -13.15
C ALA B 55 -5.36 0.81 -13.03
N MET B 56 -4.94 1.14 -11.77
CA MET B 56 -4.00 2.21 -11.60
C MET B 56 -2.56 1.72 -11.77
N SER B 57 -1.69 2.67 -11.96
CA SER B 57 -0.26 2.45 -12.07
C SER B 57 0.43 2.42 -10.72
N ASP B 58 1.65 1.89 -10.73
CA ASP B 58 2.49 1.96 -9.53
C ASP B 58 2.63 3.38 -9.03
N LYS B 59 2.77 4.34 -9.94
CA LYS B 59 2.92 5.74 -9.54
C LYS B 59 1.65 6.27 -8.85
N GLN B 60 0.51 5.93 -9.38
CA GLN B 60 -0.76 6.31 -8.74
C GLN B 60 -0.88 5.69 -7.35
N TRP B 61 -0.45 4.42 -7.20
CA TRP B 61 -0.57 3.81 -5.88
C TRP B 61 0.42 4.39 -4.89
N ALA B 62 1.60 4.82 -5.35
CA ALA B 62 2.48 5.64 -4.51
C ALA B 62 1.75 6.91 -4.06
N GLY B 63 1.07 7.57 -4.98
CA GLY B 63 0.23 8.72 -4.62
C GLY B 63 -0.84 8.40 -3.59
N MET B 64 -1.43 7.20 -3.65
CA MET B 64 -2.43 6.79 -2.68
C MET B 64 -1.88 6.75 -1.24
N MET B 65 -0.57 6.57 -1.06
CA MET B 65 0.08 6.55 0.24
C MET B 65 0.42 7.95 0.75
N MET B 66 0.24 8.99 -0.05
N MET B 66 0.21 8.98 -0.06
CA MET B 66 0.61 10.35 0.34
CA MET B 66 0.61 10.36 0.23
C MET B 66 -0.61 11.26 0.29
C MET B 66 -0.62 11.26 0.27
N GLY B 67 -1.75 10.71 0.63
CA GLY B 67 -2.96 11.51 0.71
C GLY B 67 -2.79 12.45 1.87
N ASP B 68 -2.93 13.75 1.59
CA ASP B 68 -2.99 14.80 2.58
C ASP B 68 -4.49 15.03 2.86
N GLU B 69 -4.96 14.51 3.97
CA GLU B 69 -6.41 14.35 4.16
C GLU B 69 -7.04 15.59 4.79
N ALA B 70 -6.32 16.72 4.75
CA ALA B 70 -6.78 17.97 5.40
C ALA B 70 -8.05 18.47 4.74
N TYR B 71 -8.92 19.04 5.58
CA TYR B 71 -10.22 19.52 5.14
C TYR B 71 -10.10 20.67 4.15
N ALA B 72 -9.05 21.45 4.28
CA ALA B 72 -8.82 22.56 3.39
C ALA B 72 -7.32 22.70 3.16
N GLY B 73 -6.95 23.02 1.93
CA GLY B 73 -5.56 23.27 1.59
C GLY B 73 -4.72 22.02 1.39
N SER B 74 -5.34 20.90 1.04
CA SER B 74 -4.57 19.67 0.85
C SER B 74 -3.54 19.86 -0.27
N GLU B 75 -2.33 19.33 -0.07
CA GLU B 75 -1.38 19.28 -1.17
C GLU B 75 -1.94 18.56 -2.39
N ASN B 76 -2.76 17.52 -2.18
CA ASN B 76 -3.29 16.75 -3.30
C ASN B 76 -4.23 17.60 -4.14
N PHE B 77 -5.01 18.47 -3.50
CA PHE B 77 -5.84 19.39 -4.26
C PHE B 77 -5.00 20.30 -5.14
N TYR B 78 -3.93 20.87 -4.57
CA TYR B 78 -3.11 21.78 -5.38
C TYR B 78 -2.47 21.03 -6.54
N HIS B 79 -2.10 19.77 -6.33
CA HIS B 79 -1.55 19.01 -7.45
C HIS B 79 -2.59 18.78 -8.55
N LEU B 80 -3.83 18.39 -8.17
CA LEU B 80 -4.89 18.22 -9.17
C LEU B 80 -5.15 19.53 -9.90
N GLU B 81 -5.25 20.59 -9.15
CA GLU B 81 -5.51 21.90 -9.75
C GLU B 81 -4.44 22.29 -10.76
N ARG B 82 -3.17 22.11 -10.39
CA ARG B 82 -2.09 22.48 -11.29
C ARG B 82 -2.13 21.61 -12.53
N THR B 83 -2.34 20.31 -12.34
CA THR B 83 -2.34 19.37 -13.45
C THR B 83 -3.46 19.71 -14.44
N VAL B 84 -4.65 19.99 -13.92
CA VAL B 84 -5.79 20.20 -14.79
C VAL B 84 -5.65 21.54 -15.50
N GLN B 85 -5.19 22.55 -14.79
CA GLN B 85 -4.87 23.84 -15.43
C GLN B 85 -3.85 23.64 -16.53
N GLU B 86 -2.81 22.86 -16.26
CA GLU B 86 -1.75 22.68 -17.24
C GLU B 86 -2.29 21.98 -18.49
N LEU B 87 -2.99 20.85 -18.29
CA LEU B 87 -3.36 19.96 -19.38
C LEU B 87 -4.64 20.36 -20.08
N PHE B 88 -5.62 20.95 -19.36
CA PHE B 88 -6.87 21.33 -20.01
C PHE B 88 -6.94 22.82 -20.30
N GLY B 89 -6.12 23.63 -19.65
CA GLY B 89 -6.10 25.05 -19.99
C GLY B 89 -7.27 25.86 -19.47
N PHE B 90 -8.06 25.33 -18.55
CA PHE B 90 -9.09 26.14 -17.90
C PHE B 90 -8.50 26.85 -16.67
N LYS B 91 -9.12 27.98 -16.33
CA LYS B 91 -8.65 28.85 -15.27
C LYS B 91 -8.95 28.28 -13.89
N HIS B 92 -10.13 27.68 -13.73
CA HIS B 92 -10.63 27.33 -12.41
C HIS B 92 -11.09 25.89 -12.41
N ILE B 93 -10.89 25.21 -11.28
CA ILE B 93 -11.31 23.82 -11.14
C ILE B 93 -11.95 23.60 -9.78
N VAL B 94 -12.98 22.77 -9.76
CA VAL B 94 -13.71 22.42 -8.57
C VAL B 94 -13.78 20.88 -8.56
N PRO B 95 -13.19 20.22 -7.62
CA PRO B 95 -13.25 18.74 -7.61
C PRO B 95 -14.66 18.27 -7.26
N THR B 96 -15.00 17.09 -7.74
CA THR B 96 -16.29 16.48 -7.41
C THR B 96 -16.09 14.99 -7.26
N HIS B 97 -17.05 14.30 -6.62
CA HIS B 97 -16.69 12.92 -6.36
C HIS B 97 -16.77 12.05 -7.62
N GLN B 98 -17.54 12.43 -8.60
CA GLN B 98 -17.49 11.85 -9.93
C GLN B 98 -18.26 12.77 -10.85
N GLY B 99 -18.45 12.33 -12.09
CA GLY B 99 -18.93 13.21 -13.13
C GLY B 99 -20.30 13.83 -12.84
N ARG B 100 -21.27 13.03 -12.38
CA ARG B 100 -22.60 13.57 -12.22
C ARG B 100 -22.64 14.55 -11.05
N GLY B 101 -21.61 14.53 -10.18
CA GLY B 101 -21.51 15.60 -9.18
C GLY B 101 -21.22 16.93 -9.83
N ALA B 102 -20.29 16.93 -10.79
CA ALA B 102 -20.02 18.15 -11.54
C ALA B 102 -21.20 18.53 -12.41
N GLU B 103 -21.91 17.54 -12.97
CA GLU B 103 -23.07 17.84 -13.80
C GLU B 103 -24.17 18.55 -12.98
N ASN B 104 -24.38 18.10 -11.74
CA ASN B 104 -25.27 18.80 -10.81
C ASN B 104 -24.86 20.25 -10.64
N LEU B 105 -23.57 20.50 -10.38
CA LEU B 105 -23.13 21.87 -10.18
C LEU B 105 -23.32 22.69 -11.46
N LEU B 106 -22.88 22.17 -12.60
CA LEU B 106 -22.97 22.96 -13.82
C LEU B 106 -24.43 23.28 -14.18
N SER B 107 -25.29 22.27 -14.13
CA SER B 107 -26.67 22.52 -14.57
C SER B 107 -27.38 23.49 -13.64
N GLN B 108 -27.01 23.51 -12.37
CA GLN B 108 -27.66 24.48 -11.46
C GLN B 108 -27.12 25.88 -11.70
N LEU B 109 -25.83 25.99 -12.01
CA LEU B 109 -25.20 27.28 -12.20
C LEU B 109 -25.56 27.95 -13.51
N ALA B 110 -25.64 27.18 -14.60
CA ALA B 110 -25.61 27.71 -15.96
C ALA B 110 -26.95 27.65 -16.68
N ILE B 111 -28.01 27.14 -16.05
CA ILE B 111 -29.28 26.92 -16.74
C ILE B 111 -30.33 27.80 -16.06
N LYS B 112 -30.95 28.69 -16.81
CA LYS B 112 -32.19 29.29 -16.36
C LYS B 112 -33.37 28.47 -16.89
N PRO B 113 -34.34 28.12 -16.05
CA PRO B 113 -35.45 27.26 -16.51
C PRO B 113 -36.06 27.78 -17.80
N GLY B 114 -36.45 26.84 -18.66
CA GLY B 114 -36.94 27.16 -19.98
C GLY B 114 -35.87 27.24 -21.04
N GLN B 115 -34.63 27.57 -20.65
CA GLN B 115 -33.55 27.63 -21.61
C GLN B 115 -33.32 26.26 -22.24
N TYR B 116 -32.65 26.28 -23.37
CA TYR B 116 -32.33 25.07 -24.10
C TYR B 116 -30.89 24.68 -23.83
N VAL B 117 -30.65 23.38 -23.71
CA VAL B 117 -29.31 22.83 -23.78
C VAL B 117 -29.30 21.93 -25.01
N ALA B 118 -28.42 22.20 -25.96
CA ALA B 118 -28.27 21.39 -27.15
C ALA B 118 -26.90 20.70 -27.13
N GLY B 119 -26.90 19.40 -27.47
CA GLY B 119 -25.66 18.64 -27.51
C GLY B 119 -25.69 17.55 -28.56
N ASN B 120 -24.51 16.96 -28.80
CA ASN B 120 -24.36 15.86 -29.75
C ASN B 120 -24.80 14.57 -29.09
N MET B 121 -26.11 14.30 -29.16
CA MET B 121 -26.75 13.25 -28.36
C MET B 121 -26.58 13.62 -26.89
N TYR B 122 -26.63 12.64 -25.99
CA TYR B 122 -26.70 12.93 -24.58
C TYR B 122 -26.27 11.69 -23.81
N PHE B 123 -26.06 11.88 -22.52
CA PHE B 123 -25.85 10.78 -21.57
C PHE B 123 -26.85 10.92 -20.41
N THR B 124 -27.28 9.76 -19.88
CA THR B 124 -28.41 9.71 -18.95
C THR B 124 -28.36 10.78 -17.85
N THR B 125 -27.28 10.78 -17.07
CA THR B 125 -27.18 11.67 -15.94
C THR B 125 -27.03 13.10 -16.39
N THR B 126 -26.33 13.30 -17.51
CA THR B 126 -26.04 14.66 -17.95
C THR B 126 -27.34 15.35 -18.35
N ARG B 127 -28.14 14.67 -19.18
CA ARG B 127 -29.42 15.21 -19.63
C ARG B 127 -30.37 15.37 -18.46
N TYR B 128 -30.35 14.40 -17.52
CA TYR B 128 -31.26 14.48 -16.38
C TYR B 128 -30.99 15.72 -15.56
N HIS B 129 -29.71 16.02 -15.28
CA HIS B 129 -29.41 17.24 -14.53
C HIS B 129 -29.74 18.49 -15.31
N GLN B 130 -29.61 18.46 -16.65
CA GLN B 130 -30.08 19.58 -17.46
C GLN B 130 -31.60 19.76 -17.31
N GLU B 131 -32.37 18.68 -17.54
CA GLU B 131 -33.82 18.79 -17.50
C GLU B 131 -34.33 19.09 -16.11
N LYS B 132 -33.69 18.51 -15.10
CA LYS B 132 -34.07 18.74 -13.71
C LYS B 132 -34.06 20.22 -13.35
N ASN B 133 -33.14 20.97 -13.93
CA ASN B 133 -33.04 22.39 -13.68
C ASN B 133 -33.80 23.22 -14.72
N GLY B 134 -34.70 22.60 -15.47
CA GLY B 134 -35.62 23.32 -16.35
C GLY B 134 -35.17 23.41 -17.80
N ALA B 135 -34.08 22.74 -18.19
CA ALA B 135 -33.65 22.91 -19.57
C ALA B 135 -34.44 22.02 -20.51
N VAL B 136 -34.57 22.46 -21.74
CA VAL B 136 -35.10 21.65 -22.82
C VAL B 136 -33.94 21.12 -23.64
N PHE B 137 -33.84 19.81 -23.76
CA PHE B 137 -32.72 19.21 -24.49
C PHE B 137 -33.08 19.11 -25.96
N VAL B 138 -32.11 19.45 -26.81
CA VAL B 138 -32.22 19.33 -28.25
C VAL B 138 -30.99 18.56 -28.72
N ASP B 139 -31.21 17.58 -29.60
CA ASP B 139 -30.13 16.75 -30.15
C ASP B 139 -29.69 17.36 -31.48
N ILE B 140 -28.45 17.87 -31.51
CA ILE B 140 -27.89 18.49 -32.72
C ILE B 140 -26.74 17.65 -33.30
N VAL B 141 -26.68 16.37 -32.97
CA VAL B 141 -25.70 15.51 -33.59
C VAL B 141 -26.08 15.31 -35.05
N ARG B 142 -25.08 15.08 -35.89
CA ARG B 142 -25.33 14.81 -37.30
C ARG B 142 -26.24 13.58 -37.44
N ASP B 143 -27.07 13.57 -38.48
CA ASP B 143 -28.01 12.48 -38.68
C ASP B 143 -27.30 11.14 -38.82
N GLU B 144 -26.06 11.15 -39.31
CA GLU B 144 -25.32 9.91 -39.48
C GLU B 144 -25.12 9.17 -38.16
N ALA B 145 -24.97 9.91 -37.04
CA ALA B 145 -24.69 9.29 -35.76
C ALA B 145 -25.76 8.30 -35.33
N HIS B 146 -27.00 8.44 -35.79
CA HIS B 146 -28.09 7.56 -35.43
C HIS B 146 -28.21 6.33 -36.32
N ASP B 147 -27.37 6.24 -37.36
CA ASP B 147 -27.31 5.06 -38.24
C ASP B 147 -26.23 4.14 -37.68
N ALA B 148 -26.65 3.13 -36.92
CA ALA B 148 -25.71 2.32 -36.15
C ALA B 148 -24.66 1.65 -37.03
N GLY B 149 -25.00 1.29 -38.26
CA GLY B 149 -24.08 0.58 -39.11
C GLY B 149 -23.24 1.43 -40.02
N LEU B 150 -23.57 2.70 -40.17
CA LEU B 150 -22.80 3.57 -41.05
C LEU B 150 -21.41 3.79 -40.48
N ASN B 151 -20.39 3.36 -41.22
CA ASN B 151 -19.01 3.44 -40.75
C ASN B 151 -18.36 4.70 -41.33
N ILE B 152 -18.47 5.82 -40.61
CA ILE B 152 -17.81 7.06 -41.01
C ILE B 152 -17.00 7.61 -39.85
N ALA B 153 -15.98 8.40 -40.18
CA ALA B 153 -15.09 8.99 -39.21
C ALA B 153 -15.75 10.18 -38.49
N PHE B 154 -15.34 10.37 -37.25
CA PHE B 154 -15.83 11.48 -36.43
C PHE B 154 -17.36 11.57 -36.48
N LYS B 155 -18.01 10.44 -36.17
CA LYS B 155 -19.46 10.32 -36.18
C LYS B 155 -20.16 11.13 -35.09
N GLY B 156 -19.43 11.61 -34.10
CA GLY B 156 -20.03 12.37 -33.01
C GLY B 156 -20.12 13.84 -33.29
N ASP B 157 -19.70 14.24 -34.48
CA ASP B 157 -19.68 15.66 -34.81
C ASP B 157 -21.09 16.26 -34.79
N ILE B 158 -21.18 17.46 -34.25
CA ILE B 158 -22.41 18.23 -34.29
C ILE B 158 -22.72 18.66 -35.72
N ASP B 159 -24.01 18.76 -36.05
CA ASP B 159 -24.47 19.33 -37.32
C ASP B 159 -24.64 20.84 -37.13
N LEU B 160 -23.70 21.61 -37.69
CA LEU B 160 -23.71 23.06 -37.48
C LEU B 160 -25.02 23.69 -37.95
N LYS B 161 -25.68 23.09 -38.93
CA LYS B 161 -26.97 23.59 -39.41
C LYS B 161 -28.05 23.42 -38.34
N LYS B 162 -28.01 22.31 -37.59
CA LYS B 162 -28.96 22.12 -36.50
C LYS B 162 -28.75 23.17 -35.41
N LEU B 163 -27.49 23.46 -35.09
CA LEU B 163 -27.19 24.48 -34.09
C LEU B 163 -27.61 25.87 -34.57
N GLN B 164 -27.32 26.20 -35.83
CA GLN B 164 -27.82 27.45 -36.39
C GLN B 164 -29.34 27.53 -36.33
N LYS B 165 -30.02 26.44 -36.68
CA LYS B 165 -31.47 26.43 -36.72
C LYS B 165 -32.06 26.68 -35.34
N LEU B 166 -31.54 25.98 -34.33
CA LEU B 166 -31.95 26.22 -32.96
C LEU B 166 -31.80 27.69 -32.59
N ILE B 167 -30.69 28.30 -33.00
CA ILE B 167 -30.43 29.68 -32.62
C ILE B 167 -31.45 30.62 -33.26
N ASP B 168 -31.91 30.29 -34.47
CA ASP B 168 -32.85 31.16 -35.16
C ASP B 168 -34.29 30.92 -34.73
N GLU B 169 -34.65 29.67 -34.44
CA GLU B 169 -36.01 29.36 -34.02
C GLU B 169 -36.26 29.64 -32.54
N LYS B 170 -35.21 29.86 -31.74
CA LYS B 170 -35.36 30.02 -30.29
C LYS B 170 -34.69 31.27 -29.74
N GLY B 171 -33.61 31.74 -30.37
CA GLY B 171 -32.88 32.88 -29.88
C GLY B 171 -31.75 32.51 -28.93
N ALA B 172 -30.57 33.10 -29.16
CA ALA B 172 -29.37 32.72 -28.40
C ALA B 172 -29.59 32.93 -26.91
N GLU B 173 -30.31 33.98 -26.53
CA GLU B 173 -30.49 34.29 -25.12
C GLU B 173 -31.20 33.15 -24.41
N ASN B 174 -31.94 32.34 -25.13
CA ASN B 174 -32.70 31.23 -24.55
C ASN B 174 -31.96 29.90 -24.63
N ILE B 175 -30.69 29.90 -25.05
CA ILE B 175 -29.84 28.70 -25.05
C ILE B 175 -28.85 28.82 -23.89
N ALA B 176 -29.01 27.98 -22.87
CA ALA B 176 -28.11 28.02 -21.71
C ALA B 176 -26.69 27.73 -22.13
N TYR B 177 -26.48 26.62 -22.85
CA TYR B 177 -25.18 26.29 -23.38
C TYR B 177 -25.32 25.12 -24.34
N ILE B 178 -24.27 24.93 -25.09
CA ILE B 178 -24.07 23.72 -25.89
C ILE B 178 -23.25 22.76 -25.05
N CYS B 179 -23.74 21.52 -24.95
CA CYS B 179 -23.09 20.45 -24.21
C CYS B 179 -22.41 19.57 -25.26
N LEU B 180 -21.12 19.81 -25.50
CA LEU B 180 -20.36 19.02 -26.48
C LEU B 180 -19.66 17.87 -25.77
N ALA B 181 -20.09 16.63 -26.06
CA ALA B 181 -19.52 15.43 -25.45
C ALA B 181 -18.36 14.89 -26.30
N VAL B 182 -17.29 14.47 -25.63
CA VAL B 182 -16.17 13.81 -26.33
C VAL B 182 -15.74 12.63 -25.47
N THR B 183 -15.75 11.42 -26.02
CA THR B 183 -16.48 10.95 -27.20
C THR B 183 -18.00 10.99 -26.95
N VAL B 184 -18.79 10.53 -27.92
CA VAL B 184 -20.25 10.39 -27.78
C VAL B 184 -20.59 8.93 -27.45
N ASN B 185 -21.02 8.71 -26.21
CA ASN B 185 -21.25 7.38 -25.66
C ASN B 185 -22.41 6.70 -26.36
N LEU B 186 -23.54 7.39 -26.49
CA LEU B 186 -24.75 6.78 -27.01
C LEU B 186 -24.64 6.41 -28.49
N ALA B 187 -23.76 7.06 -29.25
CA ALA B 187 -23.47 6.64 -30.62
C ALA B 187 -22.51 5.45 -30.68
N GLY B 188 -22.00 5.02 -29.54
CA GLY B 188 -21.05 3.92 -29.47
C GLY B 188 -19.62 4.33 -29.14
N GLY B 189 -19.41 5.49 -28.54
CA GLY B 189 -18.05 5.97 -28.28
C GLY B 189 -17.44 6.65 -29.50
N GLN B 190 -18.19 7.51 -30.16
CA GLN B 190 -17.76 8.08 -31.44
C GLN B 190 -17.02 9.39 -31.24
N PRO B 191 -15.92 9.64 -31.92
CA PRO B 191 -15.17 10.88 -31.67
C PRO B 191 -15.74 12.08 -32.40
N VAL B 192 -15.24 13.23 -31.94
CA VAL B 192 -15.57 14.53 -32.49
C VAL B 192 -14.27 15.16 -33.02
N SER B 193 -14.31 15.71 -34.23
CA SER B 193 -13.14 16.30 -34.85
C SER B 193 -12.79 17.65 -34.20
N MET B 194 -11.51 18.01 -34.30
CA MET B 194 -11.09 19.35 -33.89
C MET B 194 -11.74 20.37 -34.80
N ALA B 195 -11.87 20.05 -36.09
CA ALA B 195 -12.53 20.98 -36.98
C ALA B 195 -13.94 21.28 -36.48
N ASN B 196 -14.64 20.28 -35.97
CA ASN B 196 -15.99 20.48 -35.51
C ASN B 196 -16.01 21.26 -34.20
N MET B 197 -15.08 20.98 -33.28
CA MET B 197 -14.99 21.75 -32.05
C MET B 197 -14.70 23.22 -32.35
N ARG B 198 -13.86 23.48 -33.37
CA ARG B 198 -13.58 24.85 -33.77
CA ARG B 198 -13.58 24.85 -33.77
C ARG B 198 -14.83 25.51 -34.36
N ALA B 199 -15.51 24.80 -35.26
CA ALA B 199 -16.72 25.37 -35.87
C ALA B 199 -17.76 25.67 -34.79
N VAL B 200 -17.98 24.74 -33.87
CA VAL B 200 -18.96 24.98 -32.82
C VAL B 200 -18.56 26.18 -31.97
N ARG B 201 -17.28 26.28 -31.59
CA ARG B 201 -16.85 27.43 -30.80
C ARG B 201 -17.10 28.74 -31.53
N GLU B 202 -16.84 28.76 -32.84
CA GLU B 202 -16.98 30.00 -33.59
C GLU B 202 -18.42 30.47 -33.62
N LEU B 203 -19.33 29.60 -34.05
CA LEU B 203 -20.73 29.97 -34.11
C LEU B 203 -21.24 30.44 -32.75
N THR B 204 -21.00 29.67 -31.69
CA THR B 204 -21.53 30.03 -30.38
C THR B 204 -20.97 31.37 -29.92
N ALA B 205 -19.66 31.55 -30.04
CA ALA B 205 -19.05 32.78 -29.59
C ALA B 205 -19.69 33.99 -30.27
N ALA B 206 -20.01 33.84 -31.55
CA ALA B 206 -20.66 34.89 -32.31
C ALA B 206 -22.03 35.28 -31.73
N HIS B 207 -22.61 34.43 -30.89
CA HIS B 207 -23.91 34.69 -30.28
C HIS B 207 -23.86 34.73 -28.76
N GLY B 208 -22.67 34.74 -28.16
CA GLY B 208 -22.56 34.78 -26.72
C GLY B 208 -22.99 33.51 -26.02
N ILE B 209 -23.14 32.41 -26.76
CA ILE B 209 -23.56 31.14 -26.17
C ILE B 209 -22.33 30.45 -25.60
N LYS B 210 -22.47 29.89 -24.40
CA LYS B 210 -21.39 29.14 -23.78
C LYS B 210 -21.37 27.71 -24.28
N VAL B 211 -20.18 27.09 -24.16
CA VAL B 211 -19.96 25.71 -24.55
C VAL B 211 -19.27 25.03 -23.38
N PHE B 212 -19.92 24.02 -22.85
CA PHE B 212 -19.31 23.17 -21.82
C PHE B 212 -19.14 21.76 -22.36
N TYR B 213 -17.95 21.21 -22.20
CA TYR B 213 -17.66 19.89 -22.72
C TYR B 213 -18.05 18.88 -21.67
N ASP B 214 -18.67 17.80 -22.11
CA ASP B 214 -18.70 16.57 -21.32
C ASP B 214 -17.45 15.81 -21.71
N ALA B 215 -16.44 15.84 -20.83
CA ALA B 215 -15.08 15.51 -21.22
C ALA B 215 -14.65 14.11 -20.79
N THR B 216 -15.63 13.26 -20.42
CA THR B 216 -15.32 12.02 -19.72
CA THR B 216 -15.30 12.02 -19.72
C THR B 216 -14.33 11.16 -20.51
N ARG B 217 -14.42 11.17 -21.83
CA ARG B 217 -13.54 10.32 -22.67
C ARG B 217 -12.79 11.18 -23.68
N CYS B 218 -12.29 12.31 -23.19
CA CYS B 218 -11.62 13.26 -24.05
C CYS B 218 -10.27 12.74 -24.56
N VAL B 219 -9.61 11.85 -23.84
CA VAL B 219 -8.31 11.34 -24.27
C VAL B 219 -8.49 10.30 -25.39
N GLU B 220 -9.49 9.40 -25.24
CA GLU B 220 -9.85 8.53 -26.35
C GLU B 220 -10.12 9.38 -27.57
N ASN B 221 -10.93 10.41 -27.37
CA ASN B 221 -11.27 11.30 -28.49
C ASN B 221 -10.00 11.91 -29.10
N ALA B 222 -9.12 12.43 -28.26
CA ALA B 222 -7.86 12.95 -28.75
C ALA B 222 -7.10 11.92 -29.61
N TYR B 223 -7.13 10.64 -29.22
CA TYR B 223 -6.40 9.64 -29.99
C TYR B 223 -6.96 9.57 -31.40
N PHE B 224 -8.30 9.52 -31.52
CA PHE B 224 -8.89 9.41 -32.84
C PHE B 224 -8.44 10.57 -33.71
N ILE B 225 -8.38 11.76 -33.12
CA ILE B 225 -7.92 12.94 -33.86
C ILE B 225 -6.48 12.74 -34.31
N LYS B 226 -5.61 12.27 -33.43
CA LYS B 226 -4.23 12.05 -33.87
C LYS B 226 -4.18 11.01 -34.98
N GLU B 227 -5.01 9.97 -34.87
CA GLU B 227 -4.96 8.87 -35.81
C GLU B 227 -5.52 9.23 -37.18
N GLN B 228 -6.61 10.03 -37.23
CA GLN B 228 -7.42 10.13 -38.43
C GLN B 228 -7.71 11.54 -38.94
N GLU B 229 -7.44 12.59 -38.18
CA GLU B 229 -7.74 13.93 -38.65
C GLU B 229 -6.50 14.51 -39.30
N GLN B 230 -6.61 14.89 -40.58
CA GLN B 230 -5.45 15.43 -41.28
C GLN B 230 -4.91 16.64 -40.55
N GLY B 231 -3.59 16.69 -40.41
CA GLY B 231 -2.93 17.79 -39.73
C GLY B 231 -2.49 17.50 -38.31
N PHE B 232 -2.97 16.43 -37.70
CA PHE B 232 -2.67 16.15 -36.31
C PHE B 232 -1.77 14.94 -36.13
N GLU B 233 -1.35 14.31 -37.24
CA GLU B 233 -0.59 13.08 -37.14
C GLU B 233 0.66 13.25 -36.28
N ASN B 234 1.27 14.44 -36.29
CA ASN B 234 2.51 14.69 -35.57
C ASN B 234 2.34 15.53 -34.30
N LYS B 235 1.11 15.84 -33.91
CA LYS B 235 0.87 16.52 -32.65
C LYS B 235 0.74 15.48 -31.55
N SER B 236 1.20 15.84 -30.36
CA SER B 236 1.11 14.90 -29.26
C SER B 236 -0.32 14.86 -28.75
N ILE B 237 -0.62 13.80 -28.01
CA ILE B 237 -1.95 13.67 -27.39
C ILE B 237 -2.21 14.88 -26.48
N ALA B 238 -1.22 15.25 -25.65
CA ALA B 238 -1.37 16.43 -24.79
C ALA B 238 -1.70 17.70 -25.59
N GLU B 239 -0.97 17.93 -26.71
CA GLU B 239 -1.26 19.11 -27.52
C GLU B 239 -2.68 19.06 -28.05
N ILE B 240 -3.14 17.88 -28.40
CA ILE B 240 -4.49 17.76 -28.95
C ILE B 240 -5.51 18.02 -27.84
N VAL B 241 -5.27 17.46 -26.67
CA VAL B 241 -6.17 17.70 -25.54
C VAL B 241 -6.23 19.18 -25.22
N HIS B 242 -5.07 19.84 -25.12
CA HIS B 242 -5.07 21.24 -24.74
C HIS B 242 -5.79 22.09 -25.77
N GLU B 243 -5.64 21.75 -27.06
CA GLU B 243 -6.32 22.53 -28.08
C GLU B 243 -7.83 22.31 -28.01
N MET B 244 -8.25 21.07 -27.85
CA MET B 244 -9.67 20.73 -27.74
C MET B 244 -10.39 21.62 -26.74
N PHE B 245 -9.90 21.63 -25.50
CA PHE B 245 -10.56 22.41 -24.44
C PHE B 245 -10.42 23.91 -24.64
N SER B 246 -9.46 24.35 -25.47
CA SER B 246 -9.38 25.77 -25.78
C SER B 246 -10.62 26.26 -26.51
N TYR B 247 -11.47 25.36 -27.03
CA TYR B 247 -12.71 25.75 -27.69
C TYR B 247 -13.90 25.66 -26.77
N ALA B 248 -13.68 25.48 -25.46
CA ALA B 248 -14.75 25.35 -24.50
C ALA B 248 -14.64 26.46 -23.46
N ASP B 249 -15.77 26.74 -22.83
CA ASP B 249 -15.81 27.63 -21.67
C ASP B 249 -15.64 26.89 -20.35
N GLY B 250 -15.69 25.56 -20.38
CA GLY B 250 -15.50 24.75 -19.20
C GLY B 250 -15.80 23.30 -19.53
N CYS B 251 -15.86 22.48 -18.49
CA CYS B 251 -16.20 21.09 -18.72
C CYS B 251 -16.68 20.44 -17.44
N THR B 252 -17.35 19.30 -17.61
CA THR B 252 -17.59 18.33 -16.56
C THR B 252 -16.76 17.10 -16.91
N MET B 253 -16.09 16.54 -15.95
CA MET B 253 -15.22 15.38 -16.19
CA MET B 253 -15.33 15.33 -16.25
C MET B 253 -15.52 14.27 -15.20
N SER B 254 -15.69 13.05 -15.68
CA SER B 254 -15.64 11.86 -14.85
C SER B 254 -14.23 11.31 -14.93
N GLY B 255 -13.48 11.43 -13.84
CA GLY B 255 -12.14 10.87 -13.84
C GLY B 255 -12.14 9.36 -13.92
N LYS B 256 -13.29 8.77 -13.57
CA LYS B 256 -13.55 7.39 -13.55
C LYS B 256 -13.42 6.79 -14.95
N LYS B 257 -13.41 7.64 -15.98
N LYS B 257 -13.45 7.67 -15.97
CA LYS B 257 -13.13 7.11 -17.33
CA LYS B 257 -13.23 7.20 -17.35
C LYS B 257 -11.72 7.42 -17.67
C LYS B 257 -11.76 7.46 -17.65
N ASP B 258 -11.47 8.54 -18.35
CA ASP B 258 -10.13 8.69 -18.92
C ASP B 258 -9.04 9.23 -17.99
N CYS B 259 -9.35 9.57 -16.70
CA CYS B 259 -8.26 9.87 -15.77
C CYS B 259 -7.75 8.64 -15.05
N LEU B 260 -8.22 7.45 -15.44
CA LEU B 260 -7.56 6.18 -15.02
C LEU B 260 -7.68 5.99 -13.50
N VAL B 261 -8.82 6.39 -12.93
CA VAL B 261 -9.05 6.17 -11.50
C VAL B 261 -10.36 5.41 -11.26
N ASN B 262 -10.58 5.05 -9.99
CA ASN B 262 -11.75 4.30 -9.62
C ASN B 262 -12.87 5.19 -9.02
N ILE B 263 -12.54 6.42 -8.70
CA ILE B 263 -13.48 7.42 -8.21
C ILE B 263 -12.86 8.78 -8.52
N GLY B 264 -13.70 9.81 -8.68
CA GLY B 264 -13.17 11.12 -8.96
C GLY B 264 -13.74 11.79 -10.17
N GLY B 265 -13.90 13.10 -10.08
CA GLY B 265 -14.33 13.94 -11.19
C GLY B 265 -14.01 15.40 -10.91
N PHE B 266 -14.33 16.26 -11.86
CA PHE B 266 -14.19 17.68 -11.57
C PHE B 266 -14.96 18.52 -12.58
N LEU B 267 -15.14 19.79 -12.19
CA LEU B 267 -15.80 20.82 -12.95
C LEU B 267 -14.75 21.87 -13.25
N CYS B 268 -14.61 22.26 -14.51
CA CYS B 268 -13.76 23.38 -14.88
C CYS B 268 -14.57 24.48 -15.52
N MET B 269 -14.10 25.70 -15.34
CA MET B 269 -14.72 26.86 -15.98
C MET B 269 -13.65 27.92 -16.06
N ASN B 270 -13.83 28.86 -16.98
CA ASN B 270 -12.96 30.02 -17.05
C ASN B 270 -13.55 31.25 -16.39
N ASP B 271 -14.85 31.29 -16.23
CA ASP B 271 -15.54 32.48 -15.73
C ASP B 271 -15.35 32.60 -14.23
N ASP B 272 -14.84 33.75 -13.78
CA ASP B 272 -14.64 33.98 -12.36
C ASP B 272 -15.93 33.89 -11.55
N GLU B 273 -17.02 34.46 -12.05
CA GLU B 273 -18.24 34.51 -11.24
C GLU B 273 -18.94 33.17 -11.19
N MET B 274 -18.91 32.40 -12.29
CA MET B 274 -19.44 31.05 -12.21
C MET B 274 -18.67 30.24 -11.19
N PHE B 275 -17.35 30.46 -11.10
CA PHE B 275 -16.50 29.76 -10.15
C PHE B 275 -16.89 30.09 -8.71
N SER B 276 -17.01 31.38 -8.40
CA SER B 276 -17.49 31.75 -7.06
C SER B 276 -18.77 31.00 -6.71
N SER B 277 -19.71 30.97 -7.64
CA SER B 277 -21.00 30.33 -7.38
C SER B 277 -20.86 28.80 -7.28
N ALA B 278 -19.94 28.19 -8.06
CA ALA B 278 -19.72 26.75 -7.94
C ALA B 278 -19.17 26.37 -6.57
N LYS B 279 -18.23 27.15 -6.05
CA LYS B 279 -17.69 26.91 -4.72
C LYS B 279 -18.76 27.00 -3.63
N GLU B 280 -19.78 27.87 -3.76
CA GLU B 280 -20.88 27.81 -2.80
C GLU B 280 -21.64 26.50 -2.94
N LEU B 281 -22.05 26.17 -4.16
CA LEU B 281 -22.89 25.01 -4.39
C LEU B 281 -22.18 23.69 -4.10
N VAL B 282 -20.86 23.62 -4.29
CA VAL B 282 -20.20 22.34 -4.09
C VAL B 282 -20.26 21.95 -2.61
N VAL B 283 -20.27 22.95 -1.72
CA VAL B 283 -20.39 22.67 -0.30
C VAL B 283 -21.70 21.98 0.01
N VAL B 284 -22.76 22.30 -0.74
CA VAL B 284 -24.07 21.75 -0.42
C VAL B 284 -24.10 20.26 -0.64
N TYR B 285 -23.53 19.80 -1.75
CA TYR B 285 -23.75 18.46 -2.27
C TYR B 285 -22.55 17.57 -2.15
N GLU B 286 -21.35 18.13 -2.36
CA GLU B 286 -20.12 17.32 -2.49
C GLU B 286 -19.16 17.48 -1.31
N GLY B 287 -18.76 18.71 -0.99
CA GLY B 287 -17.68 18.94 -0.06
C GLY B 287 -17.07 20.32 -0.25
N MET B 288 -15.92 20.52 0.38
CA MET B 288 -15.25 21.80 0.24
C MET B 288 -14.71 21.97 -1.18
N PRO B 289 -14.49 23.21 -1.60
CA PRO B 289 -13.83 23.44 -2.90
C PRO B 289 -12.44 22.83 -2.98
N SER B 290 -11.85 22.50 -1.80
CA SER B 290 -10.52 21.92 -1.69
CA SER B 290 -10.52 21.92 -1.68
C SER B 290 -10.52 20.40 -1.59
N TYR B 291 -11.69 19.74 -1.68
CA TYR B 291 -11.66 18.27 -1.78
C TYR B 291 -12.86 17.68 -2.54
N GLY B 292 -14.01 18.38 -2.57
CA GLY B 292 -15.05 18.00 -3.48
C GLY B 292 -15.64 16.61 -3.30
N GLY B 293 -15.75 16.15 -2.06
CA GLY B 293 -16.26 14.80 -1.83
C GLY B 293 -15.26 13.70 -2.14
N LEU B 294 -14.00 14.03 -2.35
CA LEU B 294 -12.90 13.11 -2.51
C LEU B 294 -11.91 13.13 -1.36
N ALA B 295 -11.39 11.93 -1.05
CA ALA B 295 -10.24 11.84 -0.18
C ALA B 295 -9.03 12.48 -0.86
N GLY B 296 -8.11 12.98 -0.06
CA GLY B 296 -6.93 13.63 -0.63
C GLY B 296 -6.18 12.70 -1.56
N ARG B 297 -6.11 11.41 -1.18
CA ARG B 297 -5.38 10.43 -1.97
C ARG B 297 -5.99 10.27 -3.35
N ASP B 298 -7.30 10.42 -3.45
CA ASP B 298 -8.00 10.30 -4.74
C ASP B 298 -7.77 11.50 -5.62
N MET B 299 -7.83 12.73 -5.09
CA MET B 299 -7.31 13.87 -5.85
C MET B 299 -5.89 13.61 -6.40
N GLU B 300 -5.04 13.00 -5.58
CA GLU B 300 -3.67 12.69 -5.99
C GLU B 300 -3.66 11.66 -7.13
N ALA B 301 -4.39 10.55 -6.92
CA ALA B 301 -4.42 9.50 -7.95
C ALA B 301 -4.97 10.06 -9.25
N MET B 302 -6.00 10.90 -9.17
CA MET B 302 -6.56 11.43 -10.40
C MET B 302 -5.60 12.42 -11.06
N ALA B 303 -4.91 13.28 -10.28
CA ALA B 303 -3.90 14.14 -10.90
C ALA B 303 -2.87 13.30 -11.70
N ILE B 304 -2.44 12.21 -11.12
CA ILE B 304 -1.38 11.38 -11.70
C ILE B 304 -1.91 10.64 -12.92
N GLY B 305 -3.10 10.04 -12.81
CA GLY B 305 -3.67 9.30 -13.92
C GLY B 305 -3.99 10.14 -15.14
N LEU B 306 -4.53 11.35 -14.93
CA LEU B 306 -4.80 12.20 -16.08
C LEU B 306 -3.52 12.46 -16.87
N ARG B 307 -2.42 12.69 -16.18
CA ARG B 307 -1.16 12.93 -16.88
C ARG B 307 -0.64 11.64 -17.54
N GLU B 308 -0.82 10.48 -16.87
CA GLU B 308 -0.44 9.21 -17.49
C GLU B 308 -1.25 8.96 -18.77
N ALA B 309 -2.50 9.43 -18.77
CA ALA B 309 -3.39 9.26 -19.93
C ALA B 309 -2.87 9.96 -21.17
N MET B 310 -1.99 10.95 -21.02
CA MET B 310 -1.46 11.67 -22.17
C MET B 310 -0.43 10.86 -22.95
N GLN B 311 0.01 9.72 -22.43
CA GLN B 311 1.08 8.97 -23.07
C GLN B 311 0.53 8.30 -24.31
N TYR B 312 1.12 8.62 -25.47
CA TYR B 312 0.60 8.11 -26.73
C TYR B 312 0.44 6.59 -26.73
N GLU B 313 1.47 5.85 -26.29
CA GLU B 313 1.38 4.39 -26.46
C GLU B 313 0.24 3.82 -25.61
N TYR B 314 0.00 4.44 -24.47
CA TYR B 314 -1.08 3.97 -23.60
C TYR B 314 -2.43 4.12 -24.30
N ILE B 315 -2.72 5.31 -24.81
CA ILE B 315 -4.08 5.52 -25.31
C ILE B 315 -4.19 4.81 -26.65
N GLU B 316 -3.08 4.72 -27.41
CA GLU B 316 -3.14 3.94 -28.65
C GLU B 316 -3.56 2.51 -28.37
N HIS B 317 -2.86 1.86 -27.44
CA HIS B 317 -3.21 0.50 -27.07
C HIS B 317 -4.63 0.42 -26.48
N ARG B 318 -5.01 1.39 -25.65
CA ARG B 318 -6.36 1.37 -25.09
C ARG B 318 -7.40 1.28 -26.20
N VAL B 319 -7.31 2.17 -27.17
CA VAL B 319 -8.30 2.18 -28.23
C VAL B 319 -8.17 0.95 -29.15
N LYS B 320 -6.95 0.55 -29.49
CA LYS B 320 -6.79 -0.60 -30.39
C LYS B 320 -7.15 -1.92 -29.72
N GLN B 321 -7.12 -2.00 -28.38
CA GLN B 321 -7.60 -3.21 -27.74
C GLN B 321 -9.11 -3.36 -27.92
N VAL B 322 -9.84 -2.26 -27.76
CA VAL B 322 -11.28 -2.29 -28.02
C VAL B 322 -11.54 -2.63 -29.49
N ARG B 323 -10.77 -2.04 -30.41
CA ARG B 323 -10.89 -2.30 -31.85
C ARG B 323 -10.66 -3.76 -32.20
N TYR B 324 -9.76 -4.40 -31.47
CA TYR B 324 -9.46 -5.81 -31.69
C TYR B 324 -10.69 -6.67 -31.45
N LEU B 325 -11.35 -6.47 -30.32
CA LEU B 325 -12.59 -7.18 -30.02
C LEU B 325 -13.63 -6.92 -31.10
N GLY B 326 -13.86 -5.63 -31.40
CA GLY B 326 -14.82 -5.28 -32.43
C GLY B 326 -14.49 -5.84 -33.80
N ASP B 327 -13.22 -5.75 -34.20
CA ASP B 327 -12.79 -6.31 -35.47
C ASP B 327 -13.03 -7.81 -35.52
N LYS B 328 -12.76 -8.49 -34.43
CA LYS B 328 -12.90 -9.94 -34.41
C LYS B 328 -14.38 -10.33 -34.49
N LEU B 329 -15.26 -9.56 -33.82
CA LEU B 329 -16.68 -9.79 -33.91
C LEU B 329 -17.20 -9.51 -35.30
N LYS B 330 -16.79 -8.38 -35.86
CA LYS B 330 -17.29 -8.02 -37.18
C LYS B 330 -16.84 -9.03 -38.24
N ALA B 331 -15.64 -9.57 -38.12
CA ALA B 331 -15.20 -10.52 -39.18
C ALA B 331 -16.03 -11.79 -39.18
N ALA B 332 -16.55 -12.21 -38.03
CA ALA B 332 -17.39 -13.38 -37.82
C ALA B 332 -18.85 -13.15 -38.16
N GLY B 333 -19.21 -11.94 -38.60
CA GLY B 333 -20.59 -11.65 -38.96
C GLY B 333 -21.45 -11.19 -37.80
N VAL B 334 -20.87 -10.96 -36.64
CA VAL B 334 -21.64 -10.50 -35.47
C VAL B 334 -22.05 -9.05 -35.72
N PRO B 335 -23.33 -8.70 -35.60
CA PRO B 335 -23.77 -7.33 -35.90
C PRO B 335 -23.39 -6.39 -34.76
N ILE B 336 -22.57 -5.38 -35.09
CA ILE B 336 -22.13 -4.41 -34.10
C ILE B 336 -22.41 -3.01 -34.61
N VAL B 337 -22.48 -2.06 -33.66
CA VAL B 337 -22.46 -0.66 -34.02
C VAL B 337 -21.09 -0.33 -34.59
N GLU B 338 -21.09 0.48 -35.65
CA GLU B 338 -19.87 0.84 -36.36
C GLU B 338 -19.78 2.36 -36.51
N PRO B 339 -18.55 2.89 -36.67
CA PRO B 339 -17.35 2.09 -36.42
C PRO B 339 -17.17 1.85 -34.91
N VAL B 340 -16.31 0.90 -34.54
CA VAL B 340 -16.07 0.68 -33.10
C VAL B 340 -15.57 1.96 -32.48
N GLY B 341 -16.13 2.32 -31.30
CA GLY B 341 -15.72 3.49 -30.58
C GLY B 341 -14.55 3.28 -29.62
N GLY B 342 -14.35 4.24 -28.73
CA GLY B 342 -13.08 4.23 -28.03
C GLY B 342 -13.02 3.37 -26.80
N HIS B 343 -14.16 3.03 -26.24
CA HIS B 343 -14.23 2.40 -24.93
C HIS B 343 -15.08 1.14 -24.86
N ALA B 344 -15.76 0.75 -25.94
CA ALA B 344 -16.66 -0.36 -25.85
C ALA B 344 -16.99 -0.84 -27.24
N VAL B 345 -17.53 -2.06 -27.29
CA VAL B 345 -18.16 -2.61 -28.49
C VAL B 345 -19.63 -2.83 -28.15
N PHE B 346 -20.51 -2.39 -29.05
CA PHE B 346 -21.94 -2.51 -28.88
C PHE B 346 -22.49 -3.56 -29.86
N LEU B 347 -23.06 -4.62 -29.32
CA LEU B 347 -23.72 -5.63 -30.12
C LEU B 347 -25.15 -5.20 -30.39
N ASP B 348 -25.57 -5.34 -31.63
CA ASP B 348 -26.95 -5.10 -32.02
C ASP B 348 -27.76 -6.35 -31.73
N ALA B 349 -28.39 -6.38 -30.55
CA ALA B 349 -29.14 -7.56 -30.09
C ALA B 349 -30.44 -7.79 -30.87
N ARG B 350 -30.94 -6.75 -31.53
CA ARG B 350 -32.09 -6.92 -32.43
C ARG B 350 -31.73 -7.83 -33.60
N ARG B 351 -30.64 -7.51 -34.32
CA ARG B 351 -30.20 -8.33 -35.43
C ARG B 351 -29.67 -9.67 -34.94
N PHE B 352 -28.98 -9.68 -33.79
CA PHE B 352 -28.50 -10.93 -33.22
C PHE B 352 -29.64 -11.93 -33.05
N CYS B 353 -30.78 -11.46 -32.51
CA CYS B 353 -31.90 -12.32 -32.14
C CYS B 353 -33.17 -11.92 -32.88
N GLU B 354 -33.09 -11.86 -34.23
CA GLU B 354 -34.23 -11.48 -35.05
C GLU B 354 -35.46 -12.32 -34.72
N HIS B 355 -35.24 -13.58 -34.30
CA HIS B 355 -36.31 -14.52 -33.97
C HIS B 355 -37.05 -14.13 -32.69
N LEU B 356 -36.52 -13.18 -31.93
CA LEU B 356 -37.22 -12.61 -30.79
C LEU B 356 -37.80 -11.23 -31.16
N THR B 357 -38.92 -10.90 -30.53
CA THR B 357 -39.43 -9.54 -30.55
C THR B 357 -38.76 -8.72 -29.44
N GLN B 358 -38.82 -7.39 -29.56
CA GLN B 358 -38.22 -6.54 -28.54
C GLN B 358 -38.84 -6.77 -27.16
N ASP B 359 -40.13 -7.11 -27.12
CA ASP B 359 -40.83 -7.39 -25.87
C ASP B 359 -40.32 -8.64 -25.17
N GLU B 360 -39.62 -9.53 -25.88
CA GLU B 360 -39.00 -10.71 -25.28
C GLU B 360 -37.56 -10.45 -24.86
N PHE B 361 -37.15 -9.18 -24.75
CA PHE B 361 -35.88 -8.73 -24.16
C PHE B 361 -34.68 -9.45 -24.77
N PRO B 362 -34.39 -9.20 -26.06
CA PRO B 362 -33.23 -9.85 -26.68
C PRO B 362 -31.91 -9.39 -26.08
N ALA B 363 -31.74 -8.08 -25.88
CA ALA B 363 -30.50 -7.63 -25.25
C ALA B 363 -30.28 -8.30 -23.89
N GLN B 364 -31.35 -8.44 -23.10
CA GLN B 364 -31.21 -8.95 -21.73
C GLN B 364 -30.84 -10.44 -21.73
N SER B 365 -31.39 -11.21 -22.66
CA SER B 365 -31.08 -12.64 -22.67
C SER B 365 -29.69 -12.88 -23.24
N LEU B 366 -29.39 -12.26 -24.36
CA LEU B 366 -28.04 -12.30 -24.91
C LEU B 366 -27.01 -12.00 -23.83
N ALA B 367 -27.20 -10.91 -23.08
CA ALA B 367 -26.31 -10.65 -21.96
C ALA B 367 -26.20 -11.86 -21.02
N ALA B 368 -27.34 -12.45 -20.65
CA ALA B 368 -27.31 -13.59 -19.76
C ALA B 368 -26.56 -14.76 -20.38
N SER B 369 -26.84 -15.06 -21.67
CA SER B 369 -26.15 -16.14 -22.34
C SER B 369 -24.65 -15.90 -22.35
N ILE B 370 -24.22 -14.64 -22.50
CA ILE B 370 -22.79 -14.36 -22.65
C ILE B 370 -22.05 -14.76 -21.39
N TYR B 371 -22.64 -14.42 -20.23
CA TYR B 371 -22.04 -14.76 -18.95
C TYR B 371 -21.96 -16.27 -18.76
N VAL B 372 -23.09 -16.95 -18.95
CA VAL B 372 -23.14 -18.40 -18.86
C VAL B 372 -22.01 -19.04 -19.66
N GLU B 373 -21.85 -18.62 -20.93
CA GLU B 373 -20.90 -19.28 -21.82
C GLU B 373 -19.44 -18.89 -21.58
N THR B 374 -19.18 -17.73 -20.94
CA THR B 374 -17.79 -17.22 -20.85
C THR B 374 -17.40 -16.67 -19.50
N GLY B 375 -18.32 -16.37 -18.61
CA GLY B 375 -17.96 -15.64 -17.39
C GLY B 375 -17.77 -14.15 -17.60
N VAL B 376 -18.24 -13.64 -18.72
CA VAL B 376 -18.15 -12.22 -19.05
C VAL B 376 -19.48 -11.55 -18.72
N ARG B 377 -19.42 -10.44 -17.95
CA ARG B 377 -20.60 -9.63 -17.77
C ARG B 377 -20.63 -8.47 -18.73
N SER B 378 -21.81 -8.21 -19.26
CA SER B 378 -22.04 -7.15 -20.23
C SER B 378 -23.34 -6.48 -19.82
N ALA B 379 -23.57 -5.27 -20.35
CA ALA B 379 -24.63 -4.40 -19.93
C ALA B 379 -25.76 -4.46 -20.95
N GLU B 380 -26.95 -4.79 -20.49
CA GLU B 380 -28.12 -4.53 -21.32
C GLU B 380 -28.25 -3.03 -21.49
N ARG B 381 -28.27 -2.57 -22.75
N ARG B 381 -28.30 -2.58 -22.74
CA ARG B 381 -28.52 -1.17 -23.10
CA ARG B 381 -28.54 -1.17 -23.06
C ARG B 381 -29.62 -1.17 -24.15
C ARG B 381 -29.63 -1.10 -24.12
N GLY B 382 -30.83 -1.54 -23.73
CA GLY B 382 -31.97 -1.56 -24.61
C GLY B 382 -33.28 -1.37 -23.88
N ILE B 383 -34.26 -2.24 -24.17
CA ILE B 383 -35.64 -1.96 -23.76
C ILE B 383 -35.76 -1.97 -22.23
N ILE B 384 -35.00 -2.84 -21.55
CA ILE B 384 -35.12 -2.91 -20.10
C ILE B 384 -34.55 -1.64 -19.48
N SER B 385 -33.37 -1.19 -19.95
CA SER B 385 -32.76 0.02 -19.41
C SER B 385 -33.55 1.27 -19.79
N ALA B 386 -34.16 1.29 -20.97
CA ALA B 386 -35.00 2.42 -21.37
C ALA B 386 -36.17 2.68 -20.41
N GLY B 387 -36.57 1.69 -19.61
CA GLY B 387 -37.60 1.91 -18.61
C GLY B 387 -39.00 1.89 -19.21
N ARG B 388 -40.01 1.90 -18.33
CA ARG B 388 -41.40 1.83 -18.72
C ARG B 388 -42.01 3.23 -18.78
N ASN B 389 -42.90 3.44 -19.74
CA ASN B 389 -43.69 4.67 -19.83
C ASN B 389 -44.80 4.60 -18.79
N ASN B 390 -44.73 5.49 -17.79
CA ASN B 390 -45.70 5.47 -16.69
C ASN B 390 -46.99 6.21 -17.03
N VAL B 391 -46.97 7.09 -18.04
CA VAL B 391 -48.20 7.71 -18.50
C VAL B 391 -49.06 6.69 -19.25
N THR B 392 -48.43 5.83 -20.05
CA THR B 392 -49.13 4.84 -20.85
C THR B 392 -48.99 3.40 -20.36
N GLY B 393 -47.90 3.08 -19.64
CA GLY B 393 -47.72 1.76 -19.08
C GLY B 393 -47.02 0.76 -19.99
N GLU B 394 -46.76 1.11 -21.24
CA GLU B 394 -46.04 0.26 -22.18
C GLU B 394 -44.55 0.59 -22.14
N HIS B 395 -43.75 -0.32 -22.68
CA HIS B 395 -42.31 -0.11 -22.69
C HIS B 395 -41.97 1.15 -23.49
N HIS B 396 -41.00 1.92 -23.00
CA HIS B 396 -40.26 2.80 -23.90
C HIS B 396 -39.46 1.93 -24.87
N ARG B 397 -39.61 2.18 -26.18
CA ARG B 397 -38.97 1.35 -27.19
C ARG B 397 -37.73 2.04 -27.74
N PRO B 398 -36.53 1.67 -27.30
CA PRO B 398 -35.33 2.30 -27.88
C PRO B 398 -35.07 1.82 -29.30
N LYS B 399 -34.58 2.74 -30.14
CA LYS B 399 -34.14 2.36 -31.47
C LYS B 399 -33.00 1.35 -31.39
N LEU B 400 -32.09 1.55 -30.45
CA LEU B 400 -30.91 0.71 -30.29
C LEU B 400 -31.17 -0.29 -29.17
N GLU B 401 -31.29 -1.57 -29.55
CA GLU B 401 -31.39 -2.69 -28.60
C GLU B 401 -30.02 -3.39 -28.55
N THR B 402 -29.16 -2.94 -27.64
CA THR B 402 -27.74 -3.33 -27.68
C THR B 402 -27.30 -4.01 -26.39
N VAL B 403 -26.22 -4.80 -26.53
CA VAL B 403 -25.44 -5.29 -25.41
C VAL B 403 -24.10 -4.59 -25.49
N ARG B 404 -23.70 -3.98 -24.37
CA ARG B 404 -22.52 -3.13 -24.30
C ARG B 404 -21.41 -3.93 -23.65
N LEU B 405 -20.35 -4.16 -24.41
CA LEU B 405 -19.08 -4.76 -23.94
C LEU B 405 -18.17 -3.59 -23.66
N THR B 406 -18.12 -3.17 -22.40
CA THR B 406 -17.45 -1.94 -22.01
C THR B 406 -16.12 -2.32 -21.38
N ILE B 407 -15.02 -1.75 -21.89
CA ILE B 407 -13.68 -2.24 -21.59
C ILE B 407 -13.02 -1.29 -20.55
N PRO B 408 -12.73 -1.77 -19.35
CA PRO B 408 -11.99 -0.92 -18.38
C PRO B 408 -10.57 -0.71 -18.86
N ARG B 409 -9.95 0.37 -18.40
CA ARG B 409 -8.60 0.70 -18.90
C ARG B 409 -7.52 -0.06 -18.10
N ARG B 410 -6.64 -0.75 -18.84
CA ARG B 410 -5.46 -1.43 -18.32
C ARG B 410 -5.77 -2.65 -17.46
N VAL B 411 -6.97 -3.23 -17.59
CA VAL B 411 -7.38 -4.34 -16.77
C VAL B 411 -7.24 -5.69 -17.50
N TYR B 412 -7.52 -5.71 -18.78
CA TYR B 412 -7.66 -6.97 -19.50
C TYR B 412 -6.61 -7.06 -20.58
N THR B 413 -6.44 -8.27 -21.09
CA THR B 413 -5.53 -8.51 -22.21
C THR B 413 -6.28 -8.83 -23.52
N TYR B 414 -5.50 -9.01 -24.61
CA TYR B 414 -6.11 -9.52 -25.83
C TYR B 414 -6.64 -10.93 -25.64
N ALA B 415 -6.02 -11.72 -24.77
CA ALA B 415 -6.52 -13.05 -24.54
C ALA B 415 -7.89 -13.01 -23.86
N HIS B 416 -8.09 -12.07 -22.93
CA HIS B 416 -9.46 -11.87 -22.39
C HIS B 416 -10.41 -11.45 -23.50
N MET B 417 -9.95 -10.54 -24.37
CA MET B 417 -10.83 -10.15 -25.47
C MET B 417 -11.21 -11.37 -26.30
N ASP B 418 -10.28 -12.34 -26.43
CA ASP B 418 -10.59 -13.52 -27.24
C ASP B 418 -11.66 -14.36 -26.54
N VAL B 419 -11.58 -14.48 -25.20
CA VAL B 419 -12.63 -15.16 -24.43
C VAL B 419 -13.99 -14.55 -24.78
N VAL B 420 -14.04 -13.21 -24.73
CA VAL B 420 -15.30 -12.51 -25.01
C VAL B 420 -15.75 -12.78 -26.42
N ALA B 421 -14.88 -12.49 -27.40
CA ALA B 421 -15.24 -12.66 -28.81
C ALA B 421 -15.60 -14.08 -29.11
N ASP B 422 -14.77 -15.03 -28.68
CA ASP B 422 -15.02 -16.41 -29.07
C ASP B 422 -16.39 -16.86 -28.58
N GLY B 423 -16.74 -16.46 -27.35
CA GLY B 423 -17.97 -16.89 -26.76
C GLY B 423 -19.19 -16.25 -27.38
N ILE B 424 -19.07 -15.00 -27.80
CA ILE B 424 -20.17 -14.33 -28.48
C ILE B 424 -20.31 -14.93 -29.89
N ILE B 425 -19.19 -15.29 -30.49
CA ILE B 425 -19.22 -15.83 -31.85
C ILE B 425 -19.90 -17.19 -31.84
N LYS B 426 -19.63 -18.01 -30.83
CA LYS B 426 -20.30 -19.28 -30.73
C LYS B 426 -21.79 -19.10 -30.45
N LEU B 427 -22.14 -18.11 -29.63
CA LEU B 427 -23.55 -17.77 -29.43
C LEU B 427 -24.17 -17.30 -30.74
N TYR B 428 -23.41 -16.62 -31.59
CA TYR B 428 -23.96 -16.16 -32.86
C TYR B 428 -24.26 -17.35 -33.78
N GLN B 429 -23.41 -18.39 -33.75
CA GLN B 429 -23.61 -19.55 -34.63
C GLN B 429 -24.93 -20.24 -34.31
N HIS B 430 -25.34 -20.17 -33.04
CA HIS B 430 -26.57 -20.77 -32.55
C HIS B 430 -27.54 -19.71 -32.04
N LYS B 431 -27.52 -18.52 -32.66
CA LYS B 431 -28.35 -17.41 -32.18
C LYS B 431 -29.81 -17.79 -32.07
N GLU B 432 -30.31 -18.63 -32.97
CA GLU B 432 -31.72 -19.05 -32.94
C GLU B 432 -32.09 -19.75 -31.64
N ASP B 433 -31.10 -20.31 -30.91
CA ASP B 433 -31.33 -21.02 -29.66
C ASP B 433 -31.45 -20.10 -28.45
N ILE B 434 -31.17 -18.81 -28.60
CA ILE B 434 -31.27 -17.87 -27.49
C ILE B 434 -32.74 -17.63 -27.19
N ARG B 435 -33.14 -17.87 -25.94
CA ARG B 435 -34.53 -17.85 -25.57
C ARG B 435 -34.93 -16.46 -25.13
N GLY B 436 -36.17 -16.09 -25.47
CA GLY B 436 -36.76 -14.89 -24.93
C GLY B 436 -36.95 -14.98 -23.43
N LEU B 437 -37.07 -13.81 -22.80
CA LEU B 437 -37.31 -13.68 -21.37
C LEU B 437 -38.65 -12.99 -21.12
N LYS B 438 -39.17 -13.21 -19.92
CA LYS B 438 -40.32 -12.46 -19.45
C LYS B 438 -40.03 -12.02 -18.03
N PHE B 439 -40.59 -10.88 -17.67
CA PHE B 439 -40.50 -10.44 -16.28
C PHE B 439 -41.10 -11.50 -15.34
N ILE B 440 -40.49 -11.64 -14.16
CA ILE B 440 -41.14 -12.24 -13.00
C ILE B 440 -41.11 -11.33 -11.78
N TYR B 441 -40.17 -10.37 -11.72
CA TYR B 441 -40.23 -9.26 -10.78
C TYR B 441 -39.78 -8.01 -11.52
N GLU B 442 -40.70 -7.05 -11.65
CA GLU B 442 -40.38 -5.77 -12.27
C GLU B 442 -40.58 -4.64 -11.26
N PRO B 443 -39.55 -3.90 -10.90
CA PRO B 443 -39.78 -2.71 -10.07
C PRO B 443 -40.34 -1.59 -10.92
N LYS B 444 -40.88 -0.58 -10.23
CA LYS B 444 -41.49 0.58 -10.87
C LYS B 444 -40.46 1.57 -11.39
N GLN B 445 -39.24 1.56 -10.85
CA GLN B 445 -38.17 2.45 -11.26
C GLN B 445 -36.84 1.70 -11.18
N LEU B 446 -35.86 2.18 -11.94
CA LEU B 446 -34.56 1.53 -12.03
C LEU B 446 -34.68 0.04 -12.35
N ARG B 447 -35.68 -0.33 -13.17
CA ARG B 447 -35.98 -1.75 -13.30
C ARG B 447 -34.77 -2.53 -13.79
N PHE B 448 -33.87 -1.89 -14.55
CA PHE B 448 -32.70 -2.61 -15.04
C PHE B 448 -31.86 -3.13 -13.88
N PHE B 449 -31.94 -2.47 -12.72
CA PHE B 449 -31.02 -2.73 -11.61
C PHE B 449 -31.41 -3.97 -10.81
N THR B 450 -32.73 -4.21 -10.63
CA THR B 450 -33.20 -5.29 -9.76
C THR B 450 -34.28 -6.17 -10.36
N ALA B 451 -34.67 -5.95 -11.61
CA ALA B 451 -35.71 -6.78 -12.21
C ALA B 451 -35.23 -8.24 -12.34
N ARG B 452 -36.17 -9.16 -12.29
CA ARG B 452 -35.88 -10.57 -12.45
C ARG B 452 -36.73 -11.15 -13.57
N PHE B 453 -36.17 -12.15 -14.25
CA PHE B 453 -36.71 -12.67 -15.49
C PHE B 453 -36.76 -14.19 -15.43
N ASP B 454 -37.64 -14.74 -16.25
CA ASP B 454 -37.64 -16.17 -16.52
C ASP B 454 -37.75 -16.35 -18.03
N TYR B 455 -37.18 -17.44 -18.53
CA TYR B 455 -37.32 -17.77 -19.94
C TYR B 455 -38.78 -18.10 -20.26
N ILE B 456 -39.25 -17.62 -21.39
CA ILE B 456 -40.61 -17.93 -21.85
C ILE B 456 -40.68 -19.38 -22.32
N MET C 1 13.25 22.36 24.41
CA MET C 1 12.29 21.71 25.35
C MET C 1 12.85 20.33 25.78
N ASN C 2 12.62 19.95 27.03
CA ASN C 2 13.22 18.72 27.52
C ASN C 2 12.58 17.52 26.85
N TYR C 3 11.24 17.57 26.64
CA TYR C 3 10.49 16.48 26.05
C TYR C 3 9.55 17.03 24.99
N PRO C 4 10.04 17.21 23.76
CA PRO C 4 9.19 17.71 22.68
C PRO C 4 8.11 16.72 22.25
N ALA C 5 7.04 17.29 21.68
CA ALA C 5 6.03 16.46 21.06
C ALA C 5 6.53 15.80 19.77
N GLU C 6 5.79 14.82 19.32
CA GLU C 6 6.24 14.06 18.13
C GLU C 6 6.25 15.00 16.92
N PRO C 7 7.37 15.11 16.22
CA PRO C 7 7.46 15.96 15.03
C PRO C 7 6.89 15.32 13.78
N PHE C 8 5.71 14.69 13.94
CA PHE C 8 5.02 13.98 12.89
C PHE C 8 3.61 13.69 13.38
N ARG C 9 2.71 13.38 12.46
CA ARG C 9 1.41 12.84 12.85
C ARG C 9 1.38 11.35 12.66
N ILE C 10 0.41 10.73 13.34
CA ILE C 10 0.07 9.31 13.11
C ILE C 10 -0.72 9.18 11.82
N LYS C 11 -0.16 8.40 10.87
CA LYS C 11 -0.85 8.11 9.61
C LYS C 11 -1.70 6.83 9.69
N SER C 12 -1.16 5.78 10.31
CA SER C 12 -1.92 4.55 10.51
C SER C 12 -1.46 3.89 11.79
N VAL C 13 -2.35 3.06 12.33
CA VAL C 13 -2.17 2.49 13.66
C VAL C 13 -2.22 0.97 13.60
N GLU C 14 -1.75 0.36 14.70
CA GLU C 14 -1.76 -1.08 14.96
C GLU C 14 -2.22 -1.29 16.39
N THR C 15 -3.26 -2.09 16.64
CA THR C 15 -3.77 -2.15 18.02
CA THR C 15 -3.78 -2.19 18.01
C THR C 15 -2.79 -2.85 18.95
N VAL C 16 -2.84 -2.47 20.23
CA VAL C 16 -2.00 -3.10 21.25
C VAL C 16 -2.93 -3.62 22.32
N SER C 17 -2.53 -4.72 22.95
CA SER C 17 -3.35 -5.41 23.93
C SER C 17 -2.44 -6.13 24.91
N MET C 18 -3.00 -6.48 26.06
CA MET C 18 -2.24 -7.18 27.09
C MET C 18 -3.01 -8.42 27.53
N ILE C 19 -2.32 -9.55 27.65
CA ILE C 19 -2.91 -10.74 28.23
C ILE C 19 -2.69 -10.73 29.74
N PRO C 20 -3.49 -11.46 30.50
CA PRO C 20 -3.37 -11.40 31.96
C PRO C 20 -2.06 -11.98 32.45
N ARG C 21 -1.73 -11.61 33.69
CA ARG C 21 -0.50 -12.06 34.31
C ARG C 21 -0.36 -13.57 34.30
N ASP C 22 -1.40 -14.28 34.70
CA ASP C 22 -1.29 -15.74 34.79
CA ASP C 22 -1.31 -15.74 34.78
C ASP C 22 -0.91 -16.32 33.44
N GLU C 23 -1.46 -15.77 32.34
CA GLU C 23 -1.10 -16.27 31.02
C GLU C 23 0.33 -15.86 30.64
N ARG C 24 0.75 -14.64 31.01
CA ARG C 24 2.13 -14.21 30.75
C ARG C 24 3.12 -15.11 31.45
N LEU C 25 2.84 -15.49 32.71
CA LEU C 25 3.73 -16.40 33.41
C LEU C 25 3.89 -17.71 32.63
N LYS C 26 2.77 -18.29 32.18
CA LYS C 26 2.86 -19.52 31.39
C LYS C 26 3.69 -19.27 30.13
N LYS C 27 3.41 -18.17 29.44
CA LYS C 27 4.17 -17.86 28.23
C LYS C 27 5.65 -17.73 28.54
N MET C 28 5.98 -17.12 29.68
CA MET C 28 7.39 -16.92 30.02
C MET C 28 8.07 -18.26 30.26
N GLN C 29 7.34 -19.19 30.88
CA GLN C 29 7.87 -20.52 31.13
C GLN C 29 8.05 -21.29 29.83
N GLU C 30 7.03 -21.22 28.97
CA GLU C 30 7.10 -21.90 27.68
C GLU C 30 8.26 -21.39 26.84
N ALA C 31 8.69 -20.16 27.10
CA ALA C 31 9.81 -19.50 26.45
C ALA C 31 11.15 -19.74 27.15
N GLY C 32 11.21 -20.69 28.07
CA GLY C 32 12.48 -20.97 28.74
C GLY C 32 13.03 -19.77 29.50
N TYR C 33 12.13 -18.84 29.91
CA TYR C 33 12.52 -17.62 30.58
C TYR C 33 13.47 -16.73 29.75
N ASN C 34 13.44 -16.86 28.40
CA ASN C 34 14.23 -16.02 27.51
C ASN C 34 13.24 -15.14 26.72
N THR C 35 13.28 -13.83 26.97
CA THR C 35 12.33 -12.94 26.30
C THR C 35 12.45 -13.04 24.77
N PHE C 36 13.64 -13.41 24.25
CA PHE C 36 13.79 -13.56 22.80
C PHE C 36 12.89 -14.64 22.27
N LEU C 37 12.48 -15.57 23.11
CA LEU C 37 11.64 -16.68 22.64
C LEU C 37 10.14 -16.45 22.85
N LEU C 38 9.73 -15.29 23.34
CA LEU C 38 8.31 -15.01 23.44
C LEU C 38 7.74 -14.66 22.07
N ASN C 39 6.45 -14.89 21.93
CA ASN C 39 5.71 -14.55 20.72
C ASN C 39 5.13 -13.15 20.75
N SER C 40 5.16 -12.50 19.59
CA SER C 40 4.70 -11.12 19.44
C SER C 40 3.30 -10.93 20.00
N LYS C 41 2.37 -11.86 19.65
CA LYS C 41 0.97 -11.66 20.04
C LYS C 41 0.78 -11.61 21.55
N ASP C 42 1.73 -12.16 22.31
CA ASP C 42 1.69 -12.16 23.77
C ASP C 42 2.37 -10.97 24.40
N ILE C 43 2.89 -10.02 23.60
CA ILE C 43 3.61 -8.88 24.13
C ILE C 43 2.68 -7.66 24.09
N TYR C 44 2.70 -6.87 25.15
CA TYR C 44 1.96 -5.61 25.19
C TYR C 44 2.73 -4.45 24.54
N ILE C 45 3.87 -4.10 25.08
CA ILE C 45 4.75 -3.04 24.57
C ILE C 45 6.09 -3.75 24.34
N ASP C 46 6.51 -3.82 23.06
CA ASP C 46 7.64 -4.68 22.70
C ASP C 46 8.94 -3.86 22.58
N LEU C 47 9.76 -3.87 23.65
CA LEU C 47 11.03 -3.13 23.68
C LEU C 47 12.21 -4.08 23.59
N LEU C 48 12.00 -5.23 22.99
CA LEU C 48 13.09 -6.20 22.78
C LEU C 48 14.23 -5.55 22.04
N THR C 49 13.93 -4.86 20.96
CA THR C 49 14.96 -4.22 20.17
C THR C 49 14.37 -3.07 19.36
N ASP C 50 15.24 -2.14 19.02
CA ASP C 50 14.91 -1.11 18.06
C ASP C 50 15.26 -1.57 16.63
N SER C 51 15.58 -2.84 16.45
CA SER C 51 16.00 -3.37 15.15
C SER C 51 14.81 -3.76 14.28
N GLY C 52 14.56 -2.98 13.26
CA GLY C 52 13.57 -3.38 12.26
C GLY C 52 12.12 -3.20 12.68
N THR C 53 11.90 -2.60 13.85
CA THR C 53 10.59 -2.42 14.45
C THR C 53 10.06 -1.00 14.25
N ASN C 54 10.83 -0.16 13.54
CA ASN C 54 10.44 1.22 13.33
C ASN C 54 9.18 1.37 12.50
N ALA C 55 8.51 2.51 12.72
CA ALA C 55 7.37 2.90 11.91
C ALA C 55 7.81 3.70 10.71
N MET C 56 7.42 3.28 9.52
CA MET C 56 7.84 4.01 8.35
C MET C 56 6.90 5.20 8.12
N SER C 57 7.36 6.14 7.30
CA SER C 57 6.58 7.29 6.90
C SER C 57 5.68 7.06 5.69
N ASP C 58 4.79 8.01 5.46
CA ASP C 58 4.06 8.06 4.18
C ASP C 58 4.97 8.11 2.97
N LYS C 59 6.04 8.91 3.02
CA LYS C 59 6.96 8.94 1.87
C LYS C 59 7.61 7.59 1.65
N GLN C 60 7.93 6.88 2.74
CA GLN C 60 8.52 5.56 2.59
C GLN C 60 7.51 4.57 2.03
N TRP C 61 6.28 4.61 2.53
CA TRP C 61 5.25 3.73 1.97
C TRP C 61 4.88 4.09 0.53
N ALA C 62 5.09 5.34 0.14
CA ALA C 62 4.96 5.66 -1.28
C ALA C 62 6.06 4.94 -2.09
N GLY C 63 7.30 4.99 -1.58
CA GLY C 63 8.39 4.27 -2.24
C GLY C 63 8.16 2.78 -2.31
N MET C 64 7.53 2.22 -1.27
CA MET C 64 7.14 0.82 -1.24
C MET C 64 6.23 0.40 -2.39
N MET C 65 5.47 1.35 -2.97
CA MET C 65 4.64 1.14 -4.14
C MET C 65 5.44 1.23 -5.42
N MET C 66 6.67 1.73 -5.36
N MET C 66 6.68 1.72 -5.32
CA MET C 66 7.47 1.95 -6.58
CA MET C 66 7.53 2.01 -6.48
C MET C 66 8.70 1.04 -6.61
C MET C 66 8.72 1.06 -6.59
N GLY C 67 8.56 -0.17 -6.07
CA GLY C 67 9.59 -1.16 -6.20
C GLY C 67 9.83 -1.54 -7.65
N ASP C 68 11.05 -1.29 -8.14
CA ASP C 68 11.52 -1.84 -9.42
C ASP C 68 12.22 -3.15 -9.05
N GLU C 69 11.53 -4.28 -9.28
CA GLU C 69 11.92 -5.58 -8.74
C GLU C 69 12.81 -6.35 -9.71
N ALA C 70 13.43 -5.61 -10.62
CA ALA C 70 14.37 -6.22 -11.56
C ALA C 70 15.50 -6.88 -10.81
N TYR C 71 15.98 -7.95 -11.40
CA TYR C 71 17.05 -8.73 -10.76
C TYR C 71 18.39 -7.97 -10.73
N ALA C 72 18.62 -7.06 -11.69
CA ALA C 72 19.90 -6.38 -11.85
C ALA C 72 19.59 -4.96 -12.28
N GLY C 73 20.24 -3.99 -11.64
CA GLY C 73 20.10 -2.63 -12.11
C GLY C 73 18.80 -1.95 -11.72
N SER C 74 18.14 -2.40 -10.65
CA SER C 74 16.93 -1.71 -10.19
C SER C 74 17.15 -0.20 -10.00
N GLU C 75 16.15 0.58 -10.41
CA GLU C 75 16.17 2.00 -10.13
C GLU C 75 16.28 2.28 -8.63
N ASN C 76 15.77 1.38 -7.80
CA ASN C 76 15.80 1.59 -6.35
C ASN C 76 17.21 1.48 -5.82
N PHE C 77 18.01 0.56 -6.41
CA PHE C 77 19.39 0.49 -6.01
C PHE C 77 20.10 1.82 -6.29
N TYR C 78 19.92 2.37 -7.48
CA TYR C 78 20.62 3.61 -7.78
C TYR C 78 20.18 4.76 -6.86
N HIS C 79 18.93 4.77 -6.43
N HIS C 79 18.91 4.76 -6.44
CA HIS C 79 18.47 5.78 -5.44
CA HIS C 79 18.44 5.75 -5.46
C HIS C 79 19.19 5.57 -4.10
C HIS C 79 19.17 5.57 -4.12
N LEU C 80 19.22 4.33 -3.62
CA LEU C 80 19.98 4.05 -2.40
C LEU C 80 21.43 4.47 -2.55
N GLU C 81 22.04 4.15 -3.70
CA GLU C 81 23.46 4.39 -3.87
C GLU C 81 23.74 5.86 -3.82
N ARG C 82 22.96 6.67 -4.53
CA ARG C 82 23.31 8.08 -4.53
C ARG C 82 22.95 8.76 -3.22
N THR C 83 21.92 8.29 -2.54
CA THR C 83 21.61 8.80 -1.20
C THR C 83 22.76 8.53 -0.24
N VAL C 84 23.29 7.30 -0.21
CA VAL C 84 24.39 7.02 0.71
C VAL C 84 25.67 7.76 0.27
N GLN C 85 25.94 7.82 -1.03
CA GLN C 85 27.07 8.59 -1.51
C GLN C 85 26.97 10.04 -1.04
N GLU C 86 25.77 10.63 -1.19
CA GLU C 86 25.58 12.01 -0.76
C GLU C 86 25.75 12.16 0.74
N LEU C 87 25.09 11.32 1.51
CA LEU C 87 25.00 11.63 2.92
C LEU C 87 26.18 11.11 3.71
N PHE C 88 26.75 9.95 3.35
CA PHE C 88 27.90 9.40 4.05
C PHE C 88 29.24 9.73 3.39
N GLY C 89 29.27 9.95 2.07
CA GLY C 89 30.49 10.36 1.44
C GLY C 89 31.41 9.22 1.04
N PHE C 90 30.93 7.97 1.11
CA PHE C 90 31.76 6.84 0.70
C PHE C 90 31.64 6.66 -0.81
N LYS C 91 32.69 6.11 -1.41
CA LYS C 91 32.74 5.98 -2.86
C LYS C 91 31.83 4.89 -3.35
N HIS C 92 31.76 3.77 -2.62
CA HIS C 92 31.06 2.58 -3.09
C HIS C 92 30.11 2.01 -2.06
N ILE C 93 29.06 1.38 -2.54
CA ILE C 93 28.07 0.79 -1.66
CA ILE C 93 28.05 0.80 -1.66
C ILE C 93 27.65 -0.56 -2.21
N VAL C 94 27.55 -1.54 -1.32
CA VAL C 94 27.03 -2.87 -1.62
C VAL C 94 25.86 -3.09 -0.69
N PRO C 95 24.63 -3.29 -1.22
CA PRO C 95 23.49 -3.58 -0.34
C PRO C 95 23.58 -4.98 0.26
N THR C 96 23.06 -5.12 1.46
CA THR C 96 22.91 -6.39 2.13
C THR C 96 21.53 -6.46 2.76
N HIS C 97 21.11 -7.66 3.16
CA HIS C 97 19.71 -7.69 3.59
C HIS C 97 19.57 -7.08 4.98
N GLN C 98 20.61 -7.12 5.78
CA GLN C 98 20.68 -6.36 7.01
C GLN C 98 22.15 -6.28 7.43
N GLY C 99 22.41 -5.90 8.68
CA GLY C 99 23.76 -5.54 9.06
C GLY C 99 24.74 -6.69 9.08
N ARG C 100 24.32 -7.83 9.62
CA ARG C 100 25.24 -8.95 9.74
C ARG C 100 25.53 -9.58 8.38
N GLY C 101 24.76 -9.23 7.36
CA GLY C 101 25.15 -9.59 5.99
C GLY C 101 26.33 -8.77 5.56
N ALA C 102 26.30 -7.50 5.90
CA ALA C 102 27.47 -6.63 5.60
C ALA C 102 28.67 -7.09 6.40
N GLU C 103 28.46 -7.44 7.68
CA GLU C 103 29.55 -7.90 8.55
C GLU C 103 30.19 -9.18 8.01
N ASN C 104 29.37 -10.13 7.56
CA ASN C 104 29.94 -11.30 6.92
C ASN C 104 30.90 -10.92 5.80
N LEU C 105 30.52 -9.97 4.94
CA LEU C 105 31.36 -9.61 3.82
C LEU C 105 32.63 -8.91 4.31
N LEU C 106 32.48 -7.92 5.19
CA LEU C 106 33.64 -7.16 5.59
C LEU C 106 34.66 -8.07 6.26
N SER C 107 34.18 -8.96 7.11
CA SER C 107 35.12 -9.77 7.88
C SER C 107 35.82 -10.79 7.00
N GLN C 108 35.09 -11.34 6.02
CA GLN C 108 35.75 -12.27 5.10
C GLN C 108 36.79 -11.54 4.23
N LEU C 109 36.48 -10.33 3.78
CA LEU C 109 37.34 -9.58 2.89
C LEU C 109 38.56 -8.99 3.58
N ALA C 110 38.47 -8.60 4.84
CA ALA C 110 39.48 -7.72 5.44
C ALA C 110 40.27 -8.36 6.57
N ILE C 111 40.02 -9.63 6.90
CA ILE C 111 40.70 -10.29 8.01
C ILE C 111 41.56 -11.46 7.49
N LYS C 112 42.84 -11.44 7.85
CA LYS C 112 43.73 -12.62 7.78
C LYS C 112 43.71 -13.32 9.14
N PRO C 113 43.48 -14.63 9.19
CA PRO C 113 43.46 -15.31 10.49
C PRO C 113 44.69 -14.97 11.32
N GLY C 114 44.48 -14.70 12.60
CA GLY C 114 45.53 -14.31 13.49
C GLY C 114 45.61 -12.81 13.74
N GLN C 115 45.02 -12.03 12.86
CA GLN C 115 45.07 -10.59 13.03
C GLN C 115 44.12 -10.16 14.13
N TYR C 116 44.36 -8.95 14.62
CA TYR C 116 43.48 -8.31 15.61
C TYR C 116 42.50 -7.35 14.96
N VAL C 117 41.24 -7.38 15.44
CA VAL C 117 40.27 -6.32 15.19
C VAL C 117 40.08 -5.60 16.51
N ALA C 118 40.33 -4.30 16.53
CA ALA C 118 40.15 -3.50 17.73
C ALA C 118 38.94 -2.61 17.57
N GLY C 119 38.18 -2.45 18.65
CA GLY C 119 36.99 -1.63 18.58
C GLY C 119 36.57 -1.12 19.93
N ASN C 120 35.73 -0.08 19.89
CA ASN C 120 35.18 0.51 21.11
C ASN C 120 33.97 -0.32 21.54
N MET C 121 34.24 -1.38 22.31
CA MET C 121 33.28 -2.40 22.66
C MET C 121 32.84 -3.04 21.34
N TYR C 122 31.72 -3.78 21.34
CA TYR C 122 31.36 -4.60 20.20
C TYR C 122 29.87 -4.88 20.27
N PHE C 123 29.28 -5.18 19.08
CA PHE C 123 28.00 -5.88 18.97
C PHE C 123 28.23 -7.37 18.70
N THR C 124 27.37 -8.20 19.30
CA THR C 124 27.52 -9.65 19.29
C THR C 124 27.85 -10.22 17.89
N THR C 125 27.01 -9.92 16.89
CA THR C 125 27.18 -10.47 15.56
C THR C 125 28.46 -9.94 14.93
N THR C 126 28.76 -8.67 15.16
CA THR C 126 29.95 -8.05 14.60
C THR C 126 31.19 -8.79 15.08
N ARG C 127 31.29 -9.01 16.39
CA ARG C 127 32.44 -9.70 16.94
CA ARG C 127 32.43 -9.70 16.94
C ARG C 127 32.47 -11.15 16.49
N TYR C 128 31.30 -11.80 16.43
CA TYR C 128 31.29 -13.19 16.02
C TYR C 128 31.82 -13.34 14.60
N HIS C 129 31.37 -12.47 13.68
CA HIS C 129 31.90 -12.53 12.30
C HIS C 129 33.39 -12.23 12.26
N GLN C 130 33.87 -11.37 13.17
CA GLN C 130 35.30 -11.12 13.23
C GLN C 130 36.04 -12.40 13.62
N GLU C 131 35.58 -13.03 14.69
CA GLU C 131 36.28 -14.18 15.25
C GLU C 131 36.18 -15.39 14.34
N LYS C 132 35.01 -15.61 13.73
CA LYS C 132 34.88 -16.82 12.91
C LYS C 132 35.78 -16.75 11.69
N ASN C 133 36.23 -15.57 11.31
CA ASN C 133 37.22 -15.43 10.23
C ASN C 133 38.66 -15.32 10.77
N GLY C 134 38.86 -15.51 12.05
CA GLY C 134 40.18 -15.71 12.63
C GLY C 134 40.77 -14.53 13.36
N ALA C 135 40.05 -13.42 13.48
CA ALA C 135 40.56 -12.27 14.22
C ALA C 135 40.46 -12.50 15.72
N VAL C 136 41.36 -11.85 16.47
CA VAL C 136 41.18 -11.67 17.90
C VAL C 136 40.61 -10.28 18.15
N PHE C 137 39.51 -10.19 18.88
CA PHE C 137 38.91 -8.91 19.18
C PHE C 137 39.54 -8.28 20.41
N VAL C 138 39.87 -6.99 20.30
CA VAL C 138 40.49 -6.24 21.38
C VAL C 138 39.64 -5.02 21.67
N ASP C 139 39.26 -4.83 22.94
CA ASP C 139 38.42 -3.68 23.34
C ASP C 139 39.32 -2.50 23.69
N ILE C 140 39.20 -1.41 22.94
CA ILE C 140 39.98 -0.19 23.13
C ILE C 140 39.10 1.00 23.48
N VAL C 141 37.86 0.76 23.93
CA VAL C 141 37.01 1.83 24.44
C VAL C 141 37.63 2.39 25.73
N ARG C 142 37.40 3.68 25.97
CA ARG C 142 37.86 4.30 27.22
C ARG C 142 37.31 3.54 28.43
N ASP C 143 38.08 3.54 29.52
CA ASP C 143 37.71 2.77 30.70
C ASP C 143 36.33 3.15 31.20
N GLU C 144 35.96 4.44 31.10
CA GLU C 144 34.70 4.92 31.67
C GLU C 144 33.48 4.23 31.06
N ALA C 145 33.55 3.81 29.80
CA ALA C 145 32.39 3.22 29.18
C ALA C 145 31.87 2.01 29.94
N HIS C 146 32.74 1.31 30.70
CA HIS C 146 32.38 0.14 31.47
C HIS C 146 31.87 0.47 32.88
N ASP C 147 31.73 1.74 33.21
CA ASP C 147 31.37 2.18 34.55
C ASP C 147 29.93 2.69 34.50
N ALA C 148 28.98 1.87 34.95
CA ALA C 148 27.58 2.11 34.59
C ALA C 148 27.08 3.43 35.13
N GLY C 149 27.49 3.80 36.34
CA GLY C 149 26.93 4.96 37.00
C GLY C 149 27.59 6.25 36.69
N LEU C 150 28.72 6.20 36.00
CA LEU C 150 29.55 7.37 35.74
C LEU C 150 28.91 8.18 34.61
N ASN C 151 28.41 9.36 34.93
CA ASN C 151 27.71 10.19 33.96
C ASN C 151 28.67 11.19 33.35
N ILE C 152 29.35 10.77 32.26
CA ILE C 152 30.21 11.65 31.48
C ILE C 152 29.82 11.61 30.01
N ALA C 153 30.25 12.63 29.28
CA ALA C 153 29.90 12.72 27.86
C ALA C 153 30.84 11.87 27.00
N PHE C 154 30.31 11.42 25.85
CA PHE C 154 31.08 10.68 24.84
C PHE C 154 31.86 9.54 25.48
N LYS C 155 31.08 8.73 26.19
CA LYS C 155 31.56 7.49 26.79
C LYS C 155 32.04 6.48 25.75
N GLY C 156 31.62 6.63 24.49
CA GLY C 156 31.99 5.64 23.50
C GLY C 156 33.33 5.84 22.88
N ASP C 157 34.06 6.90 23.27
CA ASP C 157 35.31 7.25 22.64
C ASP C 157 36.35 6.15 22.83
N ILE C 158 37.06 5.87 21.75
CA ILE C 158 38.26 5.04 21.85
C ILE C 158 39.34 5.71 22.71
N ASP C 159 40.04 4.89 23.50
CA ASP C 159 41.22 5.30 24.24
C ASP C 159 42.44 5.21 23.32
N LEU C 160 42.94 6.37 22.92
CA LEU C 160 44.05 6.39 21.97
C LEU C 160 45.28 5.70 22.51
N LYS C 161 45.46 5.69 23.84
CA LYS C 161 46.60 5.00 24.43
C LYS C 161 46.46 3.49 24.28
N LYS C 162 45.23 2.98 24.45
CA LYS C 162 44.99 1.56 24.24
C LYS C 162 45.29 1.16 22.81
N LEU C 163 44.81 1.96 21.84
CA LEU C 163 45.13 1.69 20.43
C LEU C 163 46.64 1.70 20.18
N GLN C 164 47.36 2.73 20.68
CA GLN C 164 48.80 2.80 20.45
C GLN C 164 49.50 1.60 21.07
N LYS C 165 49.07 1.17 22.24
CA LYS C 165 49.68 0.02 22.89
C LYS C 165 49.53 -1.22 22.03
N LEU C 166 48.33 -1.44 21.50
CA LEU C 166 48.11 -2.57 20.61
C LEU C 166 49.07 -2.49 19.41
N ILE C 167 49.14 -1.35 18.78
CA ILE C 167 50.09 -1.16 17.70
C ILE C 167 51.50 -1.52 18.16
N ASP C 168 51.92 -0.98 19.30
CA ASP C 168 53.29 -1.21 19.78
C ASP C 168 53.55 -2.67 20.08
N GLU C 169 52.58 -3.35 20.66
CA GLU C 169 52.76 -4.73 21.11
C GLU C 169 52.57 -5.71 19.97
N LYS C 170 51.58 -5.50 19.11
CA LYS C 170 51.24 -6.52 18.11
C LYS C 170 51.74 -6.19 16.70
N GLY C 171 52.16 -4.94 16.42
CA GLY C 171 52.50 -4.54 15.07
C GLY C 171 51.30 -4.10 14.24
N ALA C 172 51.41 -2.96 13.54
CA ALA C 172 50.28 -2.47 12.72
C ALA C 172 49.89 -3.49 11.65
N GLU C 173 50.86 -4.30 11.18
CA GLU C 173 50.60 -5.23 10.09
C GLU C 173 49.70 -6.37 10.55
N ASN C 174 49.60 -6.59 11.85
CA ASN C 174 48.77 -7.62 12.43
C ASN C 174 47.41 -7.12 12.89
N ILE C 175 47.11 -5.87 12.64
CA ILE C 175 45.79 -5.32 12.92
C ILE C 175 45.02 -5.32 11.62
N ALA C 176 43.94 -6.13 11.55
CA ALA C 176 43.12 -6.20 10.34
C ALA C 176 42.42 -4.86 10.07
N TYR C 177 41.81 -4.28 11.11
CA TYR C 177 41.16 -2.99 11.03
C TYR C 177 40.70 -2.60 12.42
N ILE C 178 40.31 -1.33 12.54
CA ILE C 178 39.60 -0.77 13.69
C ILE C 178 38.14 -0.69 13.32
N CYS C 179 37.31 -1.26 14.17
CA CYS C 179 35.85 -1.21 14.04
C CYS C 179 35.36 -0.15 15.04
N LEU C 180 34.99 1.02 14.54
CA LEU C 180 34.59 2.15 15.36
C LEU C 180 33.08 2.24 15.24
N ALA C 181 32.41 2.00 16.36
CA ALA C 181 30.96 1.96 16.41
C ALA C 181 30.43 3.32 16.87
N VAL C 182 29.45 3.82 16.15
CA VAL C 182 28.70 5.01 16.51
C VAL C 182 27.20 4.67 16.48
N THR C 183 26.47 4.88 17.58
CA THR C 183 26.87 4.93 18.97
C THR C 183 27.49 3.57 19.37
N VAL C 184 27.89 3.47 20.63
CA VAL C 184 28.38 2.24 21.25
C VAL C 184 27.24 1.61 22.05
N ASN C 185 26.75 0.48 21.57
CA ASN C 185 25.51 -0.09 22.09
C ASN C 185 25.70 -0.60 23.52
N LEU C 186 26.81 -1.31 23.80
CA LEU C 186 26.91 -1.97 25.09
C LEU C 186 27.13 -1.00 26.24
N ALA C 187 27.76 0.15 25.96
CA ALA C 187 27.90 1.16 26.98
C ALA C 187 26.58 1.85 27.29
N GLY C 188 25.49 1.42 26.65
CA GLY C 188 24.18 2.06 26.75
C GLY C 188 23.80 2.98 25.61
N GLY C 189 24.38 2.82 24.43
CA GLY C 189 24.04 3.72 23.35
C GLY C 189 24.83 5.02 23.44
N GLN C 190 26.09 4.92 23.77
CA GLN C 190 26.91 6.07 24.15
C GLN C 190 27.63 6.61 22.93
N PRO C 191 27.66 7.93 22.79
CA PRO C 191 28.17 8.51 21.55
C PRO C 191 29.67 8.62 21.57
N VAL C 192 30.22 8.74 20.35
CA VAL C 192 31.60 9.04 20.08
C VAL C 192 31.74 10.46 19.57
N SER C 193 32.76 11.18 20.05
CA SER C 193 32.97 12.56 19.67
C SER C 193 33.65 12.66 18.31
N MET C 194 33.38 13.78 17.64
CA MET C 194 34.07 14.04 16.39
C MET C 194 35.58 14.15 16.61
N ALA C 195 35.99 14.72 17.73
CA ALA C 195 37.42 14.84 18.05
C ALA C 195 38.07 13.47 18.20
N ASN C 196 37.33 12.50 18.73
CA ASN C 196 37.86 11.15 18.86
C ASN C 196 37.98 10.51 17.49
N MET C 197 36.92 10.62 16.68
CA MET C 197 36.99 10.09 15.30
C MET C 197 38.19 10.67 14.53
N ARG C 198 38.41 11.98 14.64
CA ARG C 198 39.57 12.59 14.00
CA ARG C 198 39.57 12.58 13.98
C ARG C 198 40.87 11.98 14.50
N ALA C 199 41.02 11.91 15.83
CA ALA C 199 42.27 11.41 16.39
C ALA C 199 42.53 9.98 15.94
N VAL C 200 41.47 9.15 15.90
CA VAL C 200 41.62 7.79 15.49
C VAL C 200 42.07 7.72 14.03
N ARG C 201 41.52 8.58 13.17
CA ARG C 201 41.90 8.51 11.77
C ARG C 201 43.36 8.94 11.60
N GLU C 202 43.79 9.92 12.35
CA GLU C 202 45.15 10.40 12.19
C GLU C 202 46.16 9.32 12.58
N LEU C 203 45.96 8.71 13.75
CA LEU C 203 46.85 7.66 14.19
C LEU C 203 46.84 6.46 13.24
N THR C 204 45.67 5.98 12.89
CA THR C 204 45.62 4.76 12.09
C THR C 204 46.21 4.96 10.71
N ALA C 205 45.91 6.11 10.09
CA ALA C 205 46.38 6.32 8.71
C ALA C 205 47.90 6.33 8.64
N ALA C 206 48.58 6.89 9.65
CA ALA C 206 50.05 6.89 9.66
C ALA C 206 50.64 5.49 9.74
N HIS C 207 49.85 4.54 10.27
CA HIS C 207 50.29 3.16 10.37
C HIS C 207 49.71 2.29 9.27
N GLY C 208 49.01 2.88 8.32
CA GLY C 208 48.43 2.09 7.25
C GLY C 208 47.25 1.23 7.68
N ILE C 209 46.60 1.57 8.81
CA ILE C 209 45.56 0.75 9.40
C ILE C 209 44.23 1.31 8.90
N LYS C 210 43.32 0.40 8.53
CA LYS C 210 42.03 0.83 8.04
C LYS C 210 41.06 0.96 9.19
N VAL C 211 40.06 1.80 8.99
CA VAL C 211 39.02 2.03 9.97
C VAL C 211 37.69 1.86 9.27
N PHE C 212 36.90 0.92 9.76
CA PHE C 212 35.53 0.68 9.31
C PHE C 212 34.54 1.01 10.43
N TYR C 213 33.61 1.92 10.18
CA TYR C 213 32.66 2.24 11.22
C TYR C 213 31.55 1.20 11.23
N ASP C 214 31.00 0.94 12.44
CA ASP C 214 29.69 0.30 12.52
C ASP C 214 28.70 1.45 12.61
N ALA C 215 28.15 1.82 11.47
CA ALA C 215 27.34 3.04 11.32
C ALA C 215 25.86 2.90 11.79
N THR C 216 25.53 1.83 12.48
CA THR C 216 24.12 1.45 12.66
C THR C 216 23.30 2.50 13.41
N ARG C 217 23.91 3.25 14.32
CA ARG C 217 23.18 4.34 15.02
C ARG C 217 23.99 5.64 14.90
N CYS C 218 24.43 5.92 13.68
CA CYS C 218 25.27 7.06 13.43
C CYS C 218 24.46 8.36 13.50
N VAL C 219 23.15 8.28 13.31
CA VAL C 219 22.36 9.50 13.35
C VAL C 219 22.10 9.90 14.79
N GLU C 220 21.72 8.94 15.64
CA GLU C 220 21.72 9.17 17.09
C GLU C 220 23.05 9.79 17.51
N ASN C 221 24.16 9.18 17.06
CA ASN C 221 25.47 9.71 17.42
C ASN C 221 25.63 11.18 17.02
N ALA C 222 25.32 11.49 15.79
CA ALA C 222 25.40 12.84 15.29
C ALA C 222 24.60 13.81 16.19
N TYR C 223 23.47 13.34 16.68
CA TYR C 223 22.64 14.19 17.51
C TYR C 223 23.39 14.55 18.78
N PHE C 224 24.06 13.56 19.39
CA PHE C 224 24.82 13.86 20.60
C PHE C 224 25.96 14.85 20.34
N ILE C 225 26.66 14.68 19.24
CA ILE C 225 27.65 15.68 18.83
C ILE C 225 27.02 17.06 18.73
N LYS C 226 25.86 17.15 18.06
CA LYS C 226 25.20 18.44 17.92
C LYS C 226 24.81 19.00 19.30
N GLU C 227 24.31 18.13 20.16
CA GLU C 227 23.81 18.55 21.46
C GLU C 227 24.94 19.00 22.37
N GLN C 228 26.09 18.30 22.34
CA GLN C 228 27.06 18.40 23.43
C GLN C 228 28.50 18.68 23.05
N GLU C 229 28.93 18.52 21.81
CA GLU C 229 30.34 18.73 21.51
C GLU C 229 30.51 20.18 21.12
N GLN C 230 31.43 20.87 21.79
CA GLN C 230 31.49 22.33 21.64
CA GLN C 230 31.51 22.33 21.65
C GLN C 230 31.86 22.69 20.21
N GLY C 231 31.08 23.64 19.64
CA GLY C 231 31.32 24.09 18.27
C GLY C 231 30.47 23.42 17.21
N PHE C 232 29.69 22.41 17.58
CA PHE C 232 28.77 21.77 16.66
C PHE C 232 27.31 22.12 16.90
N GLU C 233 27.00 23.00 17.88
CA GLU C 233 25.64 23.11 18.35
C GLU C 233 24.68 23.56 17.28
N ASN C 234 25.14 24.38 16.36
CA ASN C 234 24.29 24.86 15.28
C ASN C 234 24.66 24.29 13.89
N LYS C 235 25.47 23.26 13.85
CA LYS C 235 25.66 22.50 12.61
C LYS C 235 24.49 21.54 12.39
N SER C 236 24.23 21.24 11.11
CA SER C 236 23.14 20.34 10.80
C SER C 236 23.53 18.90 11.09
N ILE C 237 22.50 18.07 11.33
CA ILE C 237 22.74 16.66 11.53
C ILE C 237 23.47 16.12 10.34
N ALA C 238 23.03 16.52 9.14
CA ALA C 238 23.65 16.00 7.92
C ALA C 238 25.14 16.34 7.83
N GLU C 239 25.48 17.62 8.08
CA GLU C 239 26.89 18.05 8.12
C GLU C 239 27.72 17.18 9.02
N ILE C 240 27.22 17.00 10.23
CA ILE C 240 27.94 16.21 11.21
C ILE C 240 28.12 14.81 10.71
N VAL C 241 27.06 14.21 10.16
CA VAL C 241 27.14 12.85 9.67
C VAL C 241 28.19 12.73 8.59
N HIS C 242 28.19 13.68 7.67
CA HIS C 242 29.14 13.60 6.57
C HIS C 242 30.56 13.75 7.09
N GLU C 243 30.81 14.67 8.02
CA GLU C 243 32.14 14.78 8.57
C GLU C 243 32.54 13.53 9.34
N MET C 244 31.58 12.91 10.06
CA MET C 244 31.93 11.71 10.80
C MET C 244 32.56 10.68 9.84
N PHE C 245 31.87 10.40 8.74
CA PHE C 245 32.35 9.32 7.85
C PHE C 245 33.57 9.72 7.03
N SER C 246 33.89 11.01 7.00
CA SER C 246 35.10 11.40 6.33
C SER C 246 36.37 10.86 7.01
N TYR C 247 36.23 10.37 8.25
CA TYR C 247 37.30 9.78 9.03
C TYR C 247 37.33 8.24 8.93
N ALA C 248 36.56 7.65 8.03
CA ALA C 248 36.43 6.22 7.92
C ALA C 248 36.90 5.78 6.52
N ASP C 249 37.37 4.55 6.43
CA ASP C 249 37.57 3.92 5.12
C ASP C 249 36.33 3.16 4.61
N GLY C 250 35.32 3.04 5.44
CA GLY C 250 34.07 2.37 5.03
C GLY C 250 33.22 2.13 6.24
N CYS C 251 32.14 1.36 6.06
CA CYS C 251 31.26 1.11 7.16
C CYS C 251 30.39 -0.10 6.86
N THR C 252 29.91 -0.70 7.93
CA THR C 252 28.78 -1.61 7.90
C THR C 252 27.59 -0.86 8.48
N MET C 253 26.38 -1.13 7.97
CA MET C 253 25.19 -0.44 8.48
CA MET C 253 25.22 -0.49 8.60
C MET C 253 24.03 -1.43 8.55
N SER C 254 23.33 -1.50 9.69
CA SER C 254 22.00 -2.12 9.77
C SER C 254 21.04 -0.96 9.53
N GLY C 255 20.45 -0.92 8.35
CA GLY C 255 19.43 0.08 8.10
C GLY C 255 18.22 -0.06 9.02
N LYS C 256 18.05 -1.22 9.65
CA LYS C 256 16.91 -1.54 10.48
C LYS C 256 16.97 -0.70 11.79
N LYS C 257 18.06 0.06 11.92
CA LYS C 257 18.21 1.01 13.08
C LYS C 257 18.01 2.37 12.48
N ASP C 258 19.07 3.12 12.19
CA ASP C 258 18.84 4.54 11.95
C ASP C 258 18.35 4.89 10.55
N CYS C 259 18.28 3.94 9.61
CA CYS C 259 17.59 4.21 8.36
C CYS C 259 16.05 4.01 8.43
N LEU C 260 15.45 3.79 9.62
CA LEU C 260 14.02 3.86 9.76
C LEU C 260 13.28 2.84 8.88
N VAL C 261 13.80 1.61 8.82
CA VAL C 261 13.16 0.56 8.01
C VAL C 261 13.00 -0.71 8.84
N ASN C 262 12.24 -1.65 8.29
CA ASN C 262 11.97 -2.94 8.90
C ASN C 262 12.94 -4.02 8.41
N ILE C 263 13.77 -3.72 7.43
CA ILE C 263 14.70 -4.69 6.82
C ILE C 263 15.67 -3.85 6.00
N GLY C 264 16.90 -4.33 5.90
CA GLY C 264 17.88 -3.59 5.12
C GLY C 264 19.19 -3.27 5.78
N GLY C 265 20.25 -3.29 4.98
CA GLY C 265 21.58 -2.92 5.45
C GLY C 265 22.51 -2.66 4.28
N PHE C 266 23.73 -2.23 4.59
CA PHE C 266 24.71 -2.12 3.51
C PHE C 266 26.14 -2.07 4.04
N LEU C 267 27.03 -2.29 3.09
CA LEU C 267 28.47 -2.14 3.25
C LEU C 267 28.96 -1.01 2.37
N CYS C 268 29.81 -0.15 2.93
CA CYS C 268 30.41 0.92 2.15
C CYS C 268 31.94 0.86 2.26
N MET C 269 32.58 1.32 1.21
CA MET C 269 34.05 1.43 1.22
C MET C 269 34.46 2.45 0.20
N ASN C 270 35.66 3.01 0.40
CA ASN C 270 36.28 3.88 -0.60
C ASN C 270 37.21 3.13 -1.54
N ASP C 271 37.76 1.99 -1.12
CA ASP C 271 38.82 1.34 -1.86
C ASP C 271 38.23 0.57 -3.04
N ASP C 272 38.81 0.78 -4.25
CA ASP C 272 38.24 0.19 -5.46
C ASP C 272 38.37 -1.33 -5.46
N GLU C 273 39.55 -1.84 -5.10
CA GLU C 273 39.77 -3.29 -5.10
C GLU C 273 38.81 -3.99 -4.13
N MET C 274 38.71 -3.46 -2.92
CA MET C 274 37.85 -4.08 -1.92
C MET C 274 36.40 -4.11 -2.39
N PHE C 275 35.98 -3.06 -3.10
CA PHE C 275 34.63 -3.03 -3.69
C PHE C 275 34.46 -4.17 -4.70
N SER C 276 35.44 -4.33 -5.59
CA SER C 276 35.34 -5.42 -6.55
CA SER C 276 35.34 -5.42 -6.55
C SER C 276 35.25 -6.75 -5.82
N SER C 277 36.09 -6.93 -4.81
CA SER C 277 36.07 -8.16 -4.04
C SER C 277 34.74 -8.33 -3.31
N ALA C 278 34.17 -7.23 -2.81
CA ALA C 278 32.89 -7.31 -2.09
C ALA C 278 31.77 -7.77 -3.02
N LYS C 279 31.78 -7.28 -4.26
CA LYS C 279 30.76 -7.70 -5.20
C LYS C 279 30.89 -9.17 -5.60
N GLU C 280 32.11 -9.69 -5.67
CA GLU C 280 32.28 -11.11 -5.98
C GLU C 280 31.71 -11.96 -4.87
N LEU C 281 31.72 -11.45 -3.64
CA LEU C 281 31.23 -12.18 -2.48
C LEU C 281 29.75 -11.97 -2.20
N VAL C 282 29.18 -10.81 -2.56
CA VAL C 282 27.79 -10.56 -2.18
C VAL C 282 26.86 -11.55 -2.85
N VAL C 283 27.20 -11.99 -4.09
CA VAL C 283 26.38 -12.93 -4.82
C VAL C 283 26.36 -14.29 -4.16
N VAL C 284 27.34 -14.62 -3.29
CA VAL C 284 27.34 -15.95 -2.66
C VAL C 284 26.25 -16.02 -1.59
N TYR C 285 26.15 -14.94 -0.79
CA TYR C 285 25.36 -14.96 0.44
C TYR C 285 24.06 -14.18 0.34
N GLU C 286 24.06 -13.08 -0.42
CA GLU C 286 22.98 -12.09 -0.31
C GLU C 286 22.20 -11.99 -1.61
N GLY C 287 22.86 -11.62 -2.68
CA GLY C 287 22.27 -11.45 -4.01
C GLY C 287 23.18 -10.53 -4.87
N MET C 288 22.58 -9.88 -5.86
CA MET C 288 23.40 -9.10 -6.78
C MET C 288 23.95 -7.87 -6.10
N PRO C 289 25.02 -7.31 -6.64
CA PRO C 289 25.49 -6.00 -6.13
C PRO C 289 24.44 -4.92 -6.20
N SER C 290 23.39 -5.09 -7.02
CA SER C 290 22.31 -4.12 -7.12
C SER C 290 20.97 -4.61 -6.53
N TYR C 291 20.97 -5.66 -5.68
CA TYR C 291 19.84 -5.82 -4.73
C TYR C 291 20.26 -6.39 -3.38
N GLY C 292 21.31 -7.19 -3.31
CA GLY C 292 21.86 -7.52 -2.01
C GLY C 292 20.94 -8.20 -1.04
N GLY C 293 19.98 -9.02 -1.52
CA GLY C 293 19.08 -9.76 -0.69
C GLY C 293 17.89 -8.94 -0.21
N LEU C 294 17.64 -7.79 -0.84
CA LEU C 294 16.47 -6.95 -0.61
C LEU C 294 15.59 -6.89 -1.86
N ALA C 295 14.28 -6.82 -1.64
CA ALA C 295 13.33 -6.34 -2.67
C ALA C 295 13.67 -4.90 -3.08
N GLY C 296 13.41 -4.58 -4.36
CA GLY C 296 13.60 -3.22 -4.81
C GLY C 296 12.93 -2.22 -3.88
N ARG C 297 11.68 -2.48 -3.51
CA ARG C 297 10.91 -1.58 -2.62
C ARG C 297 11.65 -1.30 -1.30
N ASP C 298 12.41 -2.28 -0.80
CA ASP C 298 13.17 -2.06 0.43
C ASP C 298 14.40 -1.19 0.25
N MET C 299 15.09 -1.28 -0.89
CA MET C 299 16.18 -0.32 -1.12
C MET C 299 15.61 1.09 -1.20
N GLU C 300 14.41 1.21 -1.80
CA GLU C 300 13.74 2.49 -1.92
C GLU C 300 13.40 3.03 -0.52
N ALA C 301 12.76 2.20 0.31
CA ALA C 301 12.34 2.67 1.67
C ALA C 301 13.55 3.05 2.47
N MET C 302 14.65 2.29 2.29
CA MET C 302 15.85 2.57 3.05
C MET C 302 16.51 3.86 2.62
N ALA C 303 16.54 4.13 1.30
CA ALA C 303 17.06 5.37 0.78
C ALA C 303 16.25 6.55 1.33
N ILE C 304 14.95 6.39 1.42
CA ILE C 304 14.10 7.48 1.84
C ILE C 304 14.29 7.70 3.36
N GLY C 305 14.35 6.61 4.11
CA GLY C 305 14.44 6.74 5.57
C GLY C 305 15.75 7.32 6.03
N LEU C 306 16.84 6.93 5.41
CA LEU C 306 18.11 7.52 5.80
C LEU C 306 18.06 9.02 5.67
N ARG C 307 17.44 9.52 4.62
CA ARG C 307 17.37 10.95 4.43
C ARG C 307 16.42 11.59 5.43
N GLU C 308 15.31 10.90 5.77
CA GLU C 308 14.39 11.39 6.78
C GLU C 308 15.09 11.49 8.13
N ALA C 309 15.95 10.54 8.42
CA ALA C 309 16.66 10.57 9.70
C ALA C 309 17.55 11.81 9.86
N MET C 310 17.87 12.51 8.78
CA MET C 310 18.68 13.72 8.93
C MET C 310 17.91 14.90 9.52
N GLN C 311 16.56 14.80 9.67
CA GLN C 311 15.77 15.90 10.15
C GLN C 311 16.01 16.07 11.66
N TYR C 312 16.55 17.22 12.02
CA TYR C 312 16.90 17.47 13.43
C TYR C 312 15.73 17.18 14.37
N GLU C 313 14.55 17.72 14.09
CA GLU C 313 13.44 17.53 15.02
C GLU C 313 13.09 16.06 15.23
N TYR C 314 13.19 15.25 14.16
CA TYR C 314 12.94 13.83 14.30
C TYR C 314 13.93 13.19 15.29
N ILE C 315 15.25 13.47 15.14
CA ILE C 315 16.23 12.68 15.90
C ILE C 315 16.30 13.26 17.33
N GLU C 316 16.05 14.56 17.45
CA GLU C 316 15.90 15.18 18.79
C GLU C 316 14.80 14.48 19.58
N HIS C 317 13.60 14.41 19.01
CA HIS C 317 12.49 13.70 19.64
C HIS C 317 12.86 12.25 19.95
N ARG C 318 13.40 11.54 18.97
CA ARG C 318 13.73 10.12 19.15
C ARG C 318 14.55 9.93 20.42
N VAL C 319 15.61 10.72 20.52
CA VAL C 319 16.56 10.57 21.62
C VAL C 319 15.95 11.08 22.94
N LYS C 320 15.25 12.21 22.89
CA LYS C 320 14.65 12.72 24.12
C LYS C 320 13.48 11.85 24.59
N GLN C 321 12.83 11.12 23.71
CA GLN C 321 11.81 10.18 24.20
C GLN C 321 12.44 9.07 25.02
N VAL C 322 13.65 8.62 24.64
CA VAL C 322 14.36 7.62 25.45
C VAL C 322 14.75 8.23 26.79
N ARG C 323 15.29 9.43 26.71
CA ARG C 323 15.72 10.14 27.91
C ARG C 323 14.57 10.26 28.89
N TYR C 324 13.39 10.61 28.38
CA TYR C 324 12.21 10.74 29.24
C TYR C 324 11.99 9.46 30.05
N LEU C 325 12.08 8.35 29.40
CA LEU C 325 11.87 7.07 30.10
C LEU C 325 12.95 6.86 31.15
N GLY C 326 14.21 7.22 30.80
CA GLY C 326 15.29 7.02 31.73
C GLY C 326 15.20 7.95 32.91
N ASP C 327 14.81 9.21 32.63
CA ASP C 327 14.61 10.23 33.67
C ASP C 327 13.55 9.79 34.67
N LYS C 328 12.45 9.21 34.20
CA LYS C 328 11.41 8.76 35.10
C LYS C 328 11.86 7.59 35.97
N LEU C 329 12.57 6.61 35.38
CA LEU C 329 13.07 5.50 36.17
C LEU C 329 14.05 5.97 37.22
N LYS C 330 15.01 6.82 36.83
CA LYS C 330 16.06 7.26 37.70
C LYS C 330 15.46 8.02 38.87
N ALA C 331 14.48 8.87 38.57
CA ALA C 331 13.90 9.72 39.63
C ALA C 331 13.23 8.87 40.71
N ALA C 332 12.64 7.73 40.30
CA ALA C 332 11.99 6.80 41.21
C ALA C 332 12.96 5.83 41.85
N GLY C 333 14.26 5.99 41.60
CA GLY C 333 15.23 5.18 42.30
C GLY C 333 15.68 3.93 41.55
N VAL C 334 15.19 3.69 40.35
CA VAL C 334 15.57 2.48 39.61
C VAL C 334 16.99 2.68 39.06
N PRO C 335 17.89 1.72 39.26
CA PRO C 335 19.28 1.89 38.80
C PRO C 335 19.41 1.72 37.28
N ILE C 336 20.04 2.70 36.64
CA ILE C 336 20.23 2.69 35.21
C ILE C 336 21.69 3.03 34.85
N VAL C 337 22.04 2.64 33.63
CA VAL C 337 23.27 3.13 33.02
C VAL C 337 23.08 4.58 32.67
N GLU C 338 24.08 5.38 32.99
CA GLU C 338 24.02 6.80 32.75
C GLU C 338 25.26 7.21 31.97
N PRO C 339 25.18 8.28 31.17
CA PRO C 339 23.90 8.96 30.89
C PRO C 339 23.05 8.11 29.95
N VAL C 340 21.76 8.45 29.80
CA VAL C 340 20.92 7.69 28.89
C VAL C 340 21.46 7.83 27.48
N GLY C 341 21.41 6.73 26.72
CA GLY C 341 21.93 6.69 25.38
C GLY C 341 20.87 6.97 24.34
N GLY C 342 21.21 6.66 23.11
CA GLY C 342 20.41 7.16 22.01
C GLY C 342 19.16 6.35 21.72
N HIS C 343 19.15 5.08 22.06
CA HIS C 343 18.20 4.14 21.47
C HIS C 343 17.49 3.32 22.52
N ALA C 344 17.88 3.42 23.79
CA ALA C 344 17.38 2.51 24.81
C ALA C 344 17.74 3.09 26.17
N VAL C 345 16.99 2.66 27.19
CA VAL C 345 17.42 2.79 28.57
C VAL C 345 17.97 1.44 29.01
N PHE C 346 19.11 1.45 29.63
CA PHE C 346 19.75 0.24 30.16
C PHE C 346 19.61 0.20 31.66
N LEU C 347 18.73 -0.68 32.13
CA LEU C 347 18.65 -0.99 33.54
C LEU C 347 19.95 -1.63 34.00
N ASP C 348 20.41 -1.24 35.17
CA ASP C 348 21.62 -1.85 35.74
C ASP C 348 21.18 -3.03 36.61
N ALA C 349 21.18 -4.21 36.03
CA ALA C 349 20.64 -5.38 36.74
C ALA C 349 21.56 -5.81 37.86
N ARG C 350 22.82 -5.40 37.81
CA ARG C 350 23.72 -5.69 38.92
C ARG C 350 23.19 -5.03 40.20
N ARG C 351 22.71 -3.76 40.09
CA ARG C 351 22.16 -3.03 41.22
CA ARG C 351 22.16 -3.04 41.24
C ARG C 351 20.69 -3.36 41.46
N PHE C 352 19.96 -3.67 40.39
CA PHE C 352 18.56 -4.05 40.54
C PHE C 352 18.44 -5.35 41.33
N CYS C 353 19.39 -6.26 41.12
CA CYS C 353 19.38 -7.60 41.73
C CYS C 353 20.68 -7.84 42.49
N GLU C 354 20.98 -6.99 43.47
CA GLU C 354 22.22 -7.16 44.23
C GLU C 354 22.22 -8.46 45.02
N HIS C 355 21.06 -9.07 45.19
CA HIS C 355 20.95 -10.36 45.86
C HIS C 355 21.43 -11.51 44.98
N LEU C 356 21.68 -11.27 43.70
CA LEU C 356 22.15 -12.32 42.80
C LEU C 356 23.59 -12.07 42.36
N THR C 357 24.35 -13.14 42.12
CA THR C 357 25.63 -12.95 41.46
C THR C 357 25.43 -12.99 39.94
N GLN C 358 26.43 -12.49 39.23
CA GLN C 358 26.34 -12.45 37.76
C GLN C 358 26.27 -13.85 37.16
N ASP C 359 26.92 -14.83 37.79
CA ASP C 359 26.80 -16.22 37.39
C ASP C 359 25.39 -16.76 37.48
N GLU C 360 24.51 -16.09 38.21
CA GLU C 360 23.09 -16.41 38.30
C GLU C 360 22.24 -15.67 37.27
N PHE C 361 22.88 -14.91 36.35
CA PHE C 361 22.22 -14.28 35.21
C PHE C 361 21.12 -13.31 35.67
N PRO C 362 21.48 -12.32 36.49
CA PRO C 362 20.44 -11.39 36.97
C PRO C 362 19.76 -10.63 35.84
N ALA C 363 20.50 -10.27 34.80
CA ALA C 363 19.87 -9.50 33.72
C ALA C 363 18.87 -10.35 32.97
N GLN C 364 19.23 -11.60 32.65
CA GLN C 364 18.28 -12.49 31.99
C GLN C 364 17.02 -12.69 32.84
N SER C 365 17.19 -12.83 34.16
CA SER C 365 16.01 -13.04 34.99
C SER C 365 15.20 -11.77 35.14
N LEU C 366 15.86 -10.61 35.20
CA LEU C 366 15.12 -9.34 35.32
C LEU C 366 14.26 -9.10 34.08
N ALA C 367 14.78 -9.44 32.91
CA ALA C 367 13.96 -9.25 31.72
C ALA C 367 12.74 -10.18 31.73
N ALA C 368 12.90 -11.42 32.19
CA ALA C 368 11.75 -12.31 32.38
C ALA C 368 10.77 -11.70 33.36
N SER C 369 11.27 -11.21 34.49
CA SER C 369 10.39 -10.68 35.51
C SER C 369 9.62 -9.47 34.99
N ILE C 370 10.28 -8.60 34.23
CA ILE C 370 9.57 -7.42 33.70
C ILE C 370 8.39 -7.82 32.83
N TYR C 371 8.60 -8.83 31.97
CA TYR C 371 7.50 -9.27 31.12
C TYR C 371 6.37 -9.85 31.93
N VAL C 372 6.69 -10.77 32.83
CA VAL C 372 5.62 -11.40 33.61
C VAL C 372 4.81 -10.33 34.33
N GLU C 373 5.48 -9.32 34.89
CA GLU C 373 4.74 -8.38 35.73
C GLU C 373 4.03 -7.29 34.93
N THR C 374 4.45 -7.02 33.69
CA THR C 374 4.00 -5.84 32.97
C THR C 374 3.58 -6.09 31.53
N GLY C 375 3.99 -7.21 30.92
CA GLY C 375 3.73 -7.37 29.50
C GLY C 375 4.70 -6.64 28.61
N VAL C 376 5.71 -6.00 29.15
CA VAL C 376 6.69 -5.30 28.36
C VAL C 376 7.83 -6.25 28.12
N ARG C 377 8.24 -6.38 26.85
CA ARG C 377 9.41 -7.20 26.55
C ARG C 377 10.66 -6.32 26.43
N SER C 378 11.77 -6.82 27.00
CA SER C 378 13.07 -6.17 26.99
C SER C 378 14.13 -7.24 26.82
N ALA C 379 15.36 -6.80 26.58
CA ALA C 379 16.47 -7.70 26.25
C ALA C 379 17.57 -7.80 27.29
N GLU C 380 18.03 -9.04 27.52
CA GLU C 380 19.26 -9.28 28.27
C GLU C 380 20.43 -8.59 27.58
N ARG C 381 21.24 -7.89 28.36
CA ARG C 381 22.46 -7.31 27.80
C ARG C 381 23.50 -7.32 28.92
N GLY C 382 24.00 -8.53 29.16
CA GLY C 382 24.91 -8.83 30.23
C GLY C 382 25.71 -10.08 29.94
N ILE C 383 25.92 -10.90 30.96
CA ILE C 383 26.74 -12.10 30.83
C ILE C 383 26.25 -13.04 29.73
N ILE C 384 24.93 -13.13 29.51
CA ILE C 384 24.46 -14.08 28.50
C ILE C 384 24.84 -13.63 27.07
N SER C 385 24.49 -12.40 26.73
CA SER C 385 24.83 -11.84 25.44
C SER C 385 26.34 -11.74 25.23
N ALA C 386 27.13 -11.55 26.31
CA ALA C 386 28.57 -11.46 26.17
C ALA C 386 29.17 -12.75 25.61
N GLY C 387 28.49 -13.88 25.86
CA GLY C 387 28.91 -15.11 25.32
C GLY C 387 30.02 -15.79 26.07
N ARG C 388 30.49 -16.87 25.45
CA ARG C 388 31.41 -17.82 26.00
C ARG C 388 32.76 -17.52 25.37
N ASN C 389 33.79 -17.43 26.20
CA ASN C 389 35.16 -17.33 25.73
C ASN C 389 35.60 -18.68 25.15
N ASN C 390 35.91 -18.69 23.86
CA ASN C 390 36.11 -19.99 23.20
C ASN C 390 37.45 -20.62 23.57
N VAL C 391 38.42 -19.82 24.01
CA VAL C 391 39.73 -20.33 24.38
C VAL C 391 39.69 -21.03 25.73
N THR C 392 39.15 -20.35 26.75
CA THR C 392 39.07 -20.91 28.10
C THR C 392 37.75 -21.64 28.36
N GLY C 393 36.75 -21.43 27.50
CA GLY C 393 35.44 -22.00 27.72
C GLY C 393 34.62 -21.36 28.82
N GLU C 394 35.07 -20.26 29.39
CA GLU C 394 34.36 -19.60 30.48
C GLU C 394 33.46 -18.49 29.91
N HIS C 395 32.46 -18.10 30.70
CA HIS C 395 31.72 -16.87 30.36
C HIS C 395 32.70 -15.70 30.28
N HIS C 396 32.54 -14.89 29.23
CA HIS C 396 32.94 -13.49 29.31
C HIS C 396 32.11 -12.86 30.41
N ARG C 397 32.77 -12.09 31.27
CA ARG C 397 32.10 -11.51 32.43
C ARG C 397 32.18 -10.00 32.26
N PRO C 398 31.20 -9.40 31.57
CA PRO C 398 31.23 -7.94 31.41
C PRO C 398 30.92 -7.25 32.73
N LYS C 399 31.63 -6.14 32.99
CA LYS C 399 31.28 -5.31 34.13
C LYS C 399 29.80 -4.87 34.02
N LEU C 400 29.34 -4.61 32.79
CA LEU C 400 27.98 -4.12 32.56
C LEU C 400 27.03 -5.30 32.44
N GLU C 401 26.16 -5.46 33.42
CA GLU C 401 25.14 -6.49 33.51
C GLU C 401 23.83 -5.76 33.51
N THR C 402 23.27 -5.58 32.31
CA THR C 402 22.19 -4.62 32.08
C THR C 402 20.98 -5.28 31.39
N VAL C 403 19.84 -4.61 31.49
CA VAL C 403 18.65 -4.97 30.72
C VAL C 403 18.29 -3.80 29.84
N ARG C 404 18.07 -4.09 28.56
CA ARG C 404 17.83 -3.08 27.54
C ARG C 404 16.34 -2.89 27.22
N LEU C 405 15.85 -1.69 27.48
CA LEU C 405 14.51 -1.21 27.20
C LEU C 405 14.66 -0.44 25.90
N THR C 406 14.47 -1.15 24.78
CA THR C 406 14.90 -0.69 23.46
C THR C 406 13.72 -0.09 22.74
N ILE C 407 13.87 1.14 22.25
CA ILE C 407 12.74 1.95 21.78
C ILE C 407 12.76 1.97 20.27
N PRO C 408 11.81 1.32 19.61
CA PRO C 408 11.62 1.44 18.15
C PRO C 408 11.35 2.88 17.78
N ARG C 409 11.73 3.25 16.59
CA ARG C 409 11.64 4.66 16.17
C ARG C 409 10.24 4.98 15.63
N ARG C 410 9.58 5.99 16.24
CA ARG C 410 8.30 6.55 15.75
C ARG C 410 7.11 5.61 15.97
N VAL C 411 7.18 4.75 16.98
CA VAL C 411 6.15 3.74 17.26
C VAL C 411 5.32 4.08 18.51
N TYR C 412 5.97 4.49 19.60
CA TYR C 412 5.34 4.65 20.89
C TYR C 412 5.28 6.15 21.27
N THR C 413 4.45 6.40 22.26
CA THR C 413 4.24 7.71 22.87
C THR C 413 4.83 7.83 24.26
N TYR C 414 4.80 9.06 24.75
CA TYR C 414 5.19 9.30 26.15
C TYR C 414 4.27 8.57 27.12
N ALA C 415 3.01 8.46 26.78
CA ALA C 415 2.07 7.71 27.63
C ALA C 415 2.46 6.26 27.67
N HIS C 416 2.86 5.65 26.51
CA HIS C 416 3.44 4.32 26.60
C HIS C 416 4.69 4.30 27.46
N MET C 417 5.56 5.29 27.34
CA MET C 417 6.74 5.28 28.19
C MET C 417 6.33 5.30 29.66
N ASP C 418 5.30 6.07 29.99
CA ASP C 418 4.83 6.12 31.40
C ASP C 418 4.39 4.75 31.91
N VAL C 419 3.72 4.00 31.05
CA VAL C 419 3.27 2.66 31.43
C VAL C 419 4.49 1.79 31.69
N VAL C 420 5.48 1.85 30.80
CA VAL C 420 6.70 1.07 30.97
C VAL C 420 7.38 1.40 32.29
N ALA C 421 7.58 2.69 32.55
CA ALA C 421 8.29 3.14 33.74
C ALA C 421 7.54 2.74 35.00
N ASP C 422 6.22 2.98 35.04
CA ASP C 422 5.42 2.60 36.21
C ASP C 422 5.51 1.10 36.52
N GLY C 423 5.49 0.26 35.47
CA GLY C 423 5.56 -1.16 35.73
C GLY C 423 6.91 -1.59 36.26
N ILE C 424 8.00 -0.99 35.73
CA ILE C 424 9.34 -1.37 36.19
C ILE C 424 9.57 -0.82 37.60
N ILE C 425 9.02 0.36 37.88
CA ILE C 425 9.15 0.94 39.23
C ILE C 425 8.51 0.01 40.25
N LYS C 426 7.31 -0.48 39.94
CA LYS C 426 6.60 -1.37 40.85
C LYS C 426 7.37 -2.69 41.05
N LEU C 427 7.90 -3.25 39.97
CA LEU C 427 8.72 -4.45 40.13
C LEU C 427 9.92 -4.18 41.04
N TYR C 428 10.61 -3.07 40.82
CA TYR C 428 11.77 -2.71 41.66
C TYR C 428 11.44 -2.70 43.15
N GLN C 429 10.19 -2.45 43.53
CA GLN C 429 9.81 -2.43 44.93
C GLN C 429 9.85 -3.81 45.58
N HIS C 430 9.77 -4.89 44.78
CA HIS C 430 9.96 -6.23 45.31
C HIS C 430 11.08 -6.95 44.53
N LYS C 431 12.14 -6.19 44.22
CA LYS C 431 13.25 -6.71 43.44
CA LYS C 431 13.27 -6.69 43.45
C LYS C 431 13.86 -7.95 44.06
N GLU C 432 13.78 -8.08 45.39
CA GLU C 432 14.38 -9.20 46.09
CA GLU C 432 14.40 -9.21 46.08
C GLU C 432 13.79 -10.55 45.67
N ASP C 433 12.64 -10.54 45.01
CA ASP C 433 11.91 -11.74 44.62
C ASP C 433 12.39 -12.33 43.30
N ILE C 434 13.25 -11.62 42.58
CA ILE C 434 13.76 -12.07 41.29
C ILE C 434 14.75 -13.21 41.53
N ARG C 435 14.53 -14.34 40.88
CA ARG C 435 15.31 -15.54 41.13
C ARG C 435 16.42 -15.69 40.09
N GLY C 436 17.51 -16.33 40.50
CA GLY C 436 18.56 -16.65 39.56
C GLY C 436 18.15 -17.73 38.59
N LEU C 437 18.84 -17.73 37.45
CA LEU C 437 18.61 -18.67 36.35
C LEU C 437 19.87 -19.48 36.07
N LYS C 438 19.65 -20.62 35.42
CA LYS C 438 20.74 -21.44 34.89
C LYS C 438 20.38 -21.91 33.48
N PHE C 439 21.40 -22.31 32.71
CA PHE C 439 21.13 -22.77 31.36
C PHE C 439 20.45 -24.14 31.40
N ILE C 440 19.52 -24.37 30.46
CA ILE C 440 19.16 -25.72 30.09
C ILE C 440 19.41 -25.98 28.62
N TYR C 441 19.54 -24.95 27.79
CA TYR C 441 19.95 -25.11 26.41
C TYR C 441 20.81 -23.92 26.06
N GLU C 442 22.04 -24.17 25.62
CA GLU C 442 22.97 -23.10 25.24
C GLU C 442 23.45 -23.27 23.79
N PRO C 443 23.03 -22.43 22.85
CA PRO C 443 23.63 -22.49 21.51
C PRO C 443 25.13 -22.21 21.56
N LYS C 444 25.81 -22.61 20.47
CA LYS C 444 27.28 -22.61 20.46
C LYS C 444 27.86 -21.24 20.14
N GLN C 445 27.04 -20.31 19.63
CA GLN C 445 27.43 -18.92 19.44
C GLN C 445 26.16 -18.11 19.53
N LEU C 446 26.33 -16.81 19.76
CA LEU C 446 25.19 -15.88 19.83
C LEU C 446 24.09 -16.49 20.70
N ARG C 447 24.47 -16.98 21.89
CA ARG C 447 23.57 -17.86 22.63
C ARG C 447 22.31 -17.15 23.13
N PHE C 448 22.39 -15.83 23.25
CA PHE C 448 21.30 -15.08 23.91
C PHE C 448 20.01 -15.07 23.09
N PHE C 449 20.11 -15.27 21.75
CA PHE C 449 18.92 -15.19 20.91
C PHE C 449 17.94 -16.32 21.22
N THR C 450 18.46 -17.53 21.52
CA THR C 450 17.61 -18.72 21.59
C THR C 450 17.90 -19.63 22.78
N ALA C 451 18.80 -19.23 23.70
CA ALA C 451 19.07 -20.05 24.85
C ALA C 451 17.79 -20.23 25.67
N ARG C 452 17.71 -21.34 26.38
CA ARG C 452 16.61 -21.58 27.31
C ARG C 452 17.21 -21.80 28.69
N PHE C 453 16.46 -21.35 29.70
CA PHE C 453 16.87 -21.36 31.09
C PHE C 453 15.80 -22.00 31.97
N ASP C 454 16.20 -22.22 33.23
CA ASP C 454 15.28 -22.55 34.30
C ASP C 454 15.76 -21.85 35.57
N TYR C 455 14.84 -21.64 36.49
CA TYR C 455 15.18 -21.04 37.76
C TYR C 455 16.11 -21.94 38.59
N ILE C 456 17.05 -21.31 39.27
CA ILE C 456 17.96 -21.98 40.18
C ILE C 456 17.17 -22.50 41.40
N MET D 1 -1.95 -26.34 -28.34
CA MET D 1 -3.26 -27.05 -28.30
C MET D 1 -4.22 -26.28 -27.43
N ASN D 2 -3.65 -25.60 -26.43
CA ASN D 2 -4.43 -24.75 -25.53
C ASN D 2 -3.50 -23.67 -25.00
N TYR D 3 -3.93 -22.41 -25.17
CA TYR D 3 -3.28 -21.27 -24.57
C TYR D 3 -4.40 -20.52 -23.85
N PRO D 4 -4.66 -20.83 -22.58
CA PRO D 4 -5.73 -20.13 -21.86
C PRO D 4 -5.43 -18.66 -21.62
N ALA D 5 -6.50 -17.89 -21.45
CA ALA D 5 -6.34 -16.51 -21.04
C ALA D 5 -5.91 -16.45 -19.57
N GLU D 6 -5.38 -15.27 -19.20
CA GLU D 6 -4.87 -15.06 -17.85
C GLU D 6 -6.00 -15.30 -16.87
N PRO D 7 -5.83 -16.19 -15.88
CA PRO D 7 -6.89 -16.49 -14.90
C PRO D 7 -6.91 -15.45 -13.75
N PHE D 8 -6.89 -14.18 -14.12
CA PHE D 8 -6.79 -13.09 -13.16
C PHE D 8 -6.97 -11.82 -13.96
N ARG D 9 -7.19 -10.71 -13.26
CA ARG D 9 -7.24 -9.41 -13.89
C ARG D 9 -6.02 -8.63 -13.47
N ILE D 10 -5.75 -7.59 -14.24
CA ILE D 10 -4.69 -6.65 -13.90
C ILE D 10 -5.27 -5.70 -12.87
N LYS D 11 -4.59 -5.60 -11.76
CA LYS D 11 -4.97 -4.70 -10.67
C LYS D 11 -4.14 -3.41 -10.69
N SER D 12 -2.84 -3.49 -10.99
CA SER D 12 -2.03 -2.30 -11.22
C SER D 12 -0.92 -2.61 -12.18
N VAL D 13 -0.38 -1.52 -12.76
CA VAL D 13 0.54 -1.64 -13.88
C VAL D 13 1.83 -0.87 -13.62
N GLU D 14 2.86 -1.21 -14.42
CA GLU D 14 4.17 -0.58 -14.43
C GLU D 14 4.51 -0.27 -15.88
N THR D 15 4.93 0.96 -16.18
CA THR D 15 5.16 1.34 -17.59
C THR D 15 6.42 0.67 -18.16
N VAL D 16 6.38 0.36 -19.46
CA VAL D 16 7.50 -0.23 -20.17
C VAL D 16 7.80 0.69 -21.34
N SER D 17 9.07 0.69 -21.77
CA SER D 17 9.50 1.56 -22.86
C SER D 17 10.71 0.94 -23.55
N MET D 18 10.88 1.29 -24.80
CA MET D 18 12.02 0.87 -25.61
CA MET D 18 12.02 0.87 -25.60
C MET D 18 12.91 2.07 -25.89
N ILE D 19 14.22 1.88 -25.72
CA ILE D 19 15.20 2.87 -26.14
C ILE D 19 15.72 2.49 -27.54
N PRO D 20 16.23 3.45 -28.31
CA PRO D 20 16.66 3.15 -29.66
C PRO D 20 17.76 2.08 -29.71
N ARG D 21 17.88 1.43 -30.87
CA ARG D 21 18.93 0.42 -31.01
C ARG D 21 20.31 1.01 -30.77
N ASP D 22 20.57 2.22 -31.26
CA ASP D 22 21.89 2.82 -31.08
C ASP D 22 22.22 2.98 -29.60
N GLU D 23 21.22 3.31 -28.77
CA GLU D 23 21.49 3.45 -27.35
C GLU D 23 21.72 2.09 -26.71
N ARG D 24 20.93 1.07 -27.11
CA ARG D 24 21.12 -0.27 -26.59
C ARG D 24 22.52 -0.78 -26.89
N LEU D 25 23.05 -0.45 -28.07
CA LEU D 25 24.40 -0.88 -28.41
C LEU D 25 25.42 -0.29 -27.44
N LYS D 26 25.28 1.01 -27.13
CA LYS D 26 26.18 1.62 -26.16
C LYS D 26 26.02 0.99 -24.79
N LYS D 27 24.77 0.72 -24.40
CA LYS D 27 24.49 0.13 -23.08
C LYS D 27 25.15 -1.23 -22.95
N MET D 28 25.09 -2.03 -24.04
CA MET D 28 25.59 -3.40 -24.01
C MET D 28 27.10 -3.40 -23.93
N GLN D 29 27.76 -2.46 -24.59
CA GLN D 29 29.21 -2.32 -24.46
C GLN D 29 29.59 -1.81 -23.07
N GLU D 30 28.80 -0.86 -22.55
N GLU D 30 28.80 -0.85 -22.56
CA GLU D 30 29.03 -0.38 -21.19
CA GLU D 30 29.00 -0.38 -21.19
C GLU D 30 28.91 -1.52 -20.17
C GLU D 30 28.95 -1.54 -20.20
N ALA D 31 28.05 -2.50 -20.45
CA ALA D 31 27.85 -3.66 -19.59
C ALA D 31 28.85 -4.80 -19.88
N GLY D 32 29.95 -4.52 -20.60
CA GLY D 32 30.90 -5.57 -20.92
C GLY D 32 30.26 -6.77 -21.58
N TYR D 33 29.23 -6.54 -22.38
CA TYR D 33 28.50 -7.60 -23.11
C TYR D 33 27.92 -8.68 -22.19
N ASN D 34 27.61 -8.32 -20.92
CA ASN D 34 27.01 -9.25 -19.98
C ASN D 34 25.64 -8.68 -19.63
N THR D 35 24.58 -9.39 -20.04
CA THR D 35 23.24 -8.88 -19.81
C THR D 35 22.98 -8.66 -18.32
N PHE D 36 23.62 -9.46 -17.44
CA PHE D 36 23.41 -9.26 -16.00
C PHE D 36 23.86 -7.88 -15.53
N LEU D 37 24.70 -7.19 -16.30
CA LEU D 37 25.21 -5.88 -15.93
C LEU D 37 24.41 -4.73 -16.54
N LEU D 38 23.37 -5.03 -17.32
CA LEU D 38 22.52 -3.95 -17.83
C LEU D 38 21.63 -3.39 -16.72
N ASN D 39 21.06 -2.24 -16.99
CA ASN D 39 20.20 -1.54 -16.01
C ASN D 39 18.74 -1.69 -16.35
N SER D 40 17.94 -1.87 -15.30
CA SER D 40 16.50 -2.09 -15.44
C SER D 40 15.84 -1.11 -16.38
N LYS D 41 16.09 0.20 -16.18
CA LYS D 41 15.39 1.23 -16.96
C LYS D 41 15.74 1.13 -18.44
N ASP D 42 16.84 0.44 -18.79
CA ASP D 42 17.23 0.29 -20.19
C ASP D 42 16.67 -0.97 -20.83
N ILE D 43 15.90 -1.74 -20.08
CA ILE D 43 15.32 -2.98 -20.57
C ILE D 43 13.87 -2.74 -20.91
N TYR D 44 13.43 -3.29 -22.05
CA TYR D 44 12.03 -3.19 -22.42
C TYR D 44 11.19 -4.35 -21.87
N ILE D 45 11.58 -5.58 -22.19
CA ILE D 45 10.97 -6.79 -21.61
C ILE D 45 12.08 -7.56 -20.90
N ASP D 46 11.95 -7.74 -19.59
CA ASP D 46 13.09 -8.22 -18.79
C ASP D 46 12.88 -9.69 -18.45
N LEU D 47 13.46 -10.57 -19.32
CA LEU D 47 13.44 -12.01 -19.10
C LEU D 47 14.75 -12.54 -18.51
N LEU D 48 15.50 -11.69 -17.78
CA LEU D 48 16.75 -12.13 -17.19
C LEU D 48 16.50 -13.33 -16.29
N THR D 49 15.49 -13.23 -15.38
CA THR D 49 15.18 -14.31 -14.48
C THR D 49 13.71 -14.24 -14.06
N ASP D 50 13.19 -15.37 -13.64
CA ASP D 50 11.90 -15.40 -13.01
C ASP D 50 12.08 -15.27 -11.49
N SER D 51 13.26 -14.85 -11.06
CA SER D 51 13.55 -14.79 -9.63
C SER D 51 13.19 -13.44 -9.02
N GLY D 52 12.12 -13.41 -8.24
CA GLY D 52 11.79 -12.24 -7.50
C GLY D 52 11.16 -11.15 -8.32
N THR D 53 10.86 -11.42 -9.58
CA THR D 53 10.30 -10.46 -10.52
C THR D 53 8.77 -10.62 -10.69
N ASN D 54 8.15 -11.49 -9.91
CA ASN D 54 6.76 -11.89 -10.05
C ASN D 54 5.80 -10.78 -9.63
N ALA D 55 4.60 -10.81 -10.15
CA ALA D 55 3.58 -9.86 -9.72
C ALA D 55 2.79 -10.44 -8.57
N MET D 56 2.71 -9.69 -7.47
CA MET D 56 1.88 -10.15 -6.37
C MET D 56 0.38 -9.86 -6.62
N SER D 57 -0.47 -10.57 -5.85
CA SER D 57 -1.91 -10.34 -5.94
C SER D 57 -2.41 -9.28 -4.95
N ASP D 58 -3.68 -8.93 -5.11
CA ASP D 58 -4.33 -8.04 -4.15
C ASP D 58 -4.30 -8.62 -2.75
N LYS D 59 -4.54 -9.93 -2.62
CA LYS D 59 -4.48 -10.56 -1.30
C LYS D 59 -3.07 -10.50 -0.69
N GLN D 60 -2.05 -10.75 -1.51
CA GLN D 60 -0.67 -10.56 -1.04
C GLN D 60 -0.46 -9.12 -0.59
N TRP D 61 -0.99 -8.15 -1.32
CA TRP D 61 -0.68 -6.78 -0.99
C TRP D 61 -1.46 -6.37 0.26
N ALA D 62 -2.62 -7.00 0.44
CA ALA D 62 -3.32 -6.82 1.72
C ALA D 62 -2.47 -7.33 2.88
N GLY D 63 -1.85 -8.49 2.71
CA GLY D 63 -0.91 -9.01 3.70
C GLY D 63 0.30 -8.14 3.90
N MET D 64 0.68 -7.40 2.86
CA MET D 64 1.80 -6.48 2.97
C MET D 64 1.48 -5.29 3.89
N MET D 65 0.15 -5.05 4.14
CA MET D 65 -0.31 -4.02 5.06
C MET D 65 -0.40 -4.56 6.47
N MET D 66 -0.25 -5.85 6.67
N MET D 66 -0.22 -5.86 6.65
CA MET D 66 -0.45 -6.47 7.97
CA MET D 66 -0.44 -6.54 7.93
C MET D 66 0.86 -7.13 8.45
C MET D 66 0.87 -7.14 8.45
N GLY D 67 1.99 -6.47 8.16
CA GLY D 67 3.29 -6.95 8.65
C GLY D 67 3.37 -6.64 10.16
N ASP D 68 3.54 -7.69 10.96
CA ASP D 68 3.91 -7.64 12.35
C ASP D 68 5.43 -7.63 12.37
N GLU D 69 6.03 -6.46 12.59
CA GLU D 69 7.46 -6.30 12.43
C GLU D 69 8.28 -6.62 13.70
N ALA D 70 7.69 -7.35 14.63
CA ALA D 70 8.37 -7.77 15.86
C ALA D 70 9.65 -8.52 15.53
N TYR D 71 10.66 -8.33 16.37
CA TYR D 71 11.95 -8.98 16.10
C TYR D 71 11.87 -10.49 16.28
N ALA D 72 10.96 -10.94 17.13
CA ALA D 72 10.86 -12.35 17.48
C ALA D 72 9.41 -12.74 17.66
N GLY D 73 9.03 -13.85 17.05
CA GLY D 73 7.69 -14.36 17.26
C GLY D 73 6.61 -13.61 16.49
N SER D 74 6.96 -12.97 15.39
CA SER D 74 5.96 -12.32 14.52
C SER D 74 4.84 -13.28 14.14
N GLU D 75 3.62 -12.77 14.16
CA GLU D 75 2.46 -13.51 13.72
C GLU D 75 2.61 -13.91 12.25
N ASN D 76 3.31 -13.12 11.46
CA ASN D 76 3.51 -13.49 10.05
C ASN D 76 4.43 -14.71 9.93
N PHE D 77 5.38 -14.86 10.85
CA PHE D 77 6.19 -16.06 10.89
C PHE D 77 5.30 -17.27 11.14
N TYR D 78 4.40 -17.19 12.12
CA TYR D 78 3.51 -18.34 12.39
C TYR D 78 2.60 -18.64 11.24
N HIS D 79 2.13 -17.64 10.50
CA HIS D 79 1.31 -17.93 9.33
C HIS D 79 2.14 -18.64 8.27
N LEU D 80 3.36 -18.16 8.02
CA LEU D 80 4.26 -18.85 7.10
C LEU D 80 4.50 -20.28 7.53
N GLU D 81 4.79 -20.48 8.78
CA GLU D 81 5.14 -21.78 9.31
C GLU D 81 3.97 -22.74 9.13
N ARG D 82 2.79 -22.31 9.55
CA ARG D 82 1.63 -23.18 9.43
C ARG D 82 1.34 -23.50 7.97
N THR D 83 1.56 -22.53 7.09
CA THR D 83 1.24 -22.72 5.67
C THR D 83 2.18 -23.75 5.07
N VAL D 84 3.49 -23.58 5.31
CA VAL D 84 4.44 -24.54 4.77
C VAL D 84 4.24 -25.93 5.39
N GLN D 85 4.00 -26.00 6.68
CA GLN D 85 3.77 -27.29 7.31
C GLN D 85 2.59 -27.99 6.66
N GLU D 86 1.53 -27.23 6.38
CA GLU D 86 0.32 -27.78 5.79
C GLU D 86 0.58 -28.26 4.37
N LEU D 87 1.19 -27.40 3.56
CA LEU D 87 1.29 -27.60 2.12
C LEU D 87 2.45 -28.53 1.76
N PHE D 88 3.59 -28.44 2.45
CA PHE D 88 4.73 -29.30 2.13
C PHE D 88 4.85 -30.47 3.07
N GLY D 89 4.35 -30.34 4.30
CA GLY D 89 4.35 -31.46 5.24
C GLY D 89 5.62 -31.63 6.05
N PHE D 90 6.62 -30.77 5.90
CA PHE D 90 7.80 -30.89 6.73
C PHE D 90 7.46 -30.45 8.14
N LYS D 91 8.13 -31.10 9.10
CA LYS D 91 7.91 -30.79 10.50
C LYS D 91 8.36 -29.37 10.84
N HIS D 92 9.50 -28.96 10.31
CA HIS D 92 10.16 -27.73 10.74
C HIS D 92 10.48 -26.83 9.57
N ILE D 93 10.47 -25.52 9.85
CA ILE D 93 10.83 -24.52 8.87
C ILE D 93 11.70 -23.45 9.50
N VAL D 94 12.70 -23.03 8.76
CA VAL D 94 13.55 -21.89 9.14
C VAL D 94 13.47 -20.90 7.99
N PRO D 95 12.99 -19.67 8.20
CA PRO D 95 12.96 -18.70 7.09
C PRO D 95 14.37 -18.19 6.78
N THR D 96 14.59 -17.81 5.48
CA THR D 96 15.85 -17.21 5.02
C THR D 96 15.48 -16.10 4.06
N HIS D 97 16.39 -15.16 3.81
CA HIS D 97 15.92 -14.01 3.02
C HIS D 97 15.72 -14.39 1.58
N GLN D 98 16.45 -15.40 1.12
CA GLN D 98 16.14 -16.07 -0.15
C GLN D 98 16.85 -17.44 -0.20
N GLY D 99 16.83 -18.04 -1.39
CA GLY D 99 17.27 -19.43 -1.50
C GLY D 99 18.70 -19.67 -1.08
N ARG D 100 19.64 -18.85 -1.55
CA ARG D 100 21.02 -19.16 -1.26
C ARG D 100 21.30 -19.02 0.22
N GLY D 101 20.42 -18.33 0.95
CA GLY D 101 20.56 -18.25 2.40
C GLY D 101 20.25 -19.57 3.02
N ALA D 102 19.25 -20.26 2.48
CA ALA D 102 18.94 -21.58 2.97
C ALA D 102 20.01 -22.60 2.52
N GLU D 103 20.55 -22.45 1.32
CA GLU D 103 21.63 -23.34 0.87
C GLU D 103 22.87 -23.22 1.75
N ASN D 104 23.20 -21.98 2.14
CA ASN D 104 24.31 -21.74 3.04
C ASN D 104 24.12 -22.53 4.34
N LEU D 105 22.91 -22.45 4.92
CA LEU D 105 22.65 -23.21 6.13
C LEU D 105 22.73 -24.71 5.88
N LEU D 106 22.03 -25.21 4.85
CA LEU D 106 21.96 -26.65 4.68
C LEU D 106 23.36 -27.22 4.44
N SER D 107 24.17 -26.48 3.65
CA SER D 107 25.47 -27.01 3.26
C SER D 107 26.45 -27.02 4.42
N GLN D 108 26.39 -25.98 5.26
CA GLN D 108 27.22 -25.96 6.46
C GLN D 108 26.84 -27.09 7.43
N LEU D 109 25.55 -27.41 7.51
CA LEU D 109 24.99 -28.35 8.47
C LEU D 109 25.23 -29.79 8.09
N ALA D 110 25.17 -30.10 6.80
CA ALA D 110 24.96 -31.46 6.38
C ALA D 110 26.14 -32.04 5.59
N ILE D 111 27.21 -31.28 5.39
CA ILE D 111 28.38 -31.71 4.61
C ILE D 111 29.63 -31.72 5.46
N LYS D 112 30.31 -32.86 5.50
CA LYS D 112 31.69 -32.90 5.96
C LYS D 112 32.63 -32.89 4.75
N PRO D 113 33.76 -32.18 4.82
CA PRO D 113 34.68 -32.13 3.67
C PRO D 113 35.04 -33.51 3.15
N GLY D 114 35.01 -33.64 1.83
CA GLY D 114 35.32 -34.86 1.17
C GLY D 114 34.13 -35.73 0.88
N GLN D 115 32.96 -35.40 1.45
CA GLN D 115 31.76 -36.13 1.12
C GLN D 115 31.25 -35.70 -0.24
N TYR D 116 30.34 -36.51 -0.78
CA TYR D 116 29.73 -36.25 -2.07
C TYR D 116 28.31 -35.74 -1.89
N VAL D 117 27.93 -34.78 -2.73
CA VAL D 117 26.52 -34.42 -2.91
C VAL D 117 26.18 -34.80 -4.34
N ALA D 118 25.14 -35.59 -4.49
CA ALA D 118 24.64 -36.00 -5.79
C ALA D 118 23.30 -35.39 -6.11
N GLY D 119 23.10 -35.09 -7.40
CA GLY D 119 21.85 -34.44 -7.76
C GLY D 119 21.55 -34.50 -9.25
N ASN D 120 20.29 -34.17 -9.58
CA ASN D 120 19.83 -34.12 -10.97
C ASN D 120 20.18 -32.75 -11.54
N MET D 121 21.43 -32.61 -11.98
CA MET D 121 22.01 -31.33 -12.38
CA MET D 121 22.01 -31.32 -12.37
C MET D 121 22.01 -30.40 -11.17
N TYR D 122 22.24 -29.09 -11.36
CA TYR D 122 22.49 -28.17 -10.25
C TYR D 122 22.05 -26.77 -10.61
N PHE D 123 21.82 -25.94 -9.59
CA PHE D 123 21.78 -24.50 -9.72
C PHE D 123 23.10 -23.94 -9.20
N THR D 124 23.63 -22.93 -9.90
CA THR D 124 24.93 -22.34 -9.60
C THR D 124 25.21 -22.10 -8.12
N THR D 125 24.36 -21.32 -7.45
CA THR D 125 24.60 -21.05 -6.03
C THR D 125 24.55 -22.33 -5.19
N THR D 126 23.63 -23.25 -5.52
CA THR D 126 23.50 -24.49 -4.74
C THR D 126 24.80 -25.28 -4.81
N ARG D 127 25.31 -25.50 -6.02
CA ARG D 127 26.58 -26.20 -6.17
CA ARG D 127 26.58 -26.20 -6.17
C ARG D 127 27.70 -25.43 -5.48
N TYR D 128 27.72 -24.09 -5.62
CA TYR D 128 28.85 -23.37 -5.01
C TYR D 128 28.87 -23.59 -3.49
N HIS D 129 27.69 -23.58 -2.85
CA HIS D 129 27.65 -23.74 -1.39
C HIS D 129 28.00 -25.16 -0.96
N GLN D 130 27.60 -26.15 -1.76
CA GLN D 130 28.08 -27.51 -1.54
C GLN D 130 29.61 -27.59 -1.61
N GLU D 131 30.20 -27.06 -2.68
CA GLU D 131 31.65 -27.19 -2.90
C GLU D 131 32.44 -26.34 -1.89
N LYS D 132 31.96 -25.14 -1.60
CA LYS D 132 32.61 -24.30 -0.61
C LYS D 132 32.72 -24.97 0.75
N ASN D 133 31.82 -25.89 1.06
CA ASN D 133 31.85 -26.59 2.33
C ASN D 133 32.51 -27.96 2.22
N GLY D 134 33.08 -28.26 1.07
CA GLY D 134 33.97 -29.40 0.95
C GLY D 134 33.38 -30.57 0.18
N ALA D 135 32.14 -30.45 -0.33
CA ALA D 135 31.54 -31.54 -1.09
C ALA D 135 32.08 -31.59 -2.52
N VAL D 136 32.07 -32.81 -3.07
CA VAL D 136 32.23 -33.05 -4.49
C VAL D 136 30.85 -33.30 -5.05
N PHE D 137 30.46 -32.52 -6.03
CA PHE D 137 29.17 -32.69 -6.63
C PHE D 137 29.22 -33.71 -7.75
N VAL D 138 28.21 -34.58 -7.78
CA VAL D 138 28.08 -35.63 -8.79
C VAL D 138 26.72 -35.51 -9.45
N ASP D 139 26.70 -35.45 -10.80
CA ASP D 139 25.46 -35.32 -11.56
C ASP D 139 24.89 -36.69 -11.81
N ILE D 140 23.68 -36.95 -11.29
CA ILE D 140 23.01 -38.24 -11.47
C ILE D 140 21.70 -38.13 -12.26
N VAL D 141 21.49 -37.02 -12.97
CA VAL D 141 20.32 -36.90 -13.83
C VAL D 141 20.49 -37.91 -14.96
N ARG D 142 19.35 -38.38 -15.48
CA ARG D 142 19.36 -39.24 -16.67
C ARG D 142 20.15 -38.55 -17.81
N ASP D 143 20.76 -39.36 -18.69
CA ASP D 143 21.53 -38.76 -19.78
C ASP D 143 20.66 -37.88 -20.67
N GLU D 144 19.39 -38.27 -20.86
CA GLU D 144 18.52 -37.55 -21.80
C GLU D 144 18.43 -36.06 -21.46
N ALA D 145 18.60 -35.70 -20.16
CA ALA D 145 18.43 -34.32 -19.75
C ALA D 145 19.41 -33.40 -20.48
N HIS D 146 20.58 -33.90 -20.86
CA HIS D 146 21.63 -33.09 -21.48
C HIS D 146 21.48 -33.01 -23.01
N ASP D 147 20.48 -33.64 -23.59
CA ASP D 147 20.26 -33.60 -25.04
C ASP D 147 19.14 -32.61 -25.35
N ALA D 148 19.52 -31.46 -25.93
CA ALA D 148 18.59 -30.32 -26.06
C ALA D 148 17.39 -30.65 -26.93
N GLY D 149 17.61 -31.27 -28.06
CA GLY D 149 16.56 -31.54 -29.01
C GLY D 149 15.74 -32.76 -28.73
N LEU D 150 15.99 -33.40 -27.60
CA LEU D 150 15.28 -34.62 -27.25
C LEU D 150 13.98 -34.24 -26.53
N ASN D 151 12.87 -34.61 -27.11
CA ASN D 151 11.55 -34.23 -26.62
C ASN D 151 10.95 -35.43 -25.91
N ILE D 152 11.29 -35.59 -24.64
CA ILE D 152 10.72 -36.67 -23.84
C ILE D 152 10.21 -36.04 -22.55
N ALA D 153 9.28 -36.74 -21.93
CA ALA D 153 8.65 -36.30 -20.69
C ALA D 153 9.58 -36.61 -19.51
N PHE D 154 9.44 -35.80 -18.45
CA PHE D 154 10.15 -35.98 -17.19
C PHE D 154 11.63 -36.17 -17.43
N LYS D 155 12.20 -35.24 -18.20
CA LYS D 155 13.65 -35.22 -18.39
C LYS D 155 14.45 -35.00 -17.12
N GLY D 156 13.82 -34.47 -16.07
CA GLY D 156 14.54 -34.19 -14.85
C GLY D 156 14.82 -35.39 -13.96
N ASP D 157 14.24 -36.53 -14.24
CA ASP D 157 14.39 -37.73 -13.42
C ASP D 157 15.86 -38.08 -13.19
N ILE D 158 16.13 -38.51 -11.96
CA ILE D 158 17.39 -39.12 -11.62
C ILE D 158 17.49 -40.49 -12.26
N ASP D 159 18.70 -40.81 -12.69
CA ASP D 159 19.02 -42.16 -13.15
C ASP D 159 19.43 -43.00 -11.94
N LEU D 160 18.57 -43.95 -11.55
CA LEU D 160 18.83 -44.71 -10.34
C LEU D 160 20.09 -45.57 -10.46
N LYS D 161 20.49 -45.90 -11.68
CA LYS D 161 21.72 -46.66 -11.85
C LYS D 161 22.95 -45.78 -11.56
N LYS D 162 22.87 -44.50 -11.86
CA LYS D 162 23.95 -43.59 -11.53
C LYS D 162 24.08 -43.43 -10.02
N LEU D 163 22.93 -43.31 -9.34
CA LEU D 163 22.90 -43.22 -7.88
C LEU D 163 23.41 -44.50 -7.25
N GLN D 164 22.95 -45.64 -7.74
CA GLN D 164 23.46 -46.93 -7.25
C GLN D 164 24.97 -47.05 -7.47
N LYS D 165 25.46 -46.61 -8.63
CA LYS D 165 26.90 -46.69 -8.91
C LYS D 165 27.69 -45.81 -7.96
N LEU D 166 27.18 -44.62 -7.66
CA LEU D 166 27.86 -43.76 -6.69
C LEU D 166 27.93 -44.44 -5.34
N ILE D 167 26.84 -45.11 -4.94
CA ILE D 167 26.78 -45.80 -3.66
C ILE D 167 27.76 -46.95 -3.65
N ASP D 168 27.80 -47.74 -4.74
CA ASP D 168 28.68 -48.89 -4.81
C ASP D 168 30.14 -48.45 -4.77
N GLU D 169 30.46 -47.33 -5.44
CA GLU D 169 31.85 -46.92 -5.57
C GLU D 169 32.35 -46.13 -4.36
N LYS D 170 31.53 -45.19 -3.86
CA LYS D 170 32.00 -44.30 -2.80
C LYS D 170 31.51 -44.68 -1.42
N GLY D 171 30.51 -45.54 -1.32
CA GLY D 171 29.93 -45.90 -0.04
C GLY D 171 28.84 -44.92 0.38
N ALA D 172 27.71 -45.44 0.87
CA ALA D 172 26.58 -44.57 1.24
C ALA D 172 26.97 -43.54 2.29
N GLU D 173 27.77 -43.95 3.27
CA GLU D 173 28.06 -43.06 4.37
C GLU D 173 28.91 -41.88 3.94
N ASN D 174 29.49 -41.92 2.75
CA ASN D 174 30.27 -40.81 2.21
C ASN D 174 29.46 -39.89 1.29
N ILE D 175 28.16 -40.14 1.13
CA ILE D 175 27.25 -39.23 0.45
C ILE D 175 26.59 -38.39 1.54
N ALA D 176 26.86 -37.10 1.51
CA ALA D 176 26.23 -36.19 2.47
C ALA D 176 24.73 -36.20 2.31
N TYR D 177 24.25 -35.98 1.06
CA TYR D 177 22.84 -36.09 0.76
C TYR D 177 22.70 -36.07 -0.75
N ILE D 178 21.50 -36.43 -1.19
CA ILE D 178 21.03 -36.21 -2.54
C ILE D 178 20.28 -34.89 -2.56
N CYS D 179 20.60 -34.04 -3.52
CA CYS D 179 19.87 -32.81 -3.78
C CYS D 179 18.98 -33.05 -5.01
N LEU D 180 17.69 -33.28 -4.77
CA LEU D 180 16.78 -33.55 -5.86
C LEU D 180 16.04 -32.24 -6.14
N ALA D 181 16.23 -31.71 -7.35
CA ALA D 181 15.62 -30.44 -7.76
C ALA D 181 14.35 -30.67 -8.55
N VAL D 182 13.32 -29.89 -8.23
CA VAL D 182 12.02 -29.89 -8.93
C VAL D 182 11.64 -28.44 -9.21
N THR D 183 11.44 -28.08 -10.47
CA THR D 183 11.91 -28.76 -11.68
C THR D 183 13.42 -28.68 -11.75
N VAL D 184 13.99 -29.20 -12.84
CA VAL D 184 15.42 -29.13 -13.09
C VAL D 184 15.73 -27.94 -14.00
N ASN D 185 16.42 -26.94 -13.48
CA ASN D 185 16.52 -25.70 -14.22
C ASN D 185 17.38 -25.87 -15.48
N LEU D 186 18.57 -26.51 -15.40
CA LEU D 186 19.51 -26.47 -16.53
C LEU D 186 19.03 -27.26 -17.74
N ALA D 187 18.25 -28.32 -17.51
CA ALA D 187 17.67 -29.11 -18.56
C ALA D 187 16.57 -28.37 -19.26
N GLY D 188 16.28 -27.14 -18.85
CA GLY D 188 15.23 -26.34 -19.45
C GLY D 188 13.99 -26.13 -18.55
N GLY D 189 14.10 -26.37 -17.26
CA GLY D 189 12.93 -26.38 -16.41
C GLY D 189 12.12 -27.67 -16.56
N GLN D 190 12.83 -28.79 -16.49
CA GLN D 190 12.23 -30.09 -16.79
C GLN D 190 11.72 -30.75 -15.51
N PRO D 191 10.55 -31.36 -15.58
CA PRO D 191 9.95 -31.96 -14.38
C PRO D 191 10.56 -33.32 -14.04
N VAL D 192 10.43 -33.65 -12.76
CA VAL D 192 10.72 -34.95 -12.20
C VAL D 192 9.39 -35.63 -11.91
N SER D 193 9.28 -36.90 -12.26
CA SER D 193 8.03 -37.65 -12.04
C SER D 193 7.88 -38.04 -10.56
N MET D 194 6.62 -38.23 -10.15
CA MET D 194 6.36 -38.81 -8.83
C MET D 194 7.02 -40.18 -8.71
N ALA D 195 6.92 -40.99 -9.75
CA ALA D 195 7.52 -42.33 -9.71
C ALA D 195 9.01 -42.23 -9.41
N ASN D 196 9.69 -41.25 -9.98
CA ASN D 196 11.12 -41.10 -9.75
C ASN D 196 11.39 -40.62 -8.33
N MET D 197 10.61 -39.68 -7.85
CA MET D 197 10.77 -39.25 -6.46
C MET D 197 10.61 -40.43 -5.51
N ARG D 198 9.60 -41.26 -5.77
CA ARG D 198 9.35 -42.43 -4.94
CA ARG D 198 9.36 -42.42 -4.92
C ARG D 198 10.52 -43.41 -5.00
N ALA D 199 10.99 -43.70 -6.23
CA ALA D 199 12.12 -44.60 -6.43
C ALA D 199 13.37 -44.10 -5.72
N VAL D 200 13.70 -42.81 -5.89
CA VAL D 200 14.85 -42.23 -5.20
C VAL D 200 14.70 -42.35 -3.68
N ARG D 201 13.49 -42.09 -3.17
CA ARG D 201 13.30 -42.19 -1.72
C ARG D 201 13.56 -43.61 -1.23
N GLU D 202 13.06 -44.59 -1.97
CA GLU D 202 13.19 -45.98 -1.53
C GLU D 202 14.66 -46.42 -1.52
N LEU D 203 15.41 -46.07 -2.57
CA LEU D 203 16.82 -46.46 -2.64
C LEU D 203 17.64 -45.74 -1.59
N THR D 204 17.49 -44.42 -1.49
CA THR D 204 18.28 -43.70 -0.49
C THR D 204 17.93 -44.14 0.92
N ALA D 205 16.63 -44.36 1.19
CA ALA D 205 16.21 -44.81 2.52
C ALA D 205 16.86 -46.16 2.87
N ALA D 206 16.93 -47.07 1.90
CA ALA D 206 17.55 -48.37 2.15
C ALA D 206 19.02 -48.25 2.55
N HIS D 207 19.69 -47.14 2.18
CA HIS D 207 21.10 -46.92 2.47
C HIS D 207 21.35 -45.85 3.53
N GLY D 208 20.28 -45.32 4.13
CA GLY D 208 20.41 -44.32 5.18
C GLY D 208 20.82 -42.95 4.68
N ILE D 209 20.64 -42.69 3.40
CA ILE D 209 21.03 -41.46 2.75
C ILE D 209 19.89 -40.46 2.79
N LYS D 210 20.24 -39.21 3.14
CA LYS D 210 19.26 -38.14 3.23
C LYS D 210 19.03 -37.53 1.85
N VAL D 211 17.81 -37.00 1.66
CA VAL D 211 17.36 -36.44 0.40
C VAL D 211 16.78 -35.08 0.74
N PHE D 212 17.41 -34.02 0.25
CA PHE D 212 16.86 -32.66 0.36
C PHE D 212 16.44 -32.18 -1.03
N TYR D 213 15.20 -31.68 -1.14
CA TYR D 213 14.72 -31.19 -2.43
C TYR D 213 15.15 -29.75 -2.59
N ASP D 214 15.50 -29.36 -3.82
CA ASP D 214 15.48 -27.94 -4.20
C ASP D 214 14.10 -27.65 -4.73
N ALA D 215 13.28 -27.03 -3.88
CA ALA D 215 11.84 -26.97 -4.03
C ALA D 215 11.43 -25.75 -4.84
N THR D 216 12.41 -25.02 -5.37
CA THR D 216 12.20 -23.68 -5.90
C THR D 216 11.11 -23.62 -6.94
N ARG D 217 10.96 -24.67 -7.78
CA ARG D 217 9.92 -24.65 -8.81
C ARG D 217 9.05 -25.88 -8.70
N CYS D 218 8.72 -26.21 -7.46
CA CYS D 218 7.96 -27.41 -7.17
C CYS D 218 6.51 -27.34 -7.63
N VAL D 219 5.92 -26.14 -7.69
CA VAL D 219 4.54 -26.07 -8.13
C VAL D 219 4.50 -26.27 -9.63
N GLU D 220 5.43 -25.66 -10.37
CA GLU D 220 5.56 -25.98 -11.79
C GLU D 220 5.68 -27.48 -12.00
N ASN D 221 6.50 -28.11 -11.18
CA ASN D 221 6.71 -29.54 -11.33
C ASN D 221 5.40 -30.31 -11.13
N ALA D 222 4.69 -29.98 -10.05
CA ALA D 222 3.41 -30.65 -9.77
C ALA D 222 2.45 -30.53 -10.95
N TYR D 223 2.46 -29.38 -11.65
CA TYR D 223 1.56 -29.24 -12.78
C TYR D 223 1.89 -30.28 -13.88
N PHE D 224 3.17 -30.47 -14.18
CA PHE D 224 3.56 -31.47 -15.19
C PHE D 224 3.08 -32.87 -14.77
N ILE D 225 3.19 -33.16 -13.48
CA ILE D 225 2.70 -34.44 -12.95
C ILE D 225 1.20 -34.55 -13.17
N LYS D 226 0.43 -33.52 -12.77
CA LYS D 226 -1.01 -33.57 -13.02
C LYS D 226 -1.31 -33.74 -14.50
N GLU D 227 -0.56 -33.04 -15.34
CA GLU D 227 -0.87 -33.00 -16.77
C GLU D 227 -0.49 -34.29 -17.48
N GLN D 228 0.61 -34.92 -17.09
CA GLN D 228 1.20 -35.97 -17.92
C GLN D 228 1.46 -37.32 -17.25
N GLU D 229 1.50 -37.40 -15.91
CA GLU D 229 1.84 -38.69 -15.28
C GLU D 229 0.56 -39.47 -14.99
N GLN D 230 0.49 -40.71 -15.47
CA GLN D 230 -0.81 -41.39 -15.38
C GLN D 230 -1.19 -41.67 -13.93
N GLY D 231 -2.45 -41.45 -13.58
CA GLY D 231 -2.90 -41.65 -12.22
C GLY D 231 -3.06 -40.38 -11.41
N PHE D 232 -2.54 -39.27 -11.90
CA PHE D 232 -2.61 -38.00 -11.19
C PHE D 232 -3.56 -37.00 -11.86
N GLU D 233 -4.23 -37.41 -12.95
CA GLU D 233 -5.10 -36.52 -13.72
C GLU D 233 -6.07 -35.78 -12.82
N ASN D 234 -6.55 -36.46 -11.79
CA ASN D 234 -7.63 -35.93 -10.96
C ASN D 234 -7.17 -35.48 -9.60
N LYS D 235 -5.89 -35.53 -9.31
CA LYS D 235 -5.40 -35.07 -8.02
C LYS D 235 -5.19 -33.56 -8.08
N SER D 236 -5.38 -32.89 -6.93
CA SER D 236 -5.18 -31.45 -6.97
C SER D 236 -3.68 -31.13 -7.01
N ILE D 237 -3.35 -29.90 -7.41
CA ILE D 237 -1.94 -29.50 -7.36
C ILE D 237 -1.43 -29.64 -5.94
N ALA D 238 -2.24 -29.19 -4.94
CA ALA D 238 -1.78 -29.24 -3.56
C ALA D 238 -1.48 -30.67 -3.11
N GLU D 239 -2.35 -31.62 -3.46
CA GLU D 239 -2.11 -33.01 -3.11
C GLU D 239 -0.82 -33.52 -3.75
N ILE D 240 -0.61 -33.19 -5.02
CA ILE D 240 0.60 -33.64 -5.70
C ILE D 240 1.82 -33.05 -5.01
N VAL D 241 1.77 -31.75 -4.68
CA VAL D 241 2.89 -31.11 -3.99
C VAL D 241 3.15 -31.78 -2.64
N HIS D 242 2.06 -32.13 -1.91
CA HIS D 242 2.23 -32.76 -0.59
C HIS D 242 2.87 -34.14 -0.71
N GLU D 243 2.41 -34.96 -1.67
CA GLU D 243 3.04 -36.25 -1.90
C GLU D 243 4.49 -36.13 -2.33
N MET D 244 4.82 -35.19 -3.23
CA MET D 244 6.22 -35.00 -3.62
C MET D 244 7.13 -34.89 -2.40
N PHE D 245 6.79 -33.98 -1.47
CA PHE D 245 7.68 -33.76 -0.34
C PHE D 245 7.63 -34.87 0.68
N SER D 246 6.63 -35.75 0.60
CA SER D 246 6.63 -36.92 1.47
C SER D 246 7.82 -37.82 1.19
N TYR D 247 8.43 -37.67 0.01
CA TYR D 247 9.58 -38.46 -0.40
C TYR D 247 10.90 -37.76 -0.05
N ALA D 248 10.87 -36.68 0.72
CA ALA D 248 12.06 -35.93 1.09
C ALA D 248 12.24 -35.80 2.60
N ASP D 249 13.47 -35.50 3.01
CA ASP D 249 13.82 -35.23 4.40
C ASP D 249 13.83 -33.73 4.72
N GLY D 250 13.68 -32.91 3.69
CA GLY D 250 13.74 -31.46 3.82
C GLY D 250 13.82 -30.83 2.46
N CYS D 251 13.99 -29.50 2.48
CA CYS D 251 14.14 -28.77 1.24
C CYS D 251 14.78 -27.40 1.52
N THR D 252 15.35 -26.86 0.47
CA THR D 252 15.64 -25.44 0.31
C THR D 252 14.65 -24.88 -0.72
N MET D 253 14.14 -23.68 -0.47
CA MET D 253 13.27 -23.03 -1.43
C MET D 253 13.62 -21.55 -1.52
N SER D 254 13.72 -21.08 -2.76
CA SER D 254 13.66 -19.67 -3.10
C SER D 254 12.19 -19.37 -3.34
N GLY D 255 11.55 -18.78 -2.34
CA GLY D 255 10.18 -18.30 -2.53
C GLY D 255 10.04 -17.34 -3.68
N LYS D 256 11.15 -16.68 -4.07
CA LYS D 256 11.21 -15.73 -5.14
C LYS D 256 10.85 -16.38 -6.49
N LYS D 257 10.72 -17.69 -6.49
CA LYS D 257 10.25 -18.42 -7.70
C LYS D 257 8.78 -18.77 -7.44
N ASP D 258 8.49 -19.97 -6.97
CA ASP D 258 7.07 -20.42 -7.04
C ASP D 258 6.15 -19.92 -5.90
N CYS D 259 6.72 -19.24 -4.92
CA CYS D 259 5.86 -18.60 -3.91
C CYS D 259 5.38 -17.23 -4.31
N LEU D 260 5.63 -16.81 -5.56
CA LEU D 260 5.00 -15.60 -6.10
C LEU D 260 5.39 -14.34 -5.32
N VAL D 261 6.68 -14.22 -4.91
CA VAL D 261 7.11 -13.07 -4.14
C VAL D 261 8.34 -12.42 -4.72
N ASN D 262 8.73 -11.31 -4.17
CA ASN D 262 9.86 -10.54 -4.67
C ASN D 262 11.11 -10.77 -3.88
N ILE D 263 10.99 -11.48 -2.77
CA ILE D 263 12.05 -11.75 -1.81
C ILE D 263 11.50 -12.84 -0.94
N GLY D 264 12.39 -13.66 -0.38
CA GLY D 264 11.99 -14.70 0.54
C GLY D 264 12.46 -16.06 0.13
N GLY D 265 12.79 -16.87 1.13
CA GLY D 265 12.94 -18.29 0.97
C GLY D 265 12.89 -18.96 2.32
N PHE D 266 13.21 -20.26 2.32
CA PHE D 266 13.23 -20.97 3.60
C PHE D 266 13.91 -22.32 3.44
N LEU D 267 14.26 -22.87 4.59
CA LEU D 267 14.79 -24.23 4.77
C LEU D 267 13.82 -25.08 5.58
N CYS D 268 13.50 -26.29 5.09
CA CYS D 268 12.65 -27.21 5.84
C CYS D 268 13.41 -28.50 6.15
N MET D 269 13.04 -29.14 7.26
CA MET D 269 13.57 -30.45 7.61
C MET D 269 12.60 -31.12 8.57
N ASN D 270 12.69 -32.46 8.62
CA ASN D 270 11.93 -33.22 9.57
C ASN D 270 12.71 -33.54 10.82
N ASP D 271 14.05 -33.58 10.75
CA ASP D 271 14.88 -34.00 11.86
C ASP D 271 15.01 -32.90 12.90
N ASP D 272 14.77 -33.24 14.16
CA ASP D 272 14.77 -32.23 15.22
C ASP D 272 16.17 -31.67 15.46
N GLU D 273 17.18 -32.55 15.49
CA GLU D 273 18.54 -32.10 15.77
C GLU D 273 19.04 -31.18 14.68
N MET D 274 18.73 -31.50 13.43
CA MET D 274 19.15 -30.62 12.35
C MET D 274 18.45 -29.25 12.46
N PHE D 275 17.17 -29.27 12.83
CA PHE D 275 16.41 -28.04 13.09
C PHE D 275 17.07 -27.19 14.17
N SER D 276 17.50 -27.80 15.28
CA SER D 276 18.17 -27.02 16.32
CA SER D 276 18.17 -27.02 16.33
C SER D 276 19.49 -26.44 15.80
N SER D 277 20.24 -27.23 15.02
CA SER D 277 21.48 -26.72 14.47
C SER D 277 21.23 -25.60 13.49
N ALA D 278 20.15 -25.70 12.73
CA ALA D 278 19.88 -24.69 11.72
C ALA D 278 19.53 -23.36 12.39
N LYS D 279 18.76 -23.42 13.47
CA LYS D 279 18.48 -22.20 14.24
C LYS D 279 19.72 -21.60 14.86
N GLU D 280 20.68 -22.44 15.32
CA GLU D 280 21.88 -21.84 15.87
C GLU D 280 22.65 -21.09 14.79
N LEU D 281 22.52 -21.50 13.54
CA LEU D 281 23.26 -20.88 12.45
C LEU D 281 22.49 -19.73 11.77
N VAL D 282 21.16 -19.80 11.74
CA VAL D 282 20.41 -18.76 11.02
C VAL D 282 20.70 -17.39 11.63
N VAL D 283 20.89 -17.30 12.94
CA VAL D 283 21.16 -16.02 13.58
C VAL D 283 22.51 -15.44 13.15
N VAL D 284 23.42 -16.27 12.62
CA VAL D 284 24.73 -15.75 12.23
C VAL D 284 24.61 -14.97 10.92
N TYR D 285 23.86 -15.51 9.96
CA TYR D 285 23.85 -14.95 8.61
C TYR D 285 22.58 -14.21 8.24
N GLU D 286 21.43 -14.64 8.74
CA GLU D 286 20.13 -14.17 8.29
C GLU D 286 19.37 -13.39 9.36
N GLY D 287 19.17 -13.98 10.50
CA GLY D 287 18.42 -13.35 11.59
C GLY D 287 17.69 -14.43 12.42
N MET D 288 16.66 -14.02 13.17
CA MET D 288 16.04 -14.95 14.11
C MET D 288 15.40 -16.11 13.39
N PRO D 289 15.25 -17.25 14.05
CA PRO D 289 14.45 -18.34 13.48
C PRO D 289 13.03 -17.93 13.11
N SER D 290 12.49 -16.81 13.66
CA SER D 290 11.16 -16.34 13.33
C SER D 290 11.18 -15.09 12.44
N TYR D 291 12.33 -14.70 11.83
CA TYR D 291 12.23 -13.87 10.62
C TYR D 291 13.28 -14.10 9.53
N GLY D 292 14.43 -14.65 9.86
CA GLY D 292 15.37 -15.17 8.81
C GLY D 292 15.74 -14.19 7.73
N GLY D 293 15.92 -12.92 8.12
CA GLY D 293 16.39 -11.87 7.24
C GLY D 293 15.26 -11.29 6.40
N LEU D 294 14.00 -11.57 6.77
CA LEU D 294 12.81 -11.00 6.17
C LEU D 294 12.02 -10.10 7.12
N ALA D 295 11.44 -9.06 6.53
CA ALA D 295 10.40 -8.29 7.20
C ALA D 295 9.17 -9.16 7.40
N GLY D 296 8.41 -8.88 8.47
CA GLY D 296 7.19 -9.62 8.72
C GLY D 296 6.27 -9.66 7.52
N ARG D 297 6.07 -8.49 6.88
CA ARG D 297 5.18 -8.39 5.73
C ARG D 297 5.58 -9.35 4.57
N ASP D 298 6.87 -9.61 4.42
CA ASP D 298 7.34 -10.53 3.39
C ASP D 298 7.10 -11.99 3.75
N MET D 299 7.26 -12.35 5.03
CA MET D 299 6.78 -13.66 5.45
C MET D 299 5.29 -13.84 5.16
N GLU D 300 4.50 -12.80 5.46
CA GLU D 300 3.10 -12.83 5.12
C GLU D 300 2.88 -13.04 3.61
N ALA D 301 3.52 -12.22 2.83
CA ALA D 301 3.30 -12.30 1.38
C ALA D 301 3.73 -13.64 0.85
N MET D 302 4.78 -14.23 1.44
CA MET D 302 5.22 -15.56 1.00
C MET D 302 4.25 -16.67 1.40
N ALA D 303 3.69 -16.61 2.61
CA ALA D 303 2.63 -17.51 3.03
C ALA D 303 1.45 -17.45 2.07
N ILE D 304 1.03 -16.26 1.71
CA ILE D 304 -0.16 -16.12 0.88
C ILE D 304 0.13 -16.60 -0.53
N GLY D 305 1.29 -16.23 -1.05
CA GLY D 305 1.66 -16.61 -2.42
C GLY D 305 1.78 -18.10 -2.62
N LEU D 306 2.40 -18.80 -1.66
CA LEU D 306 2.57 -20.22 -1.83
C LEU D 306 1.22 -20.89 -1.94
N ARG D 307 0.25 -20.38 -1.17
CA ARG D 307 -1.08 -20.96 -1.26
C ARG D 307 -1.74 -20.62 -2.60
N GLU D 308 -1.54 -19.39 -3.07
CA GLU D 308 -2.10 -18.99 -4.36
C GLU D 308 -1.55 -19.85 -5.47
N ALA D 309 -0.26 -20.21 -5.38
CA ALA D 309 0.40 -21.01 -6.43
C ALA D 309 -0.28 -22.35 -6.68
N MET D 310 -0.97 -22.86 -5.68
CA MET D 310 -1.66 -24.16 -5.74
CA MET D 310 -1.64 -24.16 -5.76
C MET D 310 -2.93 -24.15 -6.58
N GLN D 311 -3.39 -22.99 -7.01
CA GLN D 311 -4.57 -22.90 -7.83
C GLN D 311 -4.28 -23.46 -9.22
N TYR D 312 -5.09 -24.41 -9.65
CA TYR D 312 -4.79 -25.12 -10.90
C TYR D 312 -4.73 -24.17 -12.10
N GLU D 313 -5.74 -23.32 -12.24
CA GLU D 313 -5.78 -22.44 -13.40
C GLU D 313 -4.59 -21.49 -13.44
N TYR D 314 -4.12 -21.02 -12.27
CA TYR D 314 -2.93 -20.16 -12.27
C TYR D 314 -1.71 -20.92 -12.85
N ILE D 315 -1.44 -22.10 -12.33
CA ILE D 315 -0.18 -22.71 -12.70
C ILE D 315 -0.27 -23.26 -14.13
N GLU D 316 -1.48 -23.71 -14.53
CA GLU D 316 -1.67 -24.15 -15.93
C GLU D 316 -1.39 -22.99 -16.89
N HIS D 317 -1.94 -21.80 -16.58
CA HIS D 317 -1.68 -20.66 -17.43
C HIS D 317 -0.20 -20.27 -17.40
N ARG D 318 0.40 -20.29 -16.20
CA ARG D 318 1.81 -19.95 -16.07
C ARG D 318 2.63 -20.79 -17.05
N VAL D 319 2.45 -22.10 -16.97
CA VAL D 319 3.27 -23.03 -17.73
C VAL D 319 2.92 -22.95 -19.23
N LYS D 320 1.63 -22.80 -19.57
CA LYS D 320 1.26 -22.73 -20.98
C LYS D 320 1.64 -21.40 -21.61
N GLN D 321 1.78 -20.34 -20.82
CA GLN D 321 2.33 -19.10 -21.38
C GLN D 321 3.76 -19.30 -21.86
N VAL D 322 4.58 -19.99 -21.06
CA VAL D 322 5.95 -20.32 -21.49
C VAL D 322 5.92 -21.14 -22.73
N ARG D 323 5.08 -22.17 -22.72
CA ARG D 323 4.95 -23.07 -23.89
C ARG D 323 4.55 -22.31 -25.12
N TYR D 324 3.69 -21.30 -24.99
CA TYR D 324 3.32 -20.50 -26.15
C TYR D 324 4.54 -19.85 -26.80
N LEU D 325 5.40 -19.26 -25.98
CA LEU D 325 6.62 -18.66 -26.52
C LEU D 325 7.48 -19.71 -27.24
N GLY D 326 7.70 -20.83 -26.56
CA GLY D 326 8.53 -21.89 -27.15
C GLY D 326 7.90 -22.51 -28.37
N ASP D 327 6.59 -22.72 -28.34
CA ASP D 327 5.91 -23.23 -29.53
C ASP D 327 6.12 -22.32 -30.72
N LYS D 328 6.02 -21.02 -30.51
CA LYS D 328 6.18 -20.04 -31.57
C LYS D 328 7.62 -19.98 -32.09
N LEU D 329 8.59 -20.03 -31.20
CA LEU D 329 9.98 -20.08 -31.62
C LEU D 329 10.24 -21.34 -32.45
N LYS D 330 9.72 -22.48 -32.00
CA LYS D 330 9.99 -23.78 -32.64
C LYS D 330 9.31 -23.87 -34.00
N ALA D 331 8.11 -23.26 -34.11
CA ALA D 331 7.42 -23.33 -35.40
C ALA D 331 8.14 -22.53 -36.48
N ALA D 332 8.89 -21.51 -36.08
CA ALA D 332 9.71 -20.72 -36.97
C ALA D 332 11.10 -21.31 -37.21
N GLY D 333 11.43 -22.44 -36.59
CA GLY D 333 12.71 -23.06 -36.84
C GLY D 333 13.83 -22.61 -35.92
N VAL D 334 13.53 -21.80 -34.94
CA VAL D 334 14.57 -21.39 -34.01
C VAL D 334 14.88 -22.56 -33.10
N PRO D 335 16.15 -22.93 -32.93
CA PRO D 335 16.46 -24.13 -32.14
C PRO D 335 16.29 -23.86 -30.65
N ILE D 336 15.57 -24.74 -29.96
CA ILE D 336 15.36 -24.58 -28.52
C ILE D 336 15.54 -25.94 -27.85
N VAL D 337 15.74 -25.90 -26.53
CA VAL D 337 15.61 -27.08 -25.69
C VAL D 337 14.15 -27.52 -25.67
N GLU D 338 13.93 -28.82 -25.70
CA GLU D 338 12.60 -29.39 -25.69
C GLU D 338 12.54 -30.48 -24.64
N PRO D 339 11.33 -30.87 -24.20
CA PRO D 339 10.12 -30.03 -24.39
C PRO D 339 10.27 -28.74 -23.59
N VAL D 340 9.39 -27.77 -23.84
CA VAL D 340 9.48 -26.52 -23.09
C VAL D 340 9.22 -26.85 -21.64
N GLY D 341 9.96 -26.21 -20.74
CA GLY D 341 9.81 -26.39 -19.31
C GLY D 341 8.84 -25.41 -18.69
N GLY D 342 8.97 -25.26 -17.38
CA GLY D 342 7.93 -24.59 -16.62
C GLY D 342 8.08 -23.09 -16.49
N HIS D 343 9.31 -22.55 -16.65
CA HIS D 343 9.58 -21.17 -16.28
C HIS D 343 10.29 -20.38 -17.32
N ALA D 344 10.73 -21.01 -18.41
CA ALA D 344 11.55 -20.33 -19.38
C ALA D 344 11.59 -21.19 -20.63
N VAL D 345 11.90 -20.50 -21.72
CA VAL D 345 12.29 -21.12 -22.98
C VAL D 345 13.80 -20.96 -23.06
N PHE D 346 14.49 -22.05 -23.40
CA PHE D 346 15.95 -22.06 -23.54
C PHE D 346 16.27 -22.18 -25.02
N LEU D 347 16.76 -21.10 -25.60
CA LEU D 347 17.36 -21.17 -26.90
C LEU D 347 18.60 -22.05 -26.87
N ASP D 348 18.79 -22.78 -27.94
CA ASP D 348 19.97 -23.65 -28.04
C ASP D 348 21.02 -22.87 -28.79
N ALA D 349 21.89 -22.21 -28.04
CA ALA D 349 22.91 -21.35 -28.64
C ALA D 349 23.95 -22.14 -29.42
N ARG D 350 24.16 -23.42 -29.10
CA ARG D 350 25.11 -24.22 -29.87
C ARG D 350 24.66 -24.28 -31.33
N ARG D 351 23.35 -24.42 -31.55
CA ARG D 351 22.78 -24.50 -32.89
CA ARG D 351 22.79 -24.49 -32.89
C ARG D 351 22.51 -23.11 -33.45
N PHE D 352 22.10 -22.17 -32.60
CA PHE D 352 21.86 -20.81 -33.06
C PHE D 352 23.13 -20.20 -33.61
N CYS D 353 24.25 -20.51 -32.98
CA CYS D 353 25.54 -19.93 -33.32
C CYS D 353 26.50 -21.07 -33.65
N GLU D 354 26.18 -21.89 -34.67
CA GLU D 354 27.04 -23.00 -35.07
C GLU D 354 28.40 -22.53 -35.62
N HIS D 355 28.50 -21.27 -36.04
CA HIS D 355 29.76 -20.69 -36.47
C HIS D 355 30.75 -20.42 -35.35
N LEU D 356 30.33 -20.45 -34.07
CA LEU D 356 31.21 -20.24 -32.92
C LEU D 356 31.47 -21.57 -32.21
N THR D 357 32.65 -21.70 -31.61
CA THR D 357 32.87 -22.78 -30.67
C THR D 357 32.36 -22.34 -29.29
N GLN D 358 32.17 -23.33 -28.41
CA GLN D 358 31.71 -23.01 -27.07
C GLN D 358 32.73 -22.18 -26.32
N ASP D 359 34.03 -22.33 -26.64
CA ASP D 359 35.07 -21.51 -26.04
CA ASP D 359 35.07 -21.51 -26.04
C ASP D 359 34.98 -20.04 -26.43
N GLU D 360 34.21 -19.69 -27.46
CA GLU D 360 33.97 -18.31 -27.84
C GLU D 360 32.66 -17.77 -27.26
N PHE D 361 32.05 -18.53 -26.32
CA PHE D 361 30.93 -18.09 -25.45
C PHE D 361 29.74 -17.70 -26.32
N PRO D 362 29.22 -18.63 -27.14
CA PRO D 362 28.08 -18.27 -28.00
C PRO D 362 26.81 -17.90 -27.22
N ALA D 363 26.50 -18.61 -26.14
CA ALA D 363 25.33 -18.26 -25.35
C ALA D 363 25.46 -16.83 -24.79
N GLN D 364 26.61 -16.48 -24.23
CA GLN D 364 26.78 -15.14 -23.67
C GLN D 364 26.61 -14.07 -24.76
N SER D 365 27.20 -14.32 -25.92
CA SER D 365 27.10 -13.36 -27.02
C SER D 365 25.70 -13.26 -27.61
N LEU D 366 25.02 -14.40 -27.78
CA LEU D 366 23.62 -14.38 -28.24
C LEU D 366 22.73 -13.57 -27.27
N ALA D 367 22.86 -13.83 -25.98
CA ALA D 367 22.13 -13.00 -25.00
C ALA D 367 22.35 -11.51 -25.27
N ALA D 368 23.62 -11.13 -25.51
CA ALA D 368 23.95 -9.73 -25.77
C ALA D 368 23.30 -9.23 -27.05
N SER D 369 23.40 -10.03 -28.14
CA SER D 369 22.77 -9.67 -29.41
C SER D 369 21.25 -9.55 -29.29
N ILE D 370 20.61 -10.45 -28.55
CA ILE D 370 19.15 -10.31 -28.38
C ILE D 370 18.81 -8.97 -27.75
N TYR D 371 19.55 -8.54 -26.73
CA TYR D 371 19.20 -7.25 -26.17
C TYR D 371 19.42 -6.17 -27.20
N VAL D 372 20.54 -6.24 -27.95
CA VAL D 372 20.85 -5.17 -28.87
C VAL D 372 19.74 -5.03 -29.90
N GLU D 373 19.28 -6.16 -30.46
CA GLU D 373 18.29 -6.10 -31.53
C GLU D 373 16.84 -5.97 -31.05
N THR D 374 16.56 -6.21 -29.77
CA THR D 374 15.15 -6.24 -29.39
C THR D 374 14.83 -5.51 -28.09
N GLY D 375 15.81 -5.16 -27.30
CA GLY D 375 15.46 -4.60 -25.99
C GLY D 375 15.01 -5.64 -24.98
N VAL D 376 15.03 -6.92 -25.35
CA VAL D 376 14.69 -8.00 -24.44
C VAL D 376 15.95 -8.47 -23.76
N ARG D 377 15.90 -8.58 -22.43
CA ARG D 377 17.01 -9.13 -21.67
C ARG D 377 16.76 -10.59 -21.36
N SER D 378 17.79 -11.41 -21.59
CA SER D 378 17.80 -12.83 -21.37
C SER D 378 19.07 -13.21 -20.62
N ALA D 379 19.16 -14.44 -20.13
CA ALA D 379 20.33 -14.90 -19.38
C ALA D 379 21.16 -15.94 -20.16
N GLU D 380 22.47 -15.78 -20.05
CA GLU D 380 23.43 -16.83 -20.44
C GLU D 380 23.23 -18.06 -19.57
N ARG D 381 23.18 -19.22 -20.21
CA ARG D 381 23.04 -20.47 -19.49
C ARG D 381 23.82 -21.56 -20.26
N GLY D 382 25.13 -21.43 -20.18
CA GLY D 382 26.03 -22.39 -20.81
C GLY D 382 27.38 -22.35 -20.11
N ILE D 383 28.47 -22.32 -20.90
CA ILE D 383 29.81 -22.39 -20.33
C ILE D 383 30.09 -21.30 -19.31
N ILE D 384 29.52 -20.09 -19.46
CA ILE D 384 29.87 -19.05 -18.49
C ILE D 384 29.21 -19.35 -17.15
N SER D 385 27.91 -19.65 -17.16
CA SER D 385 27.19 -19.92 -15.93
C SER D 385 27.68 -21.18 -15.26
N ALA D 386 28.15 -22.16 -16.03
CA ALA D 386 28.63 -23.41 -15.44
C ALA D 386 29.88 -23.22 -14.61
N GLY D 387 30.67 -22.16 -14.87
CA GLY D 387 31.77 -21.79 -14.02
C GLY D 387 33.03 -22.59 -14.32
N ARG D 388 34.02 -22.35 -13.47
CA ARG D 388 35.27 -23.09 -13.52
C ARG D 388 35.24 -24.28 -12.59
N ASN D 389 35.76 -25.40 -13.09
CA ASN D 389 36.03 -26.53 -12.21
C ASN D 389 37.10 -26.11 -11.21
N ASN D 390 36.77 -26.25 -9.92
N ASN D 390 36.78 -26.22 -9.92
CA ASN D 390 37.71 -25.88 -8.87
CA ASN D 390 37.76 -25.84 -8.91
C ASN D 390 38.96 -26.74 -8.90
C ASN D 390 39.01 -26.71 -9.03
N VAL D 391 38.82 -28.01 -9.30
CA VAL D 391 39.94 -28.95 -9.28
C VAL D 391 40.89 -28.73 -10.46
N THR D 392 40.34 -28.51 -11.66
CA THR D 392 41.17 -28.42 -12.87
C THR D 392 41.50 -26.99 -13.28
N GLY D 393 40.79 -26.00 -12.74
CA GLY D 393 40.96 -24.63 -13.19
C GLY D 393 40.48 -24.33 -14.59
N GLU D 394 39.83 -25.27 -15.25
CA GLU D 394 39.32 -25.10 -16.60
C GLU D 394 37.81 -24.89 -16.53
N HIS D 395 37.26 -24.32 -17.60
CA HIS D 395 35.80 -24.24 -17.71
C HIS D 395 35.21 -25.62 -17.50
N HIS D 396 34.15 -25.70 -16.68
CA HIS D 396 33.12 -26.70 -16.91
C HIS D 396 32.58 -26.51 -18.32
N ARG D 397 32.30 -27.59 -19.01
CA ARG D 397 31.89 -27.52 -20.41
C ARG D 397 30.57 -28.27 -20.53
N PRO D 398 29.48 -27.63 -20.14
CA PRO D 398 28.19 -28.32 -20.23
C PRO D 398 27.85 -28.60 -21.69
N LYS D 399 27.20 -29.73 -21.90
CA LYS D 399 26.70 -30.01 -23.25
C LYS D 399 25.64 -28.97 -23.65
N LEU D 400 24.81 -28.56 -22.68
CA LEU D 400 23.80 -27.54 -22.92
C LEU D 400 24.43 -26.15 -22.87
N GLU D 401 24.43 -25.49 -24.01
CA GLU D 401 24.91 -24.13 -24.19
C GLU D 401 23.66 -23.38 -24.63
N THR D 402 23.02 -22.70 -23.69
CA THR D 402 21.69 -22.16 -23.95
C THR D 402 21.59 -20.70 -23.54
N VAL D 403 20.55 -20.03 -24.04
CA VAL D 403 20.16 -18.70 -23.54
C VAL D 403 18.75 -18.83 -22.98
N ARG D 404 18.57 -18.32 -21.76
CA ARG D 404 17.35 -18.52 -21.00
C ARG D 404 16.45 -17.28 -21.13
N LEU D 405 15.28 -17.49 -21.66
CA LEU D 405 14.22 -16.48 -21.78
C LEU D 405 13.29 -16.78 -20.62
N THR D 406 13.52 -16.10 -19.51
CA THR D 406 12.95 -16.50 -18.22
C THR D 406 11.74 -15.62 -17.94
N ILE D 407 10.61 -16.25 -17.59
CA ILE D 407 9.31 -15.60 -17.62
C ILE D 407 8.88 -15.36 -16.17
N PRO D 408 8.86 -14.12 -15.70
CA PRO D 408 8.29 -13.82 -14.35
C PRO D 408 6.83 -14.21 -14.30
N ARG D 409 6.32 -14.53 -13.11
CA ARG D 409 4.97 -15.06 -13.04
C ARG D 409 3.98 -13.89 -12.93
N ARG D 410 2.94 -13.93 -13.76
CA ARG D 410 1.83 -12.98 -13.74
C ARG D 410 2.26 -11.58 -14.14
N VAL D 411 3.29 -11.43 -14.97
CA VAL D 411 3.82 -10.12 -15.34
C VAL D 411 3.50 -9.73 -16.76
N TYR D 412 3.64 -10.66 -17.71
CA TYR D 412 3.57 -10.39 -19.13
C TYR D 412 2.37 -11.12 -19.72
N THR D 413 2.04 -10.71 -20.94
CA THR D 413 0.94 -11.22 -21.70
C THR D 413 1.42 -12.03 -22.88
N TYR D 414 0.47 -12.62 -23.57
CA TYR D 414 0.84 -13.32 -24.83
C TYR D 414 1.35 -12.33 -25.87
N ALA D 415 0.87 -11.08 -25.84
CA ALA D 415 1.35 -10.11 -26.82
C ALA D 415 2.82 -9.76 -26.55
N HIS D 416 3.21 -9.66 -25.27
CA HIS D 416 4.63 -9.55 -24.97
C HIS D 416 5.41 -10.75 -25.48
N MET D 417 4.89 -11.95 -25.29
CA MET D 417 5.61 -13.12 -25.83
C MET D 417 5.81 -12.97 -27.33
N ASP D 418 4.81 -12.43 -28.03
CA ASP D 418 4.94 -12.32 -29.49
C ASP D 418 6.09 -11.37 -29.84
N VAL D 419 6.18 -10.25 -29.12
CA VAL D 419 7.32 -9.36 -29.31
C VAL D 419 8.63 -10.11 -29.15
N VAL D 420 8.76 -10.88 -28.06
CA VAL D 420 9.98 -11.62 -27.78
C VAL D 420 10.26 -12.59 -28.91
N ALA D 421 9.25 -13.36 -29.29
CA ALA D 421 9.46 -14.34 -30.39
C ALA D 421 9.82 -13.66 -31.70
N ASP D 422 9.16 -12.55 -32.06
CA ASP D 422 9.40 -11.94 -33.37
C ASP D 422 10.85 -11.47 -33.49
N GLY D 423 11.34 -10.79 -32.45
CA GLY D 423 12.65 -10.22 -32.53
C GLY D 423 13.72 -11.29 -32.54
N ILE D 424 13.46 -12.41 -31.89
CA ILE D 424 14.46 -13.48 -31.91
C ILE D 424 14.42 -14.22 -33.23
N ILE D 425 13.23 -14.33 -33.82
CA ILE D 425 13.16 -14.93 -35.15
C ILE D 425 13.89 -14.07 -36.16
N LYS D 426 13.83 -12.74 -36.00
CA LYS D 426 14.52 -11.88 -36.96
C LYS D 426 16.03 -11.92 -36.75
N LEU D 427 16.49 -12.01 -35.51
CA LEU D 427 17.92 -12.18 -35.28
C LEU D 427 18.41 -13.50 -35.88
N TYR D 428 17.57 -14.55 -35.82
CA TYR D 428 17.97 -15.86 -36.30
C TYR D 428 18.35 -15.81 -37.77
N GLN D 429 17.70 -14.91 -38.54
CA GLN D 429 17.99 -14.77 -39.97
C GLN D 429 19.40 -14.28 -40.24
N HIS D 430 20.05 -13.58 -39.31
CA HIS D 430 21.44 -13.19 -39.49
C HIS D 430 22.32 -13.68 -38.34
N LYS D 431 22.03 -14.89 -37.87
CA LYS D 431 22.73 -15.47 -36.72
C LYS D 431 24.23 -15.56 -36.92
N GLU D 432 24.72 -15.60 -38.18
CA GLU D 432 26.15 -15.66 -38.42
C GLU D 432 26.87 -14.37 -38.05
N ASP D 433 26.15 -13.28 -37.84
CA ASP D 433 26.73 -12.00 -37.43
C ASP D 433 27.05 -11.93 -35.94
N ILE D 434 26.67 -12.95 -35.17
CA ILE D 434 26.95 -12.96 -33.73
C ILE D 434 28.42 -13.33 -33.52
N ARG D 435 29.15 -12.43 -32.85
CA ARG D 435 30.59 -12.53 -32.64
C ARG D 435 30.95 -13.27 -31.36
N GLY D 436 32.06 -14.00 -31.40
CA GLY D 436 32.58 -14.62 -30.19
C GLY D 436 33.09 -13.62 -29.18
N LEU D 437 33.08 -14.05 -27.91
CA LEU D 437 33.52 -13.25 -26.77
C LEU D 437 34.73 -13.89 -26.08
N LYS D 438 35.50 -13.06 -25.35
CA LYS D 438 36.54 -13.47 -24.41
C LYS D 438 36.36 -12.70 -23.10
N PHE D 439 36.86 -13.26 -22.00
CA PHE D 439 36.80 -12.56 -20.72
C PHE D 439 37.76 -11.37 -20.71
N ILE D 440 37.30 -10.24 -20.15
CA ILE D 440 38.21 -9.20 -19.69
C ILE D 440 38.20 -9.10 -18.17
N TYR D 441 37.13 -9.58 -17.51
CA TYR D 441 37.07 -9.66 -16.07
C TYR D 441 36.26 -10.88 -15.66
N GLU D 442 36.88 -11.73 -14.84
CA GLU D 442 36.24 -12.97 -14.37
C GLU D 442 36.28 -13.05 -12.85
N PRO D 443 35.14 -12.94 -12.16
CA PRO D 443 35.10 -13.21 -10.72
C PRO D 443 35.54 -14.62 -10.40
N LYS D 444 35.88 -14.86 -9.14
CA LYS D 444 36.42 -16.15 -8.72
C LYS D 444 35.35 -17.23 -8.52
N GLN D 445 34.05 -16.87 -8.44
CA GLN D 445 32.96 -17.82 -8.36
C GLN D 445 31.71 -17.14 -8.90
N LEU D 446 30.71 -17.94 -9.26
CA LEU D 446 29.46 -17.42 -9.80
C LEU D 446 29.73 -16.29 -10.80
N ARG D 447 30.71 -16.56 -11.73
CA ARG D 447 31.30 -15.50 -12.54
C ARG D 447 30.28 -14.84 -13.46
N PHE D 448 29.23 -15.56 -13.81
CA PHE D 448 28.29 -15.11 -14.81
C PHE D 448 27.49 -13.89 -14.37
N PHE D 449 27.33 -13.68 -13.04
CA PHE D 449 26.58 -12.53 -12.58
C PHE D 449 27.24 -11.20 -12.93
N THR D 450 28.59 -11.12 -12.93
CA THR D 450 29.24 -9.83 -13.08
C THR D 450 30.49 -9.84 -13.96
N ALA D 451 30.76 -10.93 -14.68
CA ALA D 451 31.93 -10.96 -15.55
C ALA D 451 31.75 -9.93 -16.66
N ARG D 452 32.88 -9.44 -17.22
CA ARG D 452 32.87 -8.58 -18.38
C ARG D 452 33.68 -9.25 -19.50
N PHE D 453 33.26 -8.98 -20.73
CA PHE D 453 33.79 -9.60 -21.92
C PHE D 453 34.11 -8.52 -22.94
N ASP D 454 34.81 -8.95 -23.99
CA ASP D 454 35.00 -8.14 -25.18
C ASP D 454 34.90 -9.09 -26.37
N TYR D 455 34.58 -8.55 -27.54
CA TYR D 455 34.53 -9.37 -28.74
C TYR D 455 35.93 -9.84 -29.15
N ILE D 456 35.99 -11.08 -29.63
CA ILE D 456 37.24 -11.64 -30.17
C ILE D 456 37.61 -10.94 -31.45
K K E . -10.30 13.48 3.85
K K F . -15.01 2.03 -8.63
N1 OY3 G . -19.31 18.19 10.01
N1 OY3 G . -19.24 18.14 9.99
C4 OY3 G . -18.02 20.30 7.76
C4 OY3 G . -17.71 20.44 7.94
C5 OY3 G . -19.21 20.55 7.09
C5 OY3 G . -16.81 21.43 8.31
C6 OY3 G . -19.51 21.82 6.62
C6 OY3 G . -17.01 22.74 7.92
C7 OY3 G . -18.63 22.86 6.83
C7 OY3 G . -18.10 23.11 7.14
C8 OY3 G . -17.46 22.60 7.51
C8 OY3 G . -19.00 22.13 6.79
C10 OY3 G . -20.08 17.41 9.22
C10 OY3 G . -20.03 17.37 9.19
C13 OY3 G . -23.01 16.53 11.40
C13 OY3 G . -22.98 16.56 11.43
C15 OY3 G . -23.57 16.10 9.13
C15 OY3 G . -23.55 16.10 9.16
C17 OY3 G . -22.03 16.49 7.26
C17 OY3 G . -22.05 16.44 7.27
C1 OY3 G . -17.35 19.21 10.77
C1 OY3 G . -17.37 19.22 10.90
C11 OY3 G . -21.42 16.94 9.68
C11 OY3 G . -21.39 16.92 9.68
C12 OY3 G . -21.78 16.95 11.04
C12 OY3 G . -21.75 16.95 11.04
C14 OY3 G . -23.48 16.51 12.83
C14 OY3 G . -23.48 16.58 12.84
C16 OY3 G . -22.36 16.51 8.72
C16 OY3 G . -22.35 16.49 8.73
C2 OY3 G . -18.09 18.76 9.74
C2 OY3 G . -18.02 18.76 9.79
C3 OY3 G . -17.69 18.92 8.29
C3 OY3 G . -17.53 19.00 8.38
C9 OY3 G . -17.17 21.34 7.97
C9 OY3 G . -18.82 20.81 7.19
N2 OY3 G . -23.89 16.12 10.45
N2 OY3 G . -23.88 16.15 10.47
O1 OY3 G . -16.26 19.74 10.56
O1 OY3 G . -17.93 19.19 12.00
O2 OY3 G . -20.97 17.33 11.89
O2 OY3 G . -20.90 17.33 11.88
O3 OY3 G . -21.26 15.29 6.95
O3 OY3 G . -21.27 15.26 6.97
O4 OY3 G . -21.20 15.56 4.48
O4 OY3 G . -21.19 15.66 4.53
O5 OY3 G . -19.28 16.35 5.93
O5 OY3 G . -19.24 16.35 6.03
O6 OY3 G . -19.71 13.88 5.64
O6 OY3 G . -19.75 13.89 5.63
O7 OY3 G . -17.79 19.14 11.93
O7 OY3 G . -16.24 19.69 10.79
P1 OY3 G . -20.31 15.28 5.67
P1 OY3 G . -20.30 15.31 5.70
BR1 OY3 G . -16.24 24.02 7.81
BR1 OY3 G . -20.51 22.59 5.71
H3 OY3 G . -19.82 19.84 6.95
H3 OY3 G . -16.06 21.20 8.84
H4 OY3 G . -20.31 21.96 6.16
H4 OY3 G . -16.40 23.41 8.19
H5 OY3 G . -18.83 23.72 6.52
H5 OY3 G . -18.21 23.99 6.86
H7 OY3 G . -19.77 17.15 8.37
H7 OY3 G . -19.73 17.11 8.34
H11 OY3 G . -24.20 15.80 8.50
H11 OY3 G . -24.19 15.79 8.53
H13 OY3 G . -22.86 16.49 6.73
H13 OY3 G . -22.88 16.42 6.75
H12 OY3 G . -21.50 17.28 7.02
H12 OY3 G . -21.54 17.24 7.00
H8 OY3 G . -24.43 16.35 12.85
H8 OY3 G . -23.01 15.89 13.35
H9 OY3 G . -23.30 17.37 13.24
H9 OY3 G . -24.43 16.41 12.85
H10 OY3 G . -23.02 15.82 13.31
H10 OY3 G . -23.29 17.44 13.23
H1 OY3 G . -18.16 18.25 7.75
H1 OY3 G . -18.01 18.42 7.77
H2 OY3 G . -16.74 18.76 8.19
H2 OY3 G . -16.58 18.77 8.32
H6 OY3 G . -16.36 21.19 8.44
H6 OY3 G . -19.45 20.17 6.94
H15 OY3 G . -24.70 15.86 10.69
H15 OY3 G . -24.68 15.92 10.72
H14 OY3 G . -19.63 18.36 10.80
H14 OY3 G . -19.56 18.26 10.78
S DMS H . -30.95 9.06 -14.47
O DMS H . -29.92 9.91 -13.76
C1 DMS H . -32.65 9.45 -13.91
C2 DMS H . -30.95 7.31 -13.97
H11 DMS H . -32.96 10.36 -14.36
H12 DMS H . -32.66 9.54 -12.85
H13 DMS H . -33.31 8.66 -14.20
H21 DMS H . -31.53 6.74 -14.65
H22 DMS H . -31.36 7.21 -13.01
H23 DMS H . -29.95 6.93 -13.98
CL CL I . -24.78 23.85 3.00
N1 OY3 J . -21.07 6.68 -17.79
N1 OY3 J . -20.88 6.82 -17.64
C4 OY3 J . -22.87 4.63 -15.61
C4 OY3 J . -23.20 5.09 -15.58
C5 OY3 J . -23.12 3.27 -15.65
C5 OY3 J . -24.19 6.03 -15.35
C6 OY3 J . -24.39 2.77 -15.41
C6 OY3 J . -25.52 5.67 -15.26
C7 OY3 J . -25.44 3.63 -15.15
C7 OY3 J . -25.91 4.36 -15.40
C8 OY3 J . -25.20 4.98 -15.12
C8 OY3 J . -24.95 3.41 -15.63
C10 OY3 J . -20.84 7.85 -17.12
C10 OY3 J . -20.38 8.00 -17.10
C13 OY3 J . -20.58 10.41 -19.87
C13 OY3 J . -20.62 10.49 -19.93
C15 OY3 J . -21.01 11.52 -17.82
C15 OY3 J . -21.29 11.53 -17.89
C17 OY3 J . -21.28 10.36 -15.66
C17 OY3 J . -21.32 10.39 -15.71
C1 OY3 J . -21.01 4.39 -18.22
C1 OY3 J . -21.05 4.47 -17.86
C11 OY3 J . -20.80 9.16 -17.85
C11 OY3 J . -20.57 9.26 -17.87
C12 OY3 J . -20.58 9.22 -19.23
C12 OY3 J . -20.37 9.34 -19.26
C14 OY3 J . -20.34 10.54 -21.34
C14 OY3 J . -20.43 10.67 -21.39
C16 OY3 J . -21.03 10.36 -17.14
C16 OY3 J . -21.07 10.40 -17.19
C2 OY3 J . -21.16 5.40 -17.33
C2 OY3 J . -21.19 5.57 -17.08
C3 OY3 J . -21.48 5.19 -15.86
C3 OY3 J . -21.74 5.51 -15.67
C9 OY3 J . -23.93 5.49 -15.35
C9 OY3 J . -23.60 3.76 -15.73
N2 OY3 J . -20.79 11.55 -19.16
N2 OY3 J . -21.08 11.58 -19.22
O1 OY3 J . -21.07 3.22 -17.83
O1 OY3 J . -21.09 3.35 -17.32
O2 OY3 J . -20.39 8.17 -19.86
O2 OY3 J . -19.96 8.33 -19.87
O3 OY3 J . -20.02 10.25 -14.92
O3 OY3 J . -20.05 10.38 -14.99
O4 OY3 J . -20.57 8.16 -13.66
O4 OY3 J . -20.45 8.27 -13.72
O5 OY3 J . -18.57 9.60 -13.01
O5 OY3 J . -18.52 9.85 -13.09
O6 OY3 J . -20.93 10.43 -12.60
O6 OY3 J . -20.94 10.52 -12.70
O7 OY3 J . -20.80 4.63 -19.41
O7 OY3 J . -20.87 4.57 -19.09
P1 OY3 J . -20.01 9.56 -13.48
P1 OY3 J . -19.96 9.70 -13.56
BR1 OY3 J . -26.64 6.17 -14.75
BR1 OY3 J . -25.50 1.59 -15.81
H3 OY3 J . -22.41 2.67 -15.83
H3 OY3 J . -23.95 6.94 -15.26
H4 OY3 J . -24.53 1.84 -15.45
H4 OY3 J . -26.17 6.33 -15.11
H5 OY3 J . -26.31 3.29 -14.99
H5 OY3 J . -26.82 4.12 -15.34
H7 OY3 J . -20.70 7.84 -16.18
H7 OY3 J . -19.93 8.00 -16.27
H11 OY3 J . -21.15 12.33 -17.36
H11 OY3 J . -21.59 12.31 -17.44
H13 OY3 J . -21.72 11.20 -15.40
H13 OY3 J . -21.83 11.19 -15.45
H12 OY3 J . -21.86 9.61 -15.42
H12 OY3 J . -21.83 9.59 -15.46
H8 OY3 J . -19.57 10.00 -21.60
H8 OY3 J . -20.64 11.59 -21.65
H9 OY3 J . -20.18 11.46 -21.56
H9 OY3 J . -21.00 10.06 -21.88
H10 OY3 J . -21.12 10.22 -21.83
H10 OY3 J . -19.50 10.48 -21.62
H1 OY3 J . -21.40 6.04 -15.40
H1 OY3 J . -21.65 6.40 -15.27
H2 OY3 J . -20.83 4.58 -15.48
H2 OY3 J . -21.21 4.89 -15.15
H6 OY3 J . -23.79 6.41 -15.31
H6 OY3 J . -22.95 3.10 -15.89
H15 OY3 J . -20.79 12.32 -19.57
H15 OY3 J . -21.24 12.33 -19.66
H14 OY3 J . -21.17 6.77 -18.66
H14 OY3 J . -21.03 6.85 -18.49
N1 PLP K . -21.20 11.41 -19.40
C2 PLP K . -20.94 10.21 -19.94
C2A PLP K . -21.14 9.99 -21.47
C3 PLP K . -20.48 9.15 -19.12
O3 PLP K . -20.22 7.89 -19.69
C4 PLP K . -20.31 9.31 -17.77
C4A PLP K . -19.79 8.04 -16.94
C5 PLP K . -20.56 10.54 -17.19
C6 PLP K . -21.01 11.60 -18.02
C5A PLP K . -20.40 10.86 -15.67
O4P PLP K . -19.57 9.95 -15.01
P PLP K . -19.98 9.35 -13.64
O1P PLP K . -18.71 9.05 -12.84
O2P PLP K . -20.74 8.09 -13.84
O3P PLP K . -20.84 10.32 -12.90
H2A1 PLP K . -20.28 9.83 -21.89
H2A2 PLP K . -21.55 10.77 -21.86
H2A3 PLP K . -21.71 9.22 -21.61
HO3 PLP K . -20.91 7.39 -19.60
H4A PLP K . -20.26 7.99 -16.09
H6 PLP K . -21.18 12.43 -17.64
H5A1 PLP K . -21.28 10.85 -15.26
H5A2 PLP K . -20.02 11.75 -15.58
S DMS L . -0.46 1.90 5.61
O DMS L . -0.46 1.48 7.07
C1 DMS L . 1.28 2.02 5.23
C2 DMS L . -0.74 3.67 5.47
H11 DMS L . 1.74 2.70 5.90
H12 DMS L . 1.72 1.07 5.33
H13 DMS L . 1.40 2.36 4.24
H21 DMS L . -1.53 3.96 6.12
H22 DMS L . 0.14 4.20 5.72
H23 DMS L . -1.02 3.91 4.46
K K M . 11.17 -6.27 10.99
K K N . 13.00 -8.58 -6.46
S DMS O . 54.43 2.76 10.46
O DMS O . 55.67 2.01 10.89
C1 DMS O . 54.59 3.10 8.67
C2 DMS O . 54.41 4.39 11.26
H11 DMS O . 53.70 3.55 8.32
H12 DMS O . 55.41 3.75 8.51
H13 DMS O . 54.76 2.18 8.15
H21 DMS O . 53.43 4.81 11.20
H22 DMS O . 54.69 4.29 12.28
H23 DMS O . 55.09 5.04 10.76
N1 PLP P . 26.08 -3.55 14.95
C2 PLP P . 25.28 -2.87 15.80
C2A PLP P . 25.85 -1.79 16.71
C3 PLP P . 23.89 -3.12 15.87
O3 PLP P . 23.11 -2.38 16.82
C4 PLP P . 23.28 -4.10 15.11
C4A PLP P . 21.69 -4.33 15.19
C5 PLP P . 24.08 -4.81 14.22
C6 PLP P . 25.44 -4.54 14.17
C5A PLP P . 23.52 -5.97 13.33
O4P PLP P . 22.64 -5.60 12.35
P PLP P . 21.54 -6.62 11.98
O1P PLP P . 22.12 -7.83 11.41
O2P PLP P . 20.74 -6.99 13.20
O3P PLP P . 20.76 -5.85 10.92
H2A1 PLP P . 25.40 -0.94 16.55
H2A2 PLP P . 26.81 -1.69 16.54
H2A3 PLP P . 25.73 -2.04 17.64
HO3 PLP P . 22.79 -1.69 16.43
H4A PLP P . 21.37 -4.64 14.33
H6 PLP P . 25.95 -5.03 13.58
H5A1 PLP P . 23.08 -6.61 13.92
H5A2 PLP P . 24.28 -6.40 12.91
CL CL Q . 20.12 -7.81 20.16
S DMS R . -0.47 -1.63 -5.63
O DMS R . 0.33 -1.48 -6.90
C1 DMS R . -0.07 -3.31 -5.22
C2 DMS R . -2.14 -2.23 -5.95
H11 DMS R . -0.22 -3.92 -6.07
H12 DMS R . -0.70 -3.64 -4.44
H13 DMS R . 0.94 -3.37 -4.92
H21 DMS R . -2.77 -1.96 -5.15
H22 DMS R . -2.13 -3.29 -6.05
H23 DMS R . -2.50 -1.80 -6.85
N1 PLP S . 17.94 -23.33 -6.80
C2 PLP S . 17.26 -23.12 -7.92
C2A PLP S . 16.81 -24.33 -8.80
C3 PLP S . 16.94 -21.79 -8.28
O3 PLP S . 16.28 -21.57 -9.48
C4 PLP S . 17.35 -20.71 -7.48
C4A PLP S . 16.94 -19.25 -7.99
C5 PLP S . 18.09 -20.93 -6.37
C6 PLP S . 18.37 -22.23 -6.02
C5A PLP S . 18.65 -19.78 -5.43
O4P PLP S . 17.60 -18.98 -4.96
P PLP S . 17.91 -17.49 -4.68
O1P PLP S . 19.09 -17.43 -3.78
O2P PLP S . 16.68 -17.04 -4.03
O3P PLP S . 18.26 -16.78 -5.99
H2A1 PLP S . 15.90 -24.56 -8.60
H2A2 PLP S . 17.38 -25.09 -8.62
H2A3 PLP S . 16.88 -24.09 -9.74
HO3 PLP S . 15.45 -21.71 -9.32
H4A PLP S . 16.94 -18.60 -7.26
H6 PLP S . 18.85 -22.39 -5.25
H5A1 PLP S . 19.27 -19.23 -5.94
H5A2 PLP S . 19.11 -20.18 -4.68
CL CL T . 20.52 -17.02 -12.69
#